data_6GKZ
#
_entry.id   6GKZ
#
_cell.length_a   141.750
_cell.length_b   203.430
_cell.length_c   54.540
_cell.angle_alpha   90.000
_cell.angle_beta   90.000
_cell.angle_gamma   90.000
#
_symmetry.space_group_name_H-M   'P 21 21 21'
#
loop_
_entity.id
_entity.type
_entity.pdbx_description
1 polymer 'Coclaurine N-methyltransferase'
2 non-polymer S-ADENOSYL-L-HOMOCYSTEINE
3 water water
#
_entity_poly.entity_id   1
_entity_poly.type   'polypeptide(L)'
_entity_poly.pdbx_seq_one_letter_code
;QTKKAAIVELLKQLELGLVPYDDIKQLIRRELARRLQWGYKPTYEEQIAEIQNLTHSLRQ(MSE)KIATEVETLDSQLYE
IPIEFLKI(MSE)NGSNLKGSCCYFKEDSTTLDEAEIA(MSE)LDLYCERAQIQDGQSVLDLGCGQGALTLHVAQKYKNC
RVTAVTNSVSQKEYIEEESRRRNLLNVEVKLADITTHE(MSE)AETYDRILVIELFEH(MSE)KNYELLLRKISEWISKD
GLLFLEHICHKTFAYHYEPLDDDDWFTEYVFPAGT(MSE)IIPSASFFLYFQDDVSVVNHWTLSGKHFSRTNEEWLKRLD
ANLDVIKP(MSE)FETL(MSE)GNEEEAVKLINYWRGFCLSG(MSE)E(MSE)FGYNNGEEW(MSE)ASHVLFKK
;
_entity_poly.pdbx_strand_id   A,B,C,D
#
# COMPACT_ATOMS: atom_id res chain seq x y z
N GLN A 1 27.82 -11.47 -25.04
CA GLN A 1 27.39 -12.28 -23.90
C GLN A 1 28.45 -12.31 -22.78
N THR A 2 29.22 -11.23 -22.68
CA THR A 2 30.18 -11.05 -21.60
C THR A 2 29.48 -10.89 -20.26
N LYS A 3 28.46 -10.03 -20.23
CA LYS A 3 27.68 -9.76 -19.03
C LYS A 3 27.23 -11.06 -18.37
N LYS A 4 26.80 -12.00 -19.20
CA LYS A 4 26.17 -13.22 -18.74
C LYS A 4 27.17 -14.15 -18.08
N ALA A 5 28.36 -14.28 -18.69
CA ALA A 5 29.41 -15.10 -18.10
C ALA A 5 29.87 -14.52 -16.77
N ALA A 6 29.87 -13.18 -16.70
CA ALA A 6 30.27 -12.50 -15.48
C ALA A 6 29.32 -12.89 -14.36
N ILE A 7 28.04 -13.03 -14.73
CA ILE A 7 27.00 -13.38 -13.77
C ILE A 7 27.12 -14.82 -13.29
N VAL A 8 27.44 -15.75 -14.20
CA VAL A 8 27.60 -17.15 -13.79
C VAL A 8 28.82 -17.32 -12.88
N GLU A 9 29.84 -16.48 -13.06
CA GLU A 9 31.00 -16.54 -12.20
C GLU A 9 30.72 -15.92 -10.83
N LEU A 10 30.00 -14.79 -10.82
CA LEU A 10 29.62 -14.16 -9.55
C LEU A 10 28.82 -15.13 -8.69
N LEU A 11 27.84 -15.79 -9.29
CA LEU A 11 27.06 -16.81 -8.61
C LEU A 11 27.94 -18.00 -8.14
N LYS A 12 28.85 -18.45 -9.00
CA LYS A 12 29.87 -19.44 -8.64
C LYS A 12 30.61 -19.05 -7.35
N GLN A 13 31.18 -17.85 -7.33
CA GLN A 13 31.88 -17.32 -6.16
C GLN A 13 30.98 -17.12 -4.91
N LEU A 14 29.79 -16.57 -5.08
CA LEU A 14 28.83 -16.41 -3.98
C LEU A 14 28.42 -17.75 -3.38
N GLU A 15 28.34 -18.75 -4.25
CA GLU A 15 27.94 -20.11 -3.88
C GLU A 15 29.01 -20.78 -3.01
N LEU A 16 30.27 -20.44 -3.26
CA LEU A 16 31.39 -20.94 -2.49
C LEU A 16 31.78 -20.00 -1.36
N GLY A 17 31.03 -18.92 -1.19
CA GLY A 17 31.28 -17.98 -0.11
C GLY A 17 32.55 -17.16 -0.27
N LEU A 18 32.92 -16.85 -1.50
CA LEU A 18 34.17 -16.17 -1.77
C LEU A 18 34.05 -14.64 -1.76
N VAL A 19 32.82 -14.13 -1.77
CA VAL A 19 32.61 -12.69 -1.84
C VAL A 19 32.29 -12.10 -0.46
N PRO A 20 33.05 -11.09 -0.04
CA PRO A 20 32.83 -10.36 1.22
C PRO A 20 31.44 -9.80 1.33
N TYR A 21 30.87 -9.82 2.55
CA TYR A 21 29.51 -9.34 2.77
C TYR A 21 29.28 -7.94 2.23
N ASP A 22 30.21 -7.02 2.47
CA ASP A 22 30.00 -5.64 2.06
C ASP A 22 29.89 -5.51 0.55
N ASP A 23 30.61 -6.38 -0.16
CA ASP A 23 30.53 -6.40 -1.63
C ASP A 23 29.21 -7.02 -2.09
N ILE A 24 28.77 -8.06 -1.41
CA ILE A 24 27.48 -8.66 -1.72
C ILE A 24 26.41 -7.58 -1.55
N LYS A 25 26.42 -6.91 -0.41
CA LYS A 25 25.46 -5.83 -0.09
C LYS A 25 25.43 -4.74 -1.15
N GLN A 26 26.60 -4.20 -1.48
CA GLN A 26 26.72 -3.23 -2.57
C GLN A 26 26.06 -3.75 -3.84
N LEU A 27 26.35 -5.00 -4.22
CA LEU A 27 25.80 -5.60 -5.45
C LEU A 27 24.27 -5.77 -5.41
N ILE A 28 23.77 -6.11 -4.23
CA ILE A 28 22.33 -6.22 -4.02
C ILE A 28 21.67 -4.84 -4.15
N ARG A 29 22.30 -3.82 -3.58
CA ARG A 29 21.77 -2.47 -3.66
C ARG A 29 21.63 -1.99 -5.10
N ARG A 30 22.57 -2.37 -5.96
CA ARG A 30 22.47 -2.01 -7.38
C ARG A 30 21.25 -2.65 -8.08
N GLU A 31 20.91 -3.86 -7.68
CA GLU A 31 19.72 -4.52 -8.22
C GLU A 31 18.45 -3.90 -7.65
N LEU A 32 18.45 -3.63 -6.35
CA LEU A 32 17.33 -2.96 -5.72
C LEU A 32 17.07 -1.62 -6.38
N ALA A 33 18.14 -0.87 -6.68
CA ALA A 33 18.01 0.45 -7.28
C ALA A 33 17.36 0.35 -8.65
N ARG A 34 17.77 -0.64 -9.42
CA ARG A 34 17.15 -0.85 -10.73
C ARG A 34 15.69 -1.27 -10.58
N ARG A 35 15.35 -1.99 -9.52
CA ARG A 35 13.96 -2.36 -9.28
C ARG A 35 13.11 -1.12 -9.08
N LEU A 36 13.60 -0.23 -8.24
CA LEU A 36 12.90 1.02 -7.96
C LEU A 36 12.74 1.88 -9.21
N GLN A 37 13.77 1.95 -10.06
CA GLN A 37 13.68 2.73 -11.29
C GLN A 37 12.63 2.11 -12.23
N TRP A 38 12.53 0.80 -12.18
CA TRP A 38 11.58 0.06 -13.02
C TRP A 38 10.15 0.22 -12.49
N GLY A 39 9.99 0.15 -11.17
CA GLY A 39 8.66 0.21 -10.57
C GLY A 39 8.00 1.57 -10.47
N TYR A 40 8.78 2.63 -10.26
CA TYR A 40 8.20 3.96 -10.15
C TYR A 40 7.90 4.53 -11.54
N LYS A 41 6.78 5.24 -11.64
CA LYS A 41 6.30 5.76 -12.91
C LYS A 41 6.33 7.29 -12.95
N PRO A 42 6.51 7.88 -14.14
CA PRO A 42 6.60 9.35 -14.23
C PRO A 42 5.29 10.06 -13.84
N THR A 43 4.14 9.43 -14.09
CA THR A 43 2.85 9.98 -13.67
C THR A 43 2.06 9.03 -12.79
N TYR A 44 1.34 9.58 -11.81
CA TYR A 44 0.54 8.79 -10.91
C TYR A 44 -0.55 8.00 -11.67
N GLU A 45 -1.07 8.59 -12.73
CA GLU A 45 -2.02 7.87 -13.56
C GLU A 45 -1.46 6.55 -14.10
N GLU A 46 -0.20 6.57 -14.54
CA GLU A 46 0.47 5.35 -14.98
C GLU A 46 0.74 4.39 -13.80
N GLN A 47 1.11 4.97 -12.65
CA GLN A 47 1.34 4.22 -11.40
C GLN A 47 0.08 3.43 -10.97
N ILE A 48 -1.03 4.14 -10.83
CA ILE A 48 -2.33 3.53 -10.57
C ILE A 48 -2.65 2.47 -11.62
N ALA A 49 -2.37 2.79 -12.88
CA ALA A 49 -2.76 1.91 -13.99
C ALA A 49 -1.95 0.62 -13.95
N GLU A 50 -0.75 0.70 -13.42
CA GLU A 50 0.12 -0.45 -13.34
C GLU A 50 -0.41 -1.44 -12.30
N ILE A 51 -0.98 -0.93 -11.22
CA ILE A 51 -1.63 -1.77 -10.21
C ILE A 51 -2.78 -2.56 -10.84
N GLN A 52 -3.65 -1.84 -11.56
CA GLN A 52 -4.85 -2.42 -12.16
C GLN A 52 -4.53 -3.53 -13.13
N ASN A 53 -3.49 -3.33 -13.93
CA ASN A 53 -3.06 -4.37 -14.86
C ASN A 53 -2.81 -5.67 -14.11
N LEU A 54 -2.13 -5.55 -12.97
CA LEU A 54 -1.77 -6.70 -12.17
C LEU A 54 -2.99 -7.34 -11.51
N THR A 55 -3.80 -6.53 -10.83
CA THR A 55 -4.95 -7.10 -10.15
C THR A 55 -5.93 -7.72 -11.14
N HIS A 56 -6.14 -7.07 -12.29
CA HIS A 56 -7.02 -7.64 -13.32
C HIS A 56 -6.42 -8.92 -13.91
N SER A 57 -5.11 -8.92 -14.07
CA SER A 57 -4.41 -10.09 -14.61
C SER A 57 -4.42 -11.31 -13.65
N LEU A 58 -4.37 -11.03 -12.35
CA LEU A 58 -4.39 -12.10 -11.35
C LEU A 58 -5.75 -12.80 -11.30
N ARG A 59 -6.82 -12.03 -11.55
CA ARG A 59 -8.17 -12.56 -11.55
C ARG A 59 -8.41 -13.56 -12.67
N GLN A 60 -7.51 -13.58 -13.64
CA GLN A 60 -7.54 -14.52 -14.73
C GLN A 60 -6.78 -15.83 -14.46
N LYS A 62 -5.30 -19.17 -11.87
CA LYS A 62 -5.66 -20.09 -10.80
C LYS A 62 -5.31 -19.50 -9.45
N ILE A 63 -5.86 -20.10 -8.41
CA ILE A 63 -5.64 -19.66 -7.04
C ILE A 63 -4.14 -19.74 -6.70
N ALA A 64 -3.47 -20.76 -7.22
CA ALA A 64 -2.02 -20.86 -7.09
C ALA A 64 -1.42 -21.46 -8.33
N THR A 65 -0.13 -21.21 -8.54
CA THR A 65 0.64 -21.98 -9.52
C THR A 65 1.48 -23.00 -8.76
N ILE A 77 12.62 -28.81 5.63
CA ILE A 77 13.81 -28.19 6.23
C ILE A 77 13.98 -28.59 7.69
N PRO A 78 15.14 -29.21 8.02
CA PRO A 78 15.35 -29.81 9.35
C PRO A 78 15.09 -28.84 10.51
N ILE A 79 14.33 -29.30 11.50
CA ILE A 79 13.85 -28.44 12.57
C ILE A 79 15.00 -28.00 13.47
N GLU A 80 15.99 -28.87 13.62
CA GLU A 80 17.14 -28.57 14.44
C GLU A 80 17.95 -27.40 13.85
N PHE A 81 17.81 -27.19 12.54
CA PHE A 81 18.35 -26.02 11.88
C PHE A 81 17.55 -24.78 12.23
N LEU A 82 16.23 -24.91 12.17
CA LEU A 82 15.32 -23.81 12.48
C LEU A 82 15.46 -23.35 13.93
N LYS A 83 15.76 -24.26 14.83
CA LYS A 83 15.88 -23.92 16.24
C LYS A 83 17.17 -23.12 16.51
N ILE A 84 18.16 -23.31 15.64
CA ILE A 84 19.41 -22.57 15.73
C ILE A 84 19.28 -21.14 15.20
N ASN A 86 16.21 -19.47 14.10
CA ASN A 86 15.07 -18.69 14.55
C ASN A 86 15.17 -18.47 16.05
N GLY A 87 14.28 -17.64 16.59
CA GLY A 87 14.16 -17.49 18.02
C GLY A 87 13.47 -18.72 18.60
N SER A 88 13.10 -18.63 19.88
CA SER A 88 12.46 -19.75 20.58
C SER A 88 11.03 -20.00 20.12
N ASN A 89 10.46 -19.04 19.41
CA ASN A 89 9.12 -19.22 18.86
C ASN A 89 9.14 -19.81 17.46
N LEU A 90 10.33 -19.89 16.87
CA LEU A 90 10.49 -20.35 15.48
C LEU A 90 9.56 -19.60 14.55
N LYS A 91 9.44 -18.30 14.78
CA LYS A 91 8.69 -17.42 13.87
C LYS A 91 9.51 -17.16 12.60
N GLY A 92 9.11 -17.80 11.50
CA GLY A 92 9.78 -17.63 10.24
C GLY A 92 9.07 -16.58 9.42
N SER A 93 9.00 -15.38 9.99
CA SER A 93 8.44 -14.21 9.33
C SER A 93 8.85 -12.96 10.11
N CYS A 94 8.35 -11.80 9.72
CA CYS A 94 8.79 -10.54 10.32
C CYS A 94 8.61 -10.51 11.83
N CYS A 95 9.63 -10.00 12.52
CA CYS A 95 9.57 -9.75 13.96
C CYS A 95 9.60 -8.24 14.25
N TYR A 96 9.28 -7.84 15.46
CA TYR A 96 9.08 -6.42 15.74
C TYR A 96 10.04 -5.86 16.79
N PHE A 97 10.97 -5.01 16.34
CA PHE A 97 12.03 -4.47 17.19
C PHE A 97 11.79 -3.03 17.62
N LYS A 98 11.28 -2.83 18.82
CA LYS A 98 11.37 -1.51 19.44
C LYS A 98 12.70 -1.52 20.15
N GLU A 99 13.33 -0.36 20.31
CA GLU A 99 14.62 -0.31 20.99
C GLU A 99 15.74 -1.04 20.22
N ASP A 100 16.89 -0.40 20.16
CA ASP A 100 18.03 -0.97 19.47
C ASP A 100 18.47 -2.27 20.17
N SER A 101 18.12 -2.38 21.45
CA SER A 101 18.59 -3.48 22.30
C SER A 101 17.74 -4.74 22.22
N THR A 102 16.60 -4.65 21.57
CA THR A 102 15.64 -5.75 21.51
C THR A 102 16.23 -6.99 20.85
N THR A 103 16.10 -8.14 21.51
CA THR A 103 16.56 -9.42 20.98
C THR A 103 15.52 -10.06 20.08
N LEU A 104 15.94 -11.05 19.31
CA LEU A 104 15.07 -11.73 18.38
C LEU A 104 13.90 -12.35 19.11
N ASP A 105 14.18 -12.98 20.27
CA ASP A 105 13.14 -13.64 21.04
C ASP A 105 12.06 -12.64 21.46
N GLU A 106 12.48 -11.43 21.81
CA GLU A 106 11.57 -10.39 22.24
C GLU A 106 10.81 -9.79 21.06
N ALA A 107 11.51 -9.65 19.94
CA ALA A 107 10.91 -9.12 18.73
C ALA A 107 9.84 -10.09 18.19
N GLU A 108 10.05 -11.39 18.39
CA GLU A 108 9.02 -12.39 18.09
C GLU A 108 7.78 -12.14 18.93
N ILE A 109 7.95 -12.16 20.25
CA ILE A 109 6.85 -11.95 21.19
C ILE A 109 6.08 -10.68 20.88
N ALA A 110 6.81 -9.57 20.88
CA ALA A 110 6.23 -8.27 20.61
C ALA A 110 5.39 -8.30 19.32
N LEU A 112 4.04 -11.04 17.82
CA LEU A 112 2.93 -11.93 18.08
C LEU A 112 1.82 -11.26 18.89
N ASP A 113 2.21 -10.45 19.88
CA ASP A 113 1.26 -9.71 20.70
C ASP A 113 0.57 -8.61 19.88
N LEU A 114 1.31 -8.06 18.92
CA LEU A 114 0.74 -7.04 18.06
C LEU A 114 -0.35 -7.66 17.17
N TYR A 115 -0.09 -8.87 16.68
CA TYR A 115 -1.10 -9.62 15.91
C TYR A 115 -2.36 -9.76 16.74
N CYS A 116 -2.21 -10.10 18.02
CA CYS A 116 -3.37 -10.41 18.87
C CYS A 116 -4.19 -9.18 19.14
N GLU A 117 -3.52 -8.04 19.23
CA GLU A 117 -4.20 -6.80 19.50
C GLU A 117 -4.92 -6.27 18.23
N ARG A 118 -4.20 -6.24 17.12
CA ARG A 118 -4.75 -5.69 15.90
C ARG A 118 -5.81 -6.61 15.34
N ALA A 119 -5.70 -7.88 15.67
CA ALA A 119 -6.71 -8.84 15.25
C ALA A 119 -7.86 -8.84 16.24
N GLN A 120 -7.72 -8.08 17.32
CA GLN A 120 -8.76 -8.00 18.34
C GLN A 120 -9.25 -9.36 18.83
N ILE A 121 -8.33 -10.26 19.13
CA ILE A 121 -8.70 -11.55 19.67
C ILE A 121 -9.29 -11.40 21.07
N GLN A 122 -10.43 -12.06 21.29
CA GLN A 122 -11.04 -12.19 22.61
C GLN A 122 -10.99 -13.65 23.07
N ASP A 123 -11.03 -13.84 24.38
CA ASP A 123 -10.64 -15.11 25.01
C ASP A 123 -11.46 -16.34 24.64
N GLY A 124 -12.74 -16.21 24.34
CA GLY A 124 -13.47 -17.42 23.99
C GLY A 124 -13.61 -17.78 22.52
N GLN A 125 -12.93 -17.06 21.63
CA GLN A 125 -13.17 -17.24 20.20
C GLN A 125 -12.48 -18.45 19.59
N SER A 126 -13.02 -18.87 18.44
CA SER A 126 -12.36 -19.82 17.55
C SER A 126 -11.37 -19.08 16.64
N VAL A 127 -10.17 -19.64 16.49
CA VAL A 127 -9.10 -18.94 15.78
C VAL A 127 -8.44 -19.86 14.76
N LEU A 128 -8.34 -19.37 13.53
CA LEU A 128 -7.71 -20.10 12.43
C LEU A 128 -6.39 -19.45 12.00
N ASP A 129 -5.30 -20.21 12.14
CA ASP A 129 -4.00 -19.75 11.69
C ASP A 129 -3.69 -20.40 10.34
N LEU A 130 -3.93 -19.67 9.25
CA LEU A 130 -3.77 -20.23 7.90
C LEU A 130 -2.34 -20.13 7.42
N GLY A 131 -1.71 -21.26 7.16
CA GLY A 131 -0.30 -21.26 6.78
C GLY A 131 0.54 -20.93 7.99
N CYS A 132 0.67 -21.91 8.89
CA CYS A 132 1.10 -21.65 10.27
C CYS A 132 2.60 -21.82 10.51
N GLY A 133 3.33 -22.28 9.51
CA GLY A 133 4.76 -22.47 9.65
C GLY A 133 5.03 -23.40 10.81
N GLN A 134 5.84 -22.95 11.77
CA GLN A 134 6.23 -23.81 12.88
C GLN A 134 5.34 -23.63 14.10
N GLY A 135 4.24 -22.91 13.92
CA GLY A 135 3.22 -22.80 14.96
C GLY A 135 3.39 -21.70 16.00
N ALA A 136 4.22 -20.71 15.70
CA ALA A 136 4.47 -19.64 16.66
C ALA A 136 3.18 -18.90 17.03
N LEU A 137 2.37 -18.54 16.05
CA LEU A 137 1.13 -17.84 16.37
C LEU A 137 0.08 -18.74 17.02
N THR A 138 -0.11 -19.96 16.51
CA THR A 138 -1.10 -20.85 17.12
C THR A 138 -0.72 -21.16 18.57
N LEU A 139 0.54 -21.53 18.81
CA LEU A 139 1.05 -21.82 20.16
C LEU A 139 0.91 -20.61 21.10
N HIS A 140 1.13 -19.41 20.56
CA HIS A 140 1.06 -18.18 21.34
C HIS A 140 -0.37 -17.81 21.72
N VAL A 141 -1.26 -17.85 20.73
CA VAL A 141 -2.67 -17.63 20.97
C VAL A 141 -3.24 -18.66 21.94
N ALA A 142 -2.94 -19.94 21.72
CA ALA A 142 -3.51 -20.98 22.58
C ALA A 142 -3.04 -20.79 24.02
N GLN A 143 -1.83 -20.26 24.19
CA GLN A 143 -1.25 -20.04 25.49
C GLN A 143 -1.81 -18.80 26.17
N LYS A 144 -1.96 -17.71 25.44
CA LYS A 144 -2.49 -16.49 26.02
C LYS A 144 -3.99 -16.58 26.32
N TYR A 145 -4.74 -17.13 25.37
CA TYR A 145 -6.18 -17.19 25.49
C TYR A 145 -6.62 -18.63 25.68
N LYS A 146 -6.78 -19.04 26.94
CA LYS A 146 -6.97 -20.43 27.29
C LYS A 146 -8.31 -20.99 26.83
N ASN A 147 -9.27 -20.10 26.60
CA ASN A 147 -10.60 -20.54 26.21
C ASN A 147 -10.84 -20.46 24.71
N CYS A 148 -9.84 -20.01 23.96
CA CYS A 148 -9.87 -20.03 22.50
C CYS A 148 -9.62 -21.43 21.95
N ARG A 149 -10.43 -21.84 20.98
CA ARG A 149 -10.11 -23.02 20.22
C ARG A 149 -9.27 -22.55 19.04
N VAL A 150 -8.03 -23.03 18.98
CA VAL A 150 -7.14 -22.62 17.92
C VAL A 150 -6.88 -23.75 16.94
N THR A 151 -7.04 -23.45 15.65
CA THR A 151 -6.82 -24.40 14.56
C THR A 151 -5.72 -23.89 13.63
N ALA A 152 -4.67 -24.67 13.46
CA ALA A 152 -3.57 -24.31 12.58
C ALA A 152 -3.68 -25.09 11.28
N VAL A 153 -3.30 -24.47 10.17
CA VAL A 153 -3.36 -25.17 8.90
C VAL A 153 -2.03 -25.12 8.18
N THR A 154 -1.60 -26.26 7.67
CA THR A 154 -0.35 -26.38 6.93
C THR A 154 -0.43 -27.56 5.97
N ASN A 155 0.39 -27.51 4.92
CA ASN A 155 0.46 -28.59 3.95
C ASN A 155 1.68 -29.50 4.18
N SER A 156 2.40 -29.29 5.28
CA SER A 156 3.58 -30.08 5.61
C SER A 156 3.38 -30.97 6.83
N VAL A 157 3.70 -32.25 6.68
CA VAL A 157 3.57 -33.24 7.76
C VAL A 157 4.58 -33.03 8.88
N SER A 158 5.77 -32.53 8.53
CA SER A 158 6.78 -32.17 9.52
C SER A 158 6.27 -31.07 10.45
N GLN A 159 5.79 -29.98 9.87
CA GLN A 159 5.28 -28.86 10.66
C GLN A 159 4.10 -29.29 11.54
N LYS A 160 3.25 -30.17 11.02
CA LYS A 160 2.10 -30.65 11.77
C LYS A 160 2.54 -31.44 12.97
N GLU A 161 3.44 -32.38 12.74
CA GLU A 161 4.00 -33.20 13.82
C GLU A 161 4.62 -32.30 14.89
N TYR A 162 5.44 -31.34 14.47
CA TYR A 162 6.15 -30.49 15.43
C TYR A 162 5.18 -29.71 16.32
N ILE A 163 4.12 -29.17 15.71
CA ILE A 163 3.19 -28.31 16.42
C ILE A 163 2.36 -29.09 17.43
N GLU A 164 1.86 -30.25 17.00
CA GLU A 164 1.11 -31.16 17.88
C GLU A 164 1.96 -31.60 19.08
N GLU A 165 3.23 -31.87 18.83
CA GLU A 165 4.10 -32.35 19.89
C GLU A 165 4.39 -31.25 20.91
N GLU A 166 4.58 -30.01 20.43
CA GLU A 166 4.71 -28.82 21.29
C GLU A 166 3.44 -28.47 22.07
N SER A 167 2.29 -28.69 21.46
CA SER A 167 1.01 -28.57 22.16
C SER A 167 1.01 -29.48 23.38
N ARG A 168 1.22 -30.77 23.11
CA ARG A 168 1.20 -31.81 24.13
C ARG A 168 2.18 -31.49 25.25
N ARG A 169 3.39 -31.16 24.85
CA ARG A 169 4.46 -30.83 25.77
C ARG A 169 4.12 -29.60 26.62
N ARG A 170 3.73 -28.51 25.96
CA ARG A 170 3.34 -27.28 26.64
C ARG A 170 1.97 -27.38 27.29
N ASN A 171 1.32 -28.54 27.14
CA ASN A 171 0.01 -28.75 27.75
C ASN A 171 -1.10 -27.87 27.17
N LEU A 172 -1.00 -27.54 25.89
CA LEU A 172 -2.00 -26.72 25.21
C LEU A 172 -3.00 -27.59 24.47
N LEU A 173 -4.07 -27.99 25.16
CA LEU A 173 -5.09 -28.83 24.55
C LEU A 173 -5.98 -28.09 23.56
N ASN A 174 -5.94 -26.77 23.55
CA ASN A 174 -6.84 -26.00 22.70
C ASN A 174 -6.22 -25.72 21.33
N VAL A 175 -5.27 -26.55 20.95
CA VAL A 175 -4.65 -26.48 19.63
C VAL A 175 -5.09 -27.65 18.76
N GLU A 176 -5.41 -27.36 17.50
CA GLU A 176 -5.72 -28.40 16.53
C GLU A 176 -4.96 -28.11 15.23
N VAL A 177 -4.32 -29.11 14.64
CA VAL A 177 -3.62 -28.89 13.38
C VAL A 177 -4.32 -29.64 12.24
N LYS A 178 -4.68 -28.92 11.19
CA LYS A 178 -5.21 -29.54 9.98
C LYS A 178 -4.13 -29.59 8.91
N LEU A 179 -3.99 -30.77 8.30
CA LEU A 179 -3.07 -30.96 7.19
C LEU A 179 -3.82 -30.70 5.89
N ALA A 180 -3.52 -29.59 5.22
CA ALA A 180 -4.25 -29.28 4.01
C ALA A 180 -3.45 -28.42 3.05
N ASP A 181 -3.81 -28.51 1.77
CA ASP A 181 -3.39 -27.58 0.75
C ASP A 181 -4.47 -26.49 0.64
N ILE A 182 -4.14 -25.28 1.08
CA ILE A 182 -5.09 -24.18 1.10
C ILE A 182 -5.67 -23.88 -0.29
N THR A 183 -4.89 -24.19 -1.31
CA THR A 183 -5.30 -24.07 -2.71
C THR A 183 -6.58 -24.83 -3.07
N THR A 184 -6.75 -26.01 -2.47
CA THR A 184 -7.88 -26.89 -2.80
C THR A 184 -8.77 -27.12 -1.59
N HIS A 185 -8.36 -26.58 -0.46
CA HIS A 185 -8.99 -26.89 0.80
C HIS A 185 -10.40 -26.35 0.85
N GLU A 186 -11.30 -27.17 1.38
CA GLU A 186 -12.68 -26.80 1.64
C GLU A 186 -13.07 -27.37 3.00
N ALA A 188 -16.59 -27.11 6.09
CA ALA A 188 -17.86 -26.57 6.56
C ALA A 188 -17.73 -25.87 7.91
N GLU A 189 -16.54 -25.41 8.24
CA GLU A 189 -16.29 -24.80 9.52
C GLU A 189 -16.34 -23.26 9.41
N THR A 190 -16.57 -22.62 10.55
CA THR A 190 -16.55 -21.17 10.58
C THR A 190 -15.80 -20.71 11.84
N TYR A 191 -15.01 -19.66 11.69
CA TYR A 191 -14.11 -19.20 12.74
C TYR A 191 -14.35 -17.73 13.05
N ASP A 192 -14.33 -17.36 14.33
CA ASP A 192 -14.49 -15.97 14.72
C ASP A 192 -13.33 -15.11 14.22
N ARG A 193 -12.15 -15.71 14.12
CA ARG A 193 -11.01 -14.95 13.63
C ARG A 193 -10.01 -15.80 12.88
N ILE A 194 -9.50 -15.21 11.80
CA ILE A 194 -8.60 -15.90 10.90
C ILE A 194 -7.36 -15.07 10.75
N LEU A 195 -6.21 -15.71 10.94
CA LEU A 195 -4.95 -15.01 10.84
C LEU A 195 -4.13 -15.58 9.70
N VAL A 196 -3.71 -14.71 8.77
CA VAL A 196 -2.87 -15.07 7.63
C VAL A 196 -1.55 -14.29 7.67
N ILE A 197 -0.46 -14.94 8.07
CA ILE A 197 0.81 -14.22 8.18
C ILE A 197 1.73 -14.59 7.02
N GLU A 198 1.79 -13.71 6.02
CA GLU A 198 2.75 -13.84 4.91
C GLU A 198 2.57 -15.11 4.08
N LEU A 199 1.31 -15.50 3.86
CA LEU A 199 0.99 -16.60 2.97
C LEU A 199 0.63 -16.14 1.52
N PHE A 200 0.00 -14.97 1.40
CA PHE A 200 -0.52 -14.53 0.11
C PHE A 200 0.55 -14.27 -0.94
N GLU A 201 1.79 -14.04 -0.51
CA GLU A 201 2.88 -13.79 -1.46
C GLU A 201 3.16 -15.02 -2.32
N HIS A 202 2.71 -16.18 -1.85
CA HIS A 202 2.89 -17.44 -2.56
C HIS A 202 1.68 -17.84 -3.44
N LYS A 204 -1.66 -16.64 -6.26
CA LYS A 204 -1.93 -15.77 -7.40
C LYS A 204 -3.29 -15.08 -7.31
N ASN A 205 -4.35 -15.80 -7.68
CA ASN A 205 -5.68 -15.19 -7.81
C ASN A 205 -6.29 -14.87 -6.45
N TYR A 206 -6.04 -13.66 -5.97
CA TYR A 206 -6.49 -13.23 -4.64
C TYR A 206 -8.01 -13.09 -4.53
N GLU A 207 -8.67 -12.99 -5.67
CA GLU A 207 -10.13 -12.95 -5.64
C GLU A 207 -10.69 -14.32 -5.28
N LEU A 208 -10.19 -15.35 -5.93
CA LEU A 208 -10.59 -16.72 -5.58
C LEU A 208 -10.15 -17.10 -4.17
N LEU A 209 -8.94 -16.70 -3.77
CA LEU A 209 -8.45 -17.06 -2.45
C LEU A 209 -9.29 -16.38 -1.37
N LEU A 210 -9.48 -15.07 -1.50
CA LEU A 210 -10.24 -14.32 -0.50
C LEU A 210 -11.72 -14.72 -0.46
N ARG A 211 -12.30 -15.10 -1.60
CA ARG A 211 -13.66 -15.63 -1.55
C ARG A 211 -13.70 -16.93 -0.73
N LYS A 212 -12.71 -17.80 -0.94
CA LYS A 212 -12.64 -19.06 -0.23
C LYS A 212 -12.53 -18.83 1.28
N ILE A 213 -11.60 -17.96 1.67
CA ILE A 213 -11.39 -17.65 3.07
C ILE A 213 -12.59 -16.95 3.71
N SER A 214 -13.18 -16.00 3.01
CA SER A 214 -14.34 -15.30 3.53
C SER A 214 -15.44 -16.27 3.94
N GLU A 215 -15.54 -17.41 3.27
CA GLU A 215 -16.56 -18.40 3.65
C GLU A 215 -16.27 -19.00 5.04
N TRP A 216 -15.01 -18.90 5.47
CA TRP A 216 -14.58 -19.52 6.74
C TRP A 216 -14.70 -18.57 7.92
N ILE A 217 -15.03 -17.31 7.64
CA ILE A 217 -15.25 -16.34 8.70
C ILE A 217 -16.69 -16.44 9.19
N SER A 218 -16.91 -16.38 10.51
CA SER A 218 -18.29 -16.36 10.98
C SER A 218 -18.82 -14.96 10.81
N LYS A 219 -20.13 -14.79 11.01
CA LYS A 219 -20.81 -13.57 10.61
C LYS A 219 -20.13 -12.30 11.07
N ASP A 220 -19.80 -12.21 12.35
CA ASP A 220 -19.19 -10.98 12.85
C ASP A 220 -17.68 -11.14 13.00
N GLY A 221 -17.12 -12.12 12.31
CA GLY A 221 -15.71 -12.43 12.45
C GLY A 221 -14.79 -11.49 11.72
N LEU A 222 -13.50 -11.62 12.01
CA LEU A 222 -12.50 -10.79 11.38
C LEU A 222 -11.40 -11.62 10.73
N LEU A 223 -10.81 -11.05 9.69
CA LEU A 223 -9.66 -11.63 9.04
C LEU A 223 -8.49 -10.67 9.17
N PHE A 224 -7.38 -11.14 9.73
CA PHE A 224 -6.19 -10.31 9.84
C PHE A 224 -5.07 -10.86 8.96
N LEU A 225 -4.53 -9.97 8.13
CA LEU A 225 -3.52 -10.32 7.18
C LEU A 225 -2.24 -9.51 7.38
N GLU A 226 -1.09 -10.17 7.42
CA GLU A 226 0.19 -9.47 7.27
C GLU A 226 0.81 -9.81 5.93
N HIS A 227 1.28 -8.81 5.20
CA HIS A 227 2.09 -9.14 4.02
C HIS A 227 3.22 -8.16 3.74
N ILE A 228 4.28 -8.66 3.11
CA ILE A 228 5.37 -7.80 2.69
C ILE A 228 4.89 -7.05 1.46
N CYS A 229 5.59 -5.97 1.11
CA CYS A 229 5.08 -5.14 0.05
C CYS A 229 6.09 -4.09 -0.29
N HIS A 230 5.84 -3.39 -1.38
CA HIS A 230 6.46 -2.11 -1.60
C HIS A 230 5.42 -1.02 -1.31
N LYS A 231 5.91 0.10 -0.80
CA LYS A 231 5.13 1.30 -0.55
C LYS A 231 4.08 1.58 -1.65
N THR A 232 4.52 1.50 -2.90
CA THR A 232 3.82 2.11 -4.02
C THR A 232 3.47 1.13 -5.15
N PHE A 233 4.42 0.28 -5.55
CA PHE A 233 4.14 -0.55 -6.71
C PHE A 233 4.11 -2.04 -6.38
N ALA A 234 3.61 -2.84 -7.32
CA ALA A 234 3.36 -4.27 -7.11
C ALA A 234 3.91 -5.06 -8.28
N TYR A 235 4.35 -6.29 -8.07
CA TYR A 235 4.93 -7.04 -9.18
C TYR A 235 5.12 -8.53 -8.94
N HIS A 236 4.97 -9.30 -10.01
CA HIS A 236 5.45 -10.67 -10.02
C HIS A 236 6.94 -10.63 -9.70
N TYR A 237 7.39 -11.47 -8.77
CA TYR A 237 8.81 -11.56 -8.47
C TYR A 237 9.52 -12.33 -9.57
N GLU A 238 9.86 -11.62 -10.64
CA GLU A 238 10.58 -12.12 -11.81
C GLU A 238 11.61 -11.10 -12.24
N PRO A 239 12.72 -11.58 -12.84
CA PRO A 239 13.88 -10.74 -13.22
C PRO A 239 13.49 -9.58 -14.12
N LEU A 240 13.86 -8.35 -13.77
CA LEU A 240 13.61 -7.20 -14.62
C LEU A 240 14.13 -7.47 -16.02
N ASP A 241 15.27 -8.13 -16.07
CA ASP A 241 15.93 -8.46 -17.33
C ASP A 241 17.15 -9.34 -17.09
N ASP A 242 17.84 -9.68 -18.19
CA ASP A 242 18.91 -10.67 -18.19
C ASP A 242 20.09 -10.32 -17.29
N ASP A 243 20.15 -9.08 -16.83
CA ASP A 243 21.21 -8.66 -15.93
C ASP A 243 20.78 -8.82 -14.47
N ASP A 244 19.52 -9.12 -14.24
CA ASP A 244 18.99 -9.27 -12.88
C ASP A 244 19.22 -10.67 -12.33
N TRP A 245 20.27 -10.83 -11.52
CA TRP A 245 20.60 -12.12 -10.93
C TRP A 245 19.95 -12.24 -9.55
N PHE A 246 19.54 -11.11 -9.00
CA PHE A 246 19.02 -11.03 -7.62
C PHE A 246 17.61 -11.61 -7.41
N THR A 247 16.70 -11.38 -8.35
CA THR A 247 15.31 -11.76 -8.12
C THR A 247 15.17 -13.27 -7.98
N GLU A 248 16.06 -14.03 -8.61
CA GLU A 248 16.09 -15.49 -8.49
C GLU A 248 17.22 -16.02 -7.59
N TYR A 249 17.83 -15.12 -6.81
CA TYR A 249 18.93 -15.51 -5.94
C TYR A 249 18.49 -16.39 -4.78
N VAL A 250 17.21 -16.34 -4.43
CA VAL A 250 16.68 -17.06 -3.28
C VAL A 250 15.49 -17.95 -3.67
N PHE A 251 14.52 -17.37 -4.33
CA PHE A 251 13.35 -18.12 -4.78
C PHE A 251 13.38 -18.32 -6.28
N PRO A 252 12.95 -19.49 -6.75
CA PRO A 252 12.79 -19.66 -8.19
C PRO A 252 11.71 -18.69 -8.71
N ALA A 253 11.78 -18.29 -9.98
CA ALA A 253 10.90 -17.24 -10.49
C ALA A 253 9.46 -17.71 -10.68
N GLY A 254 8.53 -16.77 -10.58
CA GLY A 254 7.13 -17.13 -10.63
C GLY A 254 6.57 -17.74 -9.35
N THR A 255 7.37 -17.79 -8.28
CA THR A 255 6.83 -18.40 -7.07
C THR A 255 6.25 -17.35 -6.14
N ILE A 257 4.96 -12.99 -5.30
CA ILE A 257 4.41 -11.71 -5.72
C ILE A 257 4.69 -10.68 -4.64
N ILE A 258 5.24 -9.55 -5.05
CA ILE A 258 5.44 -8.45 -4.14
C ILE A 258 4.27 -7.50 -4.33
N PRO A 259 3.33 -7.48 -3.38
CA PRO A 259 2.18 -6.57 -3.46
C PRO A 259 2.59 -5.13 -3.15
N SER A 260 1.73 -4.17 -3.54
CA SER A 260 1.82 -2.82 -2.99
C SER A 260 1.20 -2.79 -1.60
N ALA A 261 1.51 -1.76 -0.81
CA ALA A 261 0.93 -1.62 0.51
C ALA A 261 -0.60 -1.68 0.42
N SER A 262 -1.13 -1.09 -0.64
CA SER A 262 -2.56 -0.95 -0.83
C SER A 262 -3.20 -2.12 -1.56
N PHE A 263 -2.43 -3.17 -1.87
CA PHE A 263 -2.84 -4.12 -2.89
C PHE A 263 -4.18 -4.84 -2.62
N PHE A 264 -4.42 -5.26 -1.38
CA PHE A 264 -5.59 -6.08 -1.07
C PHE A 264 -6.79 -5.21 -0.82
N LEU A 265 -6.56 -3.90 -0.88
CA LEU A 265 -7.67 -2.96 -0.89
C LEU A 265 -8.49 -3.17 -2.18
N TYR A 266 -7.88 -3.78 -3.19
CA TYR A 266 -8.58 -3.94 -4.46
C TYR A 266 -9.24 -5.32 -4.55
N PHE A 267 -9.24 -6.07 -3.46
CA PHE A 267 -9.89 -7.36 -3.48
C PHE A 267 -10.93 -7.44 -2.35
N GLN A 268 -11.94 -6.57 -2.42
CA GLN A 268 -12.94 -6.50 -1.38
C GLN A 268 -14.30 -6.87 -1.90
N ASP A 269 -14.33 -7.95 -2.69
CA ASP A 269 -15.57 -8.56 -3.13
C ASP A 269 -16.32 -9.24 -1.99
N ASP A 270 -15.58 -9.90 -1.09
CA ASP A 270 -16.22 -10.79 -0.12
C ASP A 270 -15.86 -10.46 1.33
N VAL A 271 -14.87 -9.59 1.49
CA VAL A 271 -14.45 -9.07 2.78
C VAL A 271 -14.29 -7.56 2.65
N SER A 272 -14.34 -6.87 3.78
CA SER A 272 -14.31 -5.41 3.76
C SER A 272 -13.28 -4.90 4.76
N VAL A 273 -12.41 -4.00 4.31
CA VAL A 273 -11.30 -3.57 5.15
C VAL A 273 -11.78 -2.69 6.28
N VAL A 274 -11.35 -3.03 7.50
CA VAL A 274 -11.69 -2.28 8.69
C VAL A 274 -10.53 -1.35 9.09
N ASN A 275 -9.32 -1.89 9.09
CA ASN A 275 -8.12 -1.14 9.42
C ASN A 275 -6.96 -1.53 8.53
N HIS A 276 -6.08 -0.56 8.31
CA HIS A 276 -4.86 -0.74 7.56
C HIS A 276 -3.70 -0.14 8.36
N TRP A 277 -2.59 -0.85 8.48
CA TRP A 277 -1.36 -0.27 9.02
C TRP A 277 -0.18 -0.68 8.17
N THR A 278 0.94 0.02 8.34
CA THR A 278 2.21 -0.47 7.81
C THR A 278 3.31 -0.38 8.84
N LEU A 279 4.32 -1.23 8.69
CA LEU A 279 5.49 -1.18 9.55
C LEU A 279 6.69 -0.88 8.68
N SER A 280 7.61 -0.08 9.21
CA SER A 280 8.89 0.16 8.57
C SER A 280 9.60 -1.14 8.18
N GLY A 281 10.35 -1.08 7.07
CA GLY A 281 11.09 -2.23 6.61
C GLY A 281 12.23 -2.61 7.55
N LYS A 282 12.61 -1.68 8.42
CA LYS A 282 13.74 -1.92 9.33
C LYS A 282 13.49 -3.16 10.17
N HIS A 283 12.23 -3.43 10.47
CA HIS A 283 11.89 -4.56 11.34
C HIS A 283 12.26 -5.89 10.67
N PHE A 284 11.85 -6.08 9.42
CA PHE A 284 12.21 -7.33 8.76
C PHE A 284 13.71 -7.36 8.48
N SER A 285 14.27 -6.20 8.18
CA SER A 285 15.70 -6.10 7.94
C SER A 285 16.52 -6.57 9.14
N ARG A 286 16.10 -6.17 10.34
CA ARG A 286 16.76 -6.63 11.57
C ARG A 286 16.48 -8.09 11.83
N THR A 287 15.28 -8.54 11.46
CA THR A 287 14.93 -9.95 11.61
C THR A 287 15.96 -10.80 10.86
N ASN A 288 16.11 -10.52 9.57
CA ASN A 288 17.09 -11.21 8.74
C ASN A 288 18.52 -11.05 9.27
N GLU A 289 18.83 -9.90 9.85
CA GLU A 289 20.16 -9.65 10.42
C GLU A 289 20.43 -10.55 11.62
N GLU A 290 19.42 -10.74 12.46
CA GLU A 290 19.55 -11.64 13.61
C GLU A 290 19.72 -13.07 13.12
N TRP A 291 18.96 -13.42 12.08
CA TRP A 291 19.05 -14.74 11.49
C TRP A 291 20.45 -14.99 10.93
N LEU A 292 21.03 -13.98 10.25
CA LEU A 292 22.36 -14.14 9.69
C LEU A 292 23.39 -14.28 10.79
N LYS A 293 23.24 -13.50 11.84
CA LYS A 293 24.15 -13.59 12.98
C LYS A 293 24.20 -15.02 13.53
N ARG A 294 23.02 -15.61 13.67
CA ARG A 294 22.89 -16.94 14.26
C ARG A 294 23.46 -18.02 13.35
N LEU A 295 23.23 -17.87 12.05
CA LEU A 295 23.80 -18.77 11.06
C LEU A 295 25.32 -18.76 11.14
N ASP A 296 25.90 -17.56 11.26
CA ASP A 296 27.35 -17.45 11.26
C ASP A 296 28.01 -17.87 12.58
N ALA A 297 27.31 -17.74 13.70
CA ALA A 297 27.91 -18.05 15.00
C ALA A 297 27.79 -19.53 15.35
N ASN A 298 27.17 -20.31 14.48
CA ASN A 298 26.85 -21.69 14.77
C ASN A 298 27.25 -22.62 13.65
N LEU A 299 28.27 -22.24 12.89
CA LEU A 299 28.71 -23.06 11.77
C LEU A 299 29.29 -24.39 12.26
N ASP A 300 29.78 -24.41 13.51
CA ASP A 300 30.29 -25.63 14.15
C ASP A 300 29.31 -26.77 13.99
N VAL A 301 28.05 -26.48 14.30
CA VAL A 301 26.98 -27.45 14.20
C VAL A 301 26.45 -27.60 12.77
N ILE A 302 26.24 -26.47 12.10
CA ILE A 302 25.47 -26.44 10.86
C ILE A 302 26.19 -27.12 9.68
N LYS A 303 27.50 -26.91 9.56
CA LYS A 303 28.25 -27.47 8.44
C LYS A 303 28.19 -29.01 8.45
N PRO A 304 28.51 -29.63 9.61
CA PRO A 304 28.42 -31.09 9.67
C PRO A 304 27.00 -31.58 9.42
N PHE A 306 24.75 -30.11 7.56
CA PHE A 306 24.50 -30.02 6.11
C PHE A 306 25.22 -31.13 5.35
N GLU A 307 26.48 -31.36 5.70
CA GLU A 307 27.26 -32.44 5.09
C GLU A 307 26.56 -33.81 5.21
N THR A 308 26.07 -34.15 6.40
CA THR A 308 25.44 -35.46 6.61
C THR A 308 24.01 -35.48 6.06
N LEU A 309 23.60 -34.37 5.44
CA LEU A 309 22.28 -34.27 4.84
C LEU A 309 22.38 -34.05 3.32
N GLY A 311 25.06 -34.42 -0.40
CA GLY A 311 26.02 -35.31 -1.03
C GLY A 311 27.33 -35.42 -0.28
N ASN A 312 27.98 -34.28 -0.06
CA ASN A 312 29.24 -34.23 0.66
C ASN A 312 29.52 -32.87 1.29
N GLU A 313 30.73 -32.38 1.11
CA GLU A 313 31.16 -31.15 1.77
C GLU A 313 30.90 -29.89 0.94
N GLU A 314 31.09 -29.99 -0.37
CA GLU A 314 30.85 -28.84 -1.23
C GLU A 314 29.38 -28.42 -1.17
N GLU A 315 28.48 -29.38 -1.42
CA GLU A 315 27.04 -29.12 -1.34
C GLU A 315 26.65 -28.49 0.00
N ALA A 316 27.35 -28.87 1.06
CA ALA A 316 27.06 -28.35 2.39
C ALA A 316 27.45 -26.88 2.47
N VAL A 317 28.50 -26.53 1.73
CA VAL A 317 28.95 -25.14 1.71
C VAL A 317 28.02 -24.24 0.90
N LYS A 318 27.63 -24.68 -0.29
CA LYS A 318 26.71 -23.88 -1.10
C LYS A 318 25.37 -23.74 -0.38
N LEU A 319 25.02 -24.71 0.44
CA LEU A 319 23.79 -24.60 1.22
C LEU A 319 23.93 -23.55 2.34
N ILE A 320 25.11 -23.48 2.94
CA ILE A 320 25.42 -22.39 3.87
C ILE A 320 25.14 -21.07 3.19
N ASN A 321 25.79 -20.87 2.07
CA ASN A 321 25.75 -19.60 1.36
C ASN A 321 24.41 -19.27 0.75
N TYR A 322 23.59 -20.28 0.48
CA TYR A 322 22.24 -20.05 0.02
C TYR A 322 21.43 -19.35 1.10
N TRP A 323 21.64 -19.78 2.35
CA TRP A 323 20.96 -19.18 3.49
C TRP A 323 21.52 -17.81 3.82
N ARG A 324 22.83 -17.67 3.71
CA ARG A 324 23.44 -16.33 3.83
C ARG A 324 22.81 -15.39 2.83
N GLY A 325 22.47 -15.91 1.66
CA GLY A 325 21.85 -15.10 0.62
C GLY A 325 20.42 -14.76 1.00
N PHE A 326 19.70 -15.74 1.54
CA PHE A 326 18.38 -15.52 2.10
C PHE A 326 18.35 -14.34 3.07
N CYS A 327 19.24 -14.35 4.05
CA CYS A 327 19.25 -13.26 5.04
C CYS A 327 19.73 -11.93 4.47
N LEU A 328 20.78 -11.95 3.65
CA LEU A 328 21.30 -10.68 3.08
C LEU A 328 20.28 -10.04 2.13
N SER A 329 19.53 -10.85 1.39
CA SER A 329 18.46 -10.32 0.55
C SER A 329 17.44 -9.61 1.40
N GLY A 330 17.00 -10.29 2.45
CA GLY A 330 16.03 -9.73 3.37
C GLY A 330 16.52 -8.44 4.03
N GLU A 332 18.89 -6.26 3.04
CA GLU A 332 19.17 -5.14 2.17
C GLU A 332 17.87 -4.57 1.59
N PHE A 334 14.63 -4.81 2.70
CA PHE A 334 13.73 -4.12 3.61
C PHE A 334 14.37 -2.97 4.37
N GLY A 335 15.70 -2.98 4.47
CA GLY A 335 16.40 -1.85 5.07
C GLY A 335 16.69 -0.76 4.05
N TYR A 336 16.43 -1.05 2.76
CA TYR A 336 16.74 -0.08 1.70
C TYR A 336 16.10 1.27 1.94
N ASN A 337 16.88 2.35 1.78
CA ASN A 337 16.35 3.68 1.99
C ASN A 337 15.67 3.81 3.36
N ASN A 338 16.34 3.29 4.39
CA ASN A 338 15.88 3.33 5.77
C ASN A 338 14.52 2.67 6.05
N GLY A 339 14.20 1.60 5.34
CA GLY A 339 12.95 0.87 5.55
C GLY A 339 11.71 1.54 4.98
N GLU A 340 11.90 2.48 4.06
CA GLU A 340 10.81 3.27 3.50
C GLU A 340 10.52 2.95 2.04
N GLU A 341 10.98 1.79 1.57
CA GLU A 341 10.57 1.33 0.25
C GLU A 341 9.81 0.02 0.40
N TRP A 342 10.53 -1.06 0.67
CA TRP A 342 9.91 -2.35 0.95
C TRP A 342 9.69 -2.51 2.45
N ALA A 344 6.26 -3.94 5.62
CA ALA A 344 5.12 -4.82 5.90
C ALA A 344 3.81 -4.05 6.01
N SER A 345 2.73 -4.74 5.67
CA SER A 345 1.40 -4.18 5.68
C SER A 345 0.51 -5.10 6.52
N HIS A 346 -0.23 -4.50 7.43
CA HIS A 346 -1.23 -5.22 8.22
C HIS A 346 -2.60 -4.75 7.77
N VAL A 347 -3.47 -5.69 7.45
CA VAL A 347 -4.82 -5.34 7.05
C VAL A 347 -5.82 -6.17 7.83
N LEU A 348 -6.79 -5.51 8.45
CA LEU A 348 -7.89 -6.15 9.14
C LEU A 348 -9.18 -6.04 8.31
N PHE A 349 -9.81 -7.17 8.01
CA PHE A 349 -11.09 -7.15 7.29
C PHE A 349 -12.25 -7.70 8.13
N LYS A 350 -13.48 -7.36 7.76
CA LYS A 350 -14.68 -7.96 8.39
C LYS A 350 -15.62 -8.66 7.44
N THR B 2 29.85 21.61 65.86
CA THR B 2 29.87 22.59 64.78
C THR B 2 29.29 21.96 63.51
N LYS B 3 28.98 20.67 63.58
CA LYS B 3 28.62 19.92 62.38
C LYS B 3 27.13 19.60 62.26
N LYS B 4 26.47 19.26 63.35
CA LYS B 4 25.02 19.07 63.29
C LYS B 4 24.34 20.44 63.15
N ALA B 5 25.11 21.49 63.39
CA ALA B 5 24.65 22.85 63.14
C ALA B 5 24.96 23.24 61.69
N ALA B 6 25.96 22.59 61.11
CA ALA B 6 26.30 22.78 59.70
C ALA B 6 25.30 22.06 58.79
N ILE B 7 24.61 21.05 59.34
CA ILE B 7 23.59 20.34 58.59
C ILE B 7 22.34 21.21 58.54
N VAL B 8 22.05 21.90 59.64
CA VAL B 8 20.88 22.74 59.71
C VAL B 8 21.05 23.95 58.78
N GLU B 9 22.26 24.47 58.68
CA GLU B 9 22.50 25.60 57.80
C GLU B 9 22.44 25.19 56.34
N LEU B 10 22.87 23.96 56.03
CA LEU B 10 22.74 23.47 54.64
C LEU B 10 21.27 23.41 54.28
N LEU B 11 20.50 22.70 55.10
CA LEU B 11 19.07 22.55 54.88
C LEU B 11 18.37 23.89 54.76
N LYS B 12 18.85 24.89 55.49
CA LYS B 12 18.29 26.23 55.44
C LYS B 12 18.49 26.88 54.07
N GLN B 13 19.68 26.73 53.49
CA GLN B 13 19.96 27.31 52.18
C GLN B 13 19.27 26.56 51.03
N LEU B 14 18.99 25.27 51.23
CA LEU B 14 18.31 24.49 50.22
C LEU B 14 16.86 24.91 50.18
N GLU B 15 16.27 24.99 51.36
CA GLU B 15 14.95 25.54 51.61
C GLU B 15 14.73 26.83 50.83
N LEU B 16 15.76 27.68 50.82
CA LEU B 16 15.64 29.00 50.22
C LEU B 16 16.01 29.01 48.73
N GLY B 17 16.67 27.95 48.26
CA GLY B 17 17.10 27.87 46.87
C GLY B 17 18.35 28.70 46.62
N LEU B 18 19.33 28.58 47.51
CA LEU B 18 20.55 29.38 47.44
C LEU B 18 21.77 28.52 47.08
N VAL B 19 21.55 27.23 46.87
CA VAL B 19 22.58 26.32 46.39
C VAL B 19 22.40 26.03 44.90
N PRO B 20 23.48 26.18 44.12
CA PRO B 20 23.46 25.79 42.70
C PRO B 20 23.33 24.27 42.54
N TYR B 21 22.62 23.85 41.51
CA TYR B 21 22.36 22.42 41.27
C TYR B 21 23.63 21.61 41.29
N ASP B 22 24.68 22.15 40.69
CA ASP B 22 25.96 21.45 40.61
C ASP B 22 26.50 21.07 41.97
N ASP B 23 26.36 22.01 42.91
CA ASP B 23 26.78 21.81 44.29
C ASP B 23 25.90 20.78 44.98
N ILE B 24 24.59 20.92 44.78
CA ILE B 24 23.62 20.01 45.37
C ILE B 24 23.92 18.57 44.94
N LYS B 25 24.03 18.37 43.63
CA LYS B 25 24.28 17.06 43.07
C LYS B 25 25.54 16.47 43.69
N GLN B 26 26.56 17.32 43.83
CA GLN B 26 27.82 16.90 44.40
C GLN B 26 27.64 16.40 45.83
N LEU B 27 26.98 17.21 46.66
CA LEU B 27 26.69 16.80 48.04
C LEU B 27 25.85 15.54 48.13
N ILE B 28 24.93 15.37 47.18
CA ILE B 28 24.07 14.20 47.22
C ILE B 28 24.86 12.93 46.92
N ARG B 29 25.78 13.02 45.97
CA ARG B 29 26.57 11.86 45.60
C ARG B 29 27.41 11.37 46.75
N ARG B 30 27.98 12.31 47.49
CA ARG B 30 28.83 12.01 48.63
C ARG B 30 28.05 11.18 49.66
N GLU B 31 26.80 11.55 49.89
CA GLU B 31 25.94 10.79 50.80
C GLU B 31 25.59 9.41 50.22
N LEU B 32 25.30 9.37 48.93
CA LEU B 32 25.01 8.11 48.24
C LEU B 32 26.17 7.13 48.38
N ALA B 33 27.36 7.60 48.03
CA ALA B 33 28.58 6.80 48.12
C ALA B 33 28.76 6.25 49.54
N ARG B 34 28.42 7.07 50.53
CA ARG B 34 28.46 6.60 51.92
C ARG B 34 27.43 5.49 52.16
N ARG B 35 26.23 5.67 51.62
CA ARG B 35 25.18 4.68 51.79
C ARG B 35 25.56 3.34 51.17
N LEU B 36 26.28 3.39 50.05
CA LEU B 36 26.79 2.17 49.41
C LEU B 36 27.86 1.47 50.26
N GLN B 37 28.74 2.25 50.90
CA GLN B 37 29.78 1.67 51.72
C GLN B 37 29.15 1.04 52.96
N TRP B 38 28.08 1.68 53.43
CA TRP B 38 27.31 1.17 54.56
C TRP B 38 26.56 -0.10 54.13
N GLY B 39 25.98 -0.04 52.94
CA GLY B 39 25.20 -1.14 52.41
C GLY B 39 25.96 -2.41 52.03
N TYR B 40 27.04 -2.27 51.28
CA TYR B 40 27.81 -3.43 50.82
C TYR B 40 28.64 -4.05 51.94
N LYS B 41 28.64 -5.38 52.00
CA LYS B 41 29.44 -6.11 52.97
C LYS B 41 30.67 -6.75 52.30
N PRO B 42 31.76 -6.96 53.07
CA PRO B 42 33.00 -7.57 52.57
C PRO B 42 32.86 -9.08 52.21
N THR B 43 31.95 -9.79 52.87
CA THR B 43 31.66 -11.19 52.54
C THR B 43 30.18 -11.33 52.19
N TYR B 44 29.90 -12.14 51.19
CA TYR B 44 28.51 -12.41 50.81
C TYR B 44 27.72 -13.02 51.97
N GLU B 45 28.36 -13.86 52.78
CA GLU B 45 27.70 -14.43 53.92
C GLU B 45 26.99 -13.34 54.73
N GLU B 46 27.73 -12.26 55.02
CA GLU B 46 27.15 -11.15 55.77
C GLU B 46 26.11 -10.36 54.95
N GLN B 47 26.34 -10.26 53.64
CA GLN B 47 25.40 -9.57 52.77
C GLN B 47 24.02 -10.20 52.87
N ILE B 48 24.00 -11.53 52.81
CA ILE B 48 22.76 -12.31 52.87
C ILE B 48 22.16 -12.28 54.28
N ALA B 49 23.02 -12.35 55.30
CA ALA B 49 22.55 -12.26 56.69
C ALA B 49 21.79 -10.97 56.94
N GLU B 50 22.29 -9.87 56.39
CA GLU B 50 21.64 -8.58 56.59
C GLU B 50 20.21 -8.62 56.08
N ILE B 51 20.02 -9.16 54.87
CA ILE B 51 18.68 -9.30 54.28
C ILE B 51 17.78 -10.09 55.24
N GLN B 52 18.31 -11.20 55.76
CA GLN B 52 17.56 -12.08 56.67
C GLN B 52 17.15 -11.37 57.94
N ASN B 53 18.01 -10.47 58.42
CA ASN B 53 17.66 -9.69 59.59
C ASN B 53 16.44 -8.87 59.31
N LEU B 54 16.50 -8.10 58.24
CA LEU B 54 15.43 -7.18 57.92
C LEU B 54 14.14 -7.94 57.69
N THR B 55 14.18 -8.95 56.83
CA THR B 55 12.97 -9.73 56.53
C THR B 55 12.34 -10.33 57.78
N HIS B 56 13.16 -10.87 58.68
CA HIS B 56 12.63 -11.49 59.91
C HIS B 56 12.09 -10.47 60.90
N SER B 57 12.65 -9.26 60.92
CA SER B 57 12.12 -8.23 61.79
C SER B 57 10.86 -7.56 61.21
N LEU B 58 10.74 -7.49 59.88
CA LEU B 58 9.52 -6.95 59.29
C LEU B 58 8.36 -7.88 59.61
N ARG B 59 8.66 -9.16 59.77
CA ARG B 59 7.61 -10.13 60.09
C ARG B 59 7.09 -9.98 61.52
N GLN B 60 7.72 -9.10 62.28
CA GLN B 60 7.31 -8.87 63.68
C GLN B 60 6.43 -7.62 63.81
N LYS B 62 3.57 -4.40 62.40
CA LYS B 62 2.27 -4.22 61.78
C LYS B 62 2.44 -3.95 60.28
N ILE B 63 1.36 -4.15 59.52
CA ILE B 63 1.45 -3.92 58.08
C ILE B 63 1.93 -2.50 57.78
N ALA B 64 1.52 -1.53 58.58
CA ALA B 64 1.93 -0.15 58.34
C ALA B 64 2.44 0.53 59.60
N PRO B 78 -1.56 18.93 45.05
CA PRO B 78 -2.52 19.88 44.51
C PRO B 78 -2.62 19.71 42.98
N ILE B 79 -3.81 19.38 42.49
CA ILE B 79 -4.01 18.82 41.15
C ILE B 79 -3.48 19.66 39.98
N GLU B 80 -3.66 20.97 40.05
CA GLU B 80 -3.16 21.86 39.02
C GLU B 80 -1.62 21.81 38.95
N PHE B 81 -0.98 21.45 40.06
CA PHE B 81 0.46 21.34 40.11
C PHE B 81 0.94 20.03 39.46
N LEU B 82 0.33 18.91 39.83
CA LEU B 82 0.58 17.62 39.18
C LEU B 82 0.47 17.69 37.64
N LYS B 83 -0.50 18.45 37.14
CA LYS B 83 -0.67 18.60 35.69
C LYS B 83 0.48 19.39 35.01
N ILE B 84 1.08 20.33 35.71
CA ILE B 84 2.22 21.04 35.15
C ILE B 84 3.46 20.16 35.18
N ASN B 86 3.74 16.42 35.97
CA ASN B 86 3.67 15.10 35.37
C ASN B 86 3.34 15.22 33.89
N GLY B 87 3.34 14.09 33.18
CA GLY B 87 2.85 14.05 31.82
C GLY B 87 1.33 13.95 31.77
N SER B 88 0.80 13.68 30.58
CA SER B 88 -0.65 13.65 30.36
C SER B 88 -1.38 12.67 31.28
N ASN B 89 -0.68 11.61 31.68
CA ASN B 89 -1.32 10.54 32.45
C ASN B 89 -1.24 10.74 33.95
N LEU B 90 -0.44 11.72 34.36
CA LEU B 90 -0.16 11.98 35.78
C LEU B 90 0.42 10.72 36.46
N LYS B 91 1.38 10.08 35.80
CA LYS B 91 2.04 8.95 36.41
C LYS B 91 3.06 9.47 37.41
N GLY B 92 2.85 9.19 38.69
CA GLY B 92 3.72 9.68 39.74
C GLY B 92 4.73 8.61 40.13
N SER B 93 5.25 7.93 39.13
CA SER B 93 6.16 6.84 39.36
C SER B 93 7.01 6.65 38.10
N CYS B 94 7.92 5.70 38.17
CA CYS B 94 8.89 5.47 37.13
C CYS B 94 8.28 5.37 35.74
N CYS B 95 8.85 6.13 34.80
CA CYS B 95 8.45 6.10 33.40
C CYS B 95 9.58 5.46 32.60
N TYR B 96 9.31 5.05 31.37
CA TYR B 96 10.26 4.24 30.64
C TYR B 96 10.68 4.92 29.33
N PHE B 97 11.96 5.24 29.26
CA PHE B 97 12.52 6.03 28.18
C PHE B 97 13.40 5.16 27.29
N LYS B 98 12.87 4.74 26.14
CA LYS B 98 13.73 4.16 25.12
C LYS B 98 14.20 5.36 24.36
N GLU B 99 15.48 5.49 24.10
CA GLU B 99 15.96 6.67 23.35
C GLU B 99 15.98 7.98 24.14
N ASP B 100 16.95 8.81 23.80
CA ASP B 100 17.11 10.10 24.45
C ASP B 100 15.99 11.07 24.05
N SER B 101 15.52 10.96 22.81
CA SER B 101 14.50 11.88 22.28
C SER B 101 13.08 11.54 22.74
N THR B 102 12.96 10.54 23.60
CA THR B 102 11.66 10.12 24.14
C THR B 102 11.09 11.15 25.11
N THR B 103 9.86 11.57 24.89
CA THR B 103 9.25 12.58 25.74
C THR B 103 8.68 11.94 27.00
N LEU B 104 8.37 12.79 28.00
CA LEU B 104 7.79 12.31 29.25
C LEU B 104 6.45 11.63 28.97
N ASP B 105 5.64 12.24 28.13
CA ASP B 105 4.35 11.63 27.81
C ASP B 105 4.51 10.26 27.18
N GLU B 106 5.45 10.13 26.26
CA GLU B 106 5.74 8.85 25.61
C GLU B 106 6.23 7.86 26.65
N ALA B 107 7.11 8.31 27.53
CA ALA B 107 7.68 7.46 28.56
C ALA B 107 6.61 6.92 29.50
N GLU B 108 5.59 7.72 29.77
CA GLU B 108 4.48 7.27 30.62
C GLU B 108 3.73 6.10 29.97
N ILE B 109 3.31 6.33 28.73
CA ILE B 109 2.57 5.36 27.96
C ILE B 109 3.39 4.08 27.84
N ALA B 110 4.65 4.23 27.48
CA ALA B 110 5.53 3.08 27.29
C ALA B 110 5.57 2.23 28.55
N LEU B 112 3.28 2.23 31.09
CA LEU B 112 1.98 1.65 31.39
C LEU B 112 1.73 0.40 30.53
N ASP B 113 2.12 0.45 29.26
CA ASP B 113 1.99 -0.71 28.38
C ASP B 113 2.81 -1.91 28.85
N LEU B 114 3.98 -1.64 29.45
CA LEU B 114 4.86 -2.71 29.92
C LEU B 114 4.17 -3.43 31.04
N TYR B 115 3.52 -2.67 31.91
CA TYR B 115 2.74 -3.24 33.01
C TYR B 115 1.72 -4.18 32.40
N CYS B 116 1.07 -3.72 31.33
CA CYS B 116 -0.03 -4.47 30.75
C CYS B 116 0.46 -5.77 30.15
N GLU B 117 1.66 -5.76 29.57
CA GLU B 117 2.21 -7.02 29.03
C GLU B 117 2.72 -7.92 30.15
N ARG B 118 3.54 -7.40 31.04
CA ARG B 118 4.13 -8.24 32.08
C ARG B 118 3.11 -8.76 33.08
N ALA B 119 2.04 -8.00 33.27
CA ALA B 119 0.96 -8.42 34.13
C ALA B 119 -0.07 -9.27 33.35
N GLN B 120 0.16 -9.44 32.05
CA GLN B 120 -0.68 -10.27 31.18
C GLN B 120 -2.17 -9.90 31.23
N ILE B 121 -2.47 -8.61 31.07
CA ILE B 121 -3.85 -8.14 31.11
C ILE B 121 -4.60 -8.41 29.80
N GLN B 122 -5.81 -8.95 29.92
CA GLN B 122 -6.67 -9.27 28.77
C GLN B 122 -7.99 -8.54 28.88
N ASP B 123 -8.59 -8.21 27.73
CA ASP B 123 -9.78 -7.35 27.67
C ASP B 123 -10.91 -7.60 28.68
N GLY B 124 -11.23 -8.85 29.00
CA GLY B 124 -12.42 -9.02 29.84
C GLY B 124 -12.22 -9.25 31.33
N GLN B 125 -11.01 -8.98 31.83
CA GLN B 125 -10.65 -9.36 33.19
C GLN B 125 -11.11 -8.36 34.22
N SER B 126 -11.26 -8.81 35.46
CA SER B 126 -11.34 -7.89 36.60
C SER B 126 -9.91 -7.52 37.03
N VAL B 127 -9.67 -6.22 37.20
CA VAL B 127 -8.35 -5.64 37.44
C VAL B 127 -8.41 -4.71 38.66
N LEU B 128 -7.52 -4.92 39.62
CA LEU B 128 -7.49 -4.08 40.82
C LEU B 128 -6.19 -3.30 40.90
N ASP B 129 -6.29 -1.98 40.90
CA ASP B 129 -5.14 -1.10 41.06
C ASP B 129 -5.02 -0.68 42.53
N LEU B 130 -4.10 -1.30 43.28
CA LEU B 130 -3.92 -0.98 44.70
C LEU B 130 -2.98 0.20 44.89
N GLY B 131 -3.48 1.27 45.50
CA GLY B 131 -2.65 2.44 45.66
C GLY B 131 -2.46 3.10 44.32
N CYS B 132 -3.58 3.46 43.70
CA CYS B 132 -3.55 4.21 42.46
C CYS B 132 -3.03 5.61 42.78
N GLY B 133 -2.69 6.38 41.77
CA GLY B 133 -2.20 7.72 42.06
C GLY B 133 -2.52 8.64 40.91
N GLN B 134 -3.63 9.34 41.04
CA GLN B 134 -4.17 10.13 39.94
C GLN B 134 -4.70 9.23 38.82
N GLY B 135 -4.55 7.93 38.99
CA GLY B 135 -5.18 6.96 38.12
C GLY B 135 -4.57 6.76 36.75
N ALA B 136 -3.26 6.95 36.61
CA ALA B 136 -2.61 6.73 35.32
C ALA B 136 -2.81 5.31 34.85
N LEU B 137 -2.63 4.35 35.75
CA LEU B 137 -2.77 2.96 35.36
C LEU B 137 -4.25 2.56 35.20
N THR B 138 -5.11 2.96 36.13
CA THR B 138 -6.49 2.48 36.07
C THR B 138 -7.17 3.09 34.84
N LEU B 139 -6.92 4.36 34.59
CA LEU B 139 -7.52 5.04 33.44
C LEU B 139 -7.00 4.46 32.14
N HIS B 140 -5.71 4.12 32.11
CA HIS B 140 -5.11 3.54 30.92
C HIS B 140 -5.73 2.18 30.61
N VAL B 141 -5.81 1.32 31.62
CA VAL B 141 -6.39 0.00 31.41
C VAL B 141 -7.86 0.13 31.02
N ALA B 142 -8.60 1.02 31.68
CA ALA B 142 -10.02 1.18 31.33
C ALA B 142 -10.18 1.63 29.88
N GLN B 143 -9.41 2.64 29.50
CA GLN B 143 -9.42 3.16 28.15
C GLN B 143 -9.10 2.06 27.14
N LYS B 144 -8.07 1.28 27.45
CA LYS B 144 -7.57 0.28 26.53
C LYS B 144 -8.41 -1.00 26.42
N TYR B 145 -9.04 -1.41 27.52
CA TYR B 145 -9.83 -2.64 27.54
C TYR B 145 -11.22 -2.37 28.09
N LYS B 146 -12.17 -2.14 27.21
CA LYS B 146 -13.47 -1.60 27.59
C LYS B 146 -14.31 -2.58 28.41
N ASN B 147 -14.01 -3.86 28.30
CA ASN B 147 -14.77 -4.86 29.05
C ASN B 147 -14.04 -5.33 30.30
N CYS B 148 -12.90 -4.69 30.58
CA CYS B 148 -12.25 -4.86 31.86
C CYS B 148 -13.04 -4.15 32.94
N ARG B 149 -13.23 -4.84 34.05
CA ARG B 149 -13.80 -4.23 35.23
C ARG B 149 -12.64 -3.72 36.08
N VAL B 150 -12.46 -2.40 36.10
CA VAL B 150 -11.33 -1.81 36.81
C VAL B 150 -11.70 -1.16 38.15
N THR B 151 -11.13 -1.69 39.24
CA THR B 151 -11.29 -1.11 40.56
C THR B 151 -9.99 -0.45 41.03
N ALA B 152 -10.01 0.85 41.29
CA ALA B 152 -8.89 1.54 41.89
C ALA B 152 -9.12 1.71 43.39
N VAL B 153 -8.04 1.61 44.15
CA VAL B 153 -8.11 1.79 45.59
C VAL B 153 -7.13 2.86 46.05
N THR B 154 -7.57 3.72 46.95
CA THR B 154 -6.72 4.78 47.47
C THR B 154 -7.28 5.36 48.76
N ASN B 155 -6.41 5.82 49.63
CA ASN B 155 -6.87 6.45 50.86
C ASN B 155 -6.95 7.98 50.78
N SER B 156 -6.64 8.53 49.61
CA SER B 156 -6.78 9.97 49.39
C SER B 156 -8.11 10.32 48.73
N VAL B 157 -8.85 11.27 49.32
CA VAL B 157 -10.15 11.68 48.77
C VAL B 157 -9.95 12.47 47.48
N SER B 158 -8.86 13.24 47.42
CA SER B 158 -8.51 14.01 46.24
C SER B 158 -8.29 13.10 45.03
N GLN B 159 -7.53 12.03 45.23
CA GLN B 159 -7.22 11.11 44.16
C GLN B 159 -8.48 10.39 43.68
N LYS B 160 -9.35 10.01 44.62
CA LYS B 160 -10.61 9.40 44.25
C LYS B 160 -11.51 10.35 43.47
N GLU B 161 -11.66 11.58 43.96
CA GLU B 161 -12.52 12.56 43.32
C GLU B 161 -12.04 12.86 41.89
N TYR B 162 -10.72 12.89 41.70
CA TYR B 162 -10.17 13.15 40.37
C TYR B 162 -10.34 11.99 39.40
N ILE B 163 -10.10 10.78 39.89
CA ILE B 163 -10.21 9.60 39.03
C ILE B 163 -11.68 9.44 38.64
N GLU B 164 -12.57 9.72 39.58
CA GLU B 164 -14.00 9.64 39.33
C GLU B 164 -14.44 10.67 38.30
N GLU B 165 -14.04 11.92 38.49
CA GLU B 165 -14.40 12.97 37.55
C GLU B 165 -13.82 12.70 36.15
N GLU B 166 -12.53 12.37 36.10
CA GLU B 166 -11.87 12.07 34.82
C GLU B 166 -12.56 10.92 34.06
N SER B 167 -13.01 9.89 34.78
CA SER B 167 -13.78 8.80 34.18
C SER B 167 -15.05 9.30 33.51
N ARG B 168 -15.76 10.21 34.18
CA ARG B 168 -16.97 10.78 33.62
C ARG B 168 -16.64 11.53 32.36
N ARG B 169 -15.68 12.44 32.48
CA ARG B 169 -15.21 13.26 31.37
C ARG B 169 -14.84 12.42 30.16
N ARG B 170 -14.06 11.35 30.37
CA ARG B 170 -13.61 10.49 29.28
C ARG B 170 -14.63 9.43 28.87
N ASN B 171 -15.77 9.39 29.57
CA ASN B 171 -16.80 8.39 29.31
C ASN B 171 -16.25 6.97 29.46
N LEU B 172 -15.54 6.76 30.56
CA LEU B 172 -15.06 5.45 30.93
C LEU B 172 -16.02 4.87 31.94
N LEU B 173 -16.74 3.82 31.55
CA LEU B 173 -17.86 3.30 32.35
C LEU B 173 -17.51 2.04 33.14
N ASN B 174 -16.25 1.61 33.05
CA ASN B 174 -15.80 0.40 33.73
C ASN B 174 -14.79 0.71 34.85
N VAL B 175 -14.74 1.97 35.28
CA VAL B 175 -13.88 2.38 36.37
C VAL B 175 -14.66 2.62 37.66
N GLU B 176 -14.21 1.98 38.74
CA GLU B 176 -14.79 2.13 40.07
C GLU B 176 -13.68 2.49 41.07
N VAL B 177 -13.93 3.46 41.95
CA VAL B 177 -12.93 3.84 42.93
C VAL B 177 -13.44 3.66 44.36
N LYS B 178 -12.60 3.08 45.20
CA LYS B 178 -12.89 2.83 46.60
C LYS B 178 -11.94 3.64 47.50
N LEU B 179 -12.50 4.29 48.52
CA LEU B 179 -11.70 5.04 49.49
C LEU B 179 -11.43 4.15 50.71
N ALA B 180 -10.25 3.55 50.76
CA ALA B 180 -9.89 2.61 51.83
C ALA B 180 -8.43 2.79 52.26
N ASP B 181 -8.06 2.18 53.40
CA ASP B 181 -6.69 2.24 53.90
C ASP B 181 -5.80 1.08 53.48
N ILE B 182 -6.39 -0.01 53.00
CA ILE B 182 -5.61 -1.16 52.49
C ILE B 182 -4.91 -1.91 53.62
N THR B 183 -4.18 -1.19 54.48
CA THR B 183 -3.54 -1.87 55.62
C THR B 183 -4.59 -2.54 56.49
N THR B 184 -5.82 -2.04 56.47
CA THR B 184 -6.91 -2.62 57.25
C THR B 184 -8.12 -2.94 56.39
N HIS B 185 -8.03 -2.72 55.08
CA HIS B 185 -9.15 -2.99 54.20
C HIS B 185 -9.41 -4.48 54.01
N GLU B 186 -10.67 -4.88 54.09
CA GLU B 186 -11.12 -6.23 53.75
C GLU B 186 -12.20 -6.15 52.70
N ALA B 188 -14.97 -8.62 49.75
CA ALA B 188 -15.59 -9.88 49.36
C ALA B 188 -15.12 -10.32 47.99
N GLU B 189 -14.87 -9.33 47.13
CA GLU B 189 -14.51 -9.56 45.75
C GLU B 189 -13.16 -10.28 45.58
N THR B 190 -12.98 -10.98 44.48
CA THR B 190 -11.64 -11.39 44.07
C THR B 190 -11.44 -10.89 42.63
N TYR B 191 -10.19 -10.79 42.21
CA TYR B 191 -9.84 -10.14 40.96
C TYR B 191 -8.94 -11.03 40.13
N ASP B 192 -9.05 -10.95 38.81
CA ASP B 192 -8.19 -11.72 37.92
C ASP B 192 -6.77 -11.17 37.93
N ARG B 193 -6.65 -9.85 38.07
CA ARG B 193 -5.34 -9.20 38.06
C ARG B 193 -5.28 -8.13 39.13
N ILE B 194 -4.17 -8.10 39.87
CA ILE B 194 -3.98 -7.11 40.91
C ILE B 194 -2.65 -6.42 40.67
N LEU B 195 -2.65 -5.10 40.53
CA LEU B 195 -1.43 -4.39 40.21
C LEU B 195 -1.01 -3.50 41.37
N VAL B 196 0.25 -3.62 41.79
CA VAL B 196 0.75 -2.81 42.88
C VAL B 196 2.00 -2.07 42.41
N ILE B 197 1.83 -0.80 42.09
CA ILE B 197 2.93 -0.01 41.56
C ILE B 197 3.47 0.93 42.65
N GLU B 198 4.59 0.54 43.24
CA GLU B 198 5.33 1.38 44.19
C GLU B 198 4.51 1.73 45.44
N LEU B 199 3.79 0.73 45.96
CA LEU B 199 3.06 0.88 47.20
C LEU B 199 3.84 0.31 48.39
N PHE B 200 4.53 -0.80 48.15
CA PHE B 200 5.08 -1.60 49.23
C PHE B 200 6.17 -0.87 49.99
N GLU B 201 6.81 0.11 49.34
CA GLU B 201 7.85 0.91 50.01
C GLU B 201 7.31 1.63 51.25
N HIS B 202 6.00 1.85 51.29
CA HIS B 202 5.41 2.53 52.43
C HIS B 202 4.87 1.59 53.51
N LYS B 204 5.34 -2.16 56.03
CA LYS B 204 6.35 -2.84 56.85
C LYS B 204 6.23 -4.36 56.78
N ASN B 205 5.12 -4.91 57.29
CA ASN B 205 4.96 -6.35 57.36
C ASN B 205 4.41 -6.96 56.07
N TYR B 206 5.32 -7.36 55.19
CA TYR B 206 4.96 -7.85 53.87
C TYR B 206 4.33 -9.23 53.91
N GLU B 207 4.61 -9.99 54.96
CA GLU B 207 3.98 -11.31 55.07
C GLU B 207 2.48 -11.13 55.22
N LEU B 208 2.07 -10.28 56.14
CA LEU B 208 0.65 -10.04 56.37
C LEU B 208 0.02 -9.34 55.17
N LEU B 209 0.72 -8.38 54.59
CA LEU B 209 0.18 -7.63 53.45
C LEU B 209 -0.02 -8.53 52.22
N LEU B 210 0.98 -9.34 51.89
CA LEU B 210 0.85 -10.33 50.82
C LEU B 210 -0.20 -11.39 51.12
N ARG B 211 -0.37 -11.72 52.40
CA ARG B 211 -1.37 -12.72 52.75
C ARG B 211 -2.75 -12.13 52.52
N LYS B 212 -2.96 -10.91 53.02
CA LYS B 212 -4.19 -10.18 52.76
C LYS B 212 -4.53 -10.11 51.26
N ILE B 213 -3.58 -9.64 50.46
CA ILE B 213 -3.80 -9.42 49.03
C ILE B 213 -4.02 -10.70 48.23
N SER B 214 -3.46 -11.80 48.70
CA SER B 214 -3.55 -13.06 47.97
C SER B 214 -4.96 -13.65 48.09
N GLU B 215 -5.69 -13.25 49.13
CA GLU B 215 -7.10 -13.62 49.26
C GLU B 215 -7.98 -12.93 48.21
N TRP B 216 -7.49 -11.82 47.68
CA TRP B 216 -8.22 -11.01 46.69
C TRP B 216 -7.98 -11.50 45.28
N ILE B 217 -7.08 -12.48 45.14
CA ILE B 217 -6.74 -13.03 43.84
C ILE B 217 -7.66 -14.19 43.47
N SER B 218 -8.17 -14.17 42.24
CA SER B 218 -8.99 -15.27 41.74
C SER B 218 -8.14 -16.50 41.47
N LYS B 219 -8.80 -17.63 41.25
CA LYS B 219 -8.13 -18.93 41.09
C LYS B 219 -6.87 -18.83 40.25
N ASP B 220 -7.03 -18.52 38.97
CA ASP B 220 -5.88 -18.48 38.07
C ASP B 220 -5.39 -17.04 37.86
N GLY B 221 -5.52 -16.22 38.90
CA GLY B 221 -5.18 -14.81 38.80
C GLY B 221 -3.72 -14.50 39.05
N LEU B 222 -3.33 -13.27 38.75
CA LEU B 222 -1.97 -12.85 38.93
C LEU B 222 -1.88 -11.59 39.77
N LEU B 223 -0.79 -11.48 40.54
CA LEU B 223 -0.42 -10.25 41.22
C LEU B 223 0.85 -9.69 40.59
N PHE B 224 0.80 -8.43 40.13
CA PHE B 224 1.98 -7.81 39.55
C PHE B 224 2.49 -6.64 40.38
N LEU B 225 3.78 -6.68 40.74
CA LEU B 225 4.37 -5.70 41.65
C LEU B 225 5.55 -4.95 41.01
N GLU B 226 5.58 -3.63 41.20
CA GLU B 226 6.74 -2.81 40.88
C GLU B 226 7.21 -2.13 42.15
N HIS B 227 8.52 -2.16 42.38
CA HIS B 227 9.09 -1.43 43.50
C HIS B 227 10.48 -0.93 43.16
N ILE B 228 10.88 0.18 43.77
CA ILE B 228 12.25 0.64 43.67
C ILE B 228 13.09 -0.30 44.53
N CYS B 229 14.41 -0.20 44.40
CA CYS B 229 15.27 -1.07 45.17
C CYS B 229 16.72 -0.74 44.95
N HIS B 230 17.56 -1.30 45.80
CA HIS B 230 18.95 -1.44 45.49
C HIS B 230 19.16 -2.86 45.01
N LYS B 231 20.04 -3.04 44.03
CA LYS B 231 20.19 -4.36 43.42
C LYS B 231 20.70 -5.42 44.40
N THR B 232 21.33 -5.01 45.50
CA THR B 232 21.98 -5.98 46.38
C THR B 232 21.56 -5.92 47.85
N PHE B 233 21.47 -4.73 48.45
CA PHE B 233 21.08 -4.71 49.86
C PHE B 233 19.73 -4.02 50.10
N ALA B 234 19.25 -4.16 51.32
CA ALA B 234 17.93 -3.67 51.68
C ALA B 234 18.02 -2.96 53.02
N TYR B 235 17.20 -1.93 53.23
CA TYR B 235 17.27 -1.18 54.48
C TYR B 235 16.09 -0.28 54.75
N HIS B 236 15.86 -0.05 56.04
CA HIS B 236 14.98 1.02 56.47
C HIS B 236 15.54 2.34 56.00
N TYR B 237 14.68 3.18 55.45
CA TYR B 237 15.10 4.50 55.06
C TYR B 237 15.22 5.38 56.31
N GLU B 238 16.31 5.13 57.02
CA GLU B 238 16.68 5.86 58.24
C GLU B 238 18.09 6.38 58.05
N PRO B 239 18.41 7.54 58.63
CA PRO B 239 19.76 8.11 58.53
C PRO B 239 20.88 7.14 58.92
N LEU B 240 21.91 7.05 58.06
CA LEU B 240 23.15 6.31 58.30
C LEU B 240 23.73 6.57 59.68
N ASP B 241 23.98 7.86 59.90
CA ASP B 241 24.52 8.40 61.15
C ASP B 241 24.05 9.85 61.26
N ASP B 242 24.74 10.65 62.06
CA ASP B 242 24.29 12.02 62.33
C ASP B 242 24.78 13.04 61.29
N ASP B 243 25.60 12.60 60.34
CA ASP B 243 26.03 13.45 59.23
C ASP B 243 25.16 13.26 58.00
N ASP B 244 24.23 12.32 58.09
CA ASP B 244 23.38 11.97 56.95
C ASP B 244 22.20 12.92 56.84
N TRP B 245 22.33 13.92 55.97
CA TRP B 245 21.26 14.90 55.79
C TRP B 245 20.28 14.46 54.70
N PHE B 246 20.72 13.52 53.88
CA PHE B 246 20.03 13.20 52.63
C PHE B 246 18.84 12.26 52.82
N THR B 247 18.96 11.33 53.77
CA THR B 247 17.92 10.33 53.96
C THR B 247 16.59 10.95 54.40
N GLU B 248 16.66 12.04 55.14
CA GLU B 248 15.43 12.70 55.60
C GLU B 248 15.08 13.92 54.76
N TYR B 249 15.89 14.18 53.75
CA TYR B 249 15.75 15.35 52.91
C TYR B 249 14.39 15.43 52.23
N VAL B 250 13.83 14.28 51.85
CA VAL B 250 12.52 14.25 51.18
C VAL B 250 11.42 13.60 52.00
N PHE B 251 11.69 12.42 52.55
CA PHE B 251 10.69 11.73 53.34
C PHE B 251 11.08 11.76 54.79
N PRO B 252 10.08 11.83 55.69
CA PRO B 252 10.38 11.68 57.12
C PRO B 252 10.87 10.25 57.42
N ALA B 253 11.72 10.08 58.43
CA ALA B 253 12.33 8.79 58.69
C ALA B 253 11.27 7.74 59.07
N GLY B 254 11.53 6.48 58.75
CA GLY B 254 10.59 5.40 59.02
C GLY B 254 9.40 5.38 58.07
N THR B 255 9.36 6.35 57.17
CA THR B 255 8.33 6.40 56.14
C THR B 255 8.53 5.29 55.09
N ILE B 257 10.89 1.80 53.29
CA ILE B 257 11.83 0.71 53.21
C ILE B 257 12.37 0.64 51.79
N ILE B 258 13.68 0.59 51.65
CA ILE B 258 14.29 0.38 50.33
C ILE B 258 14.65 -1.08 50.17
N PRO B 259 13.81 -1.84 49.45
CA PRO B 259 14.01 -3.28 49.29
C PRO B 259 15.23 -3.61 48.44
N SER B 260 15.79 -4.81 48.61
CA SER B 260 16.77 -5.31 47.67
C SER B 260 15.97 -5.72 46.46
N ALA B 261 16.63 -6.05 45.36
CA ALA B 261 15.92 -6.50 44.17
C ALA B 261 15.28 -7.84 44.47
N SER B 262 15.96 -8.64 45.28
CA SER B 262 15.53 -10.01 45.60
C SER B 262 14.48 -10.05 46.70
N PHE B 263 14.16 -8.88 47.25
CA PHE B 263 13.51 -8.85 48.55
C PHE B 263 12.22 -9.66 48.62
N PHE B 264 11.37 -9.55 47.61
CA PHE B 264 10.05 -10.15 47.78
C PHE B 264 10.04 -11.63 47.44
N LEU B 265 11.21 -12.14 47.07
CA LEU B 265 11.37 -13.59 46.89
C LEU B 265 11.40 -14.31 48.25
N TYR B 266 11.56 -13.54 49.33
CA TYR B 266 11.55 -14.10 50.68
C TYR B 266 10.16 -13.99 51.32
N PHE B 267 9.18 -13.58 50.54
CA PHE B 267 7.81 -13.45 51.07
C PHE B 267 6.83 -14.20 50.19
N GLN B 268 7.02 -15.52 50.10
CA GLN B 268 6.30 -16.34 49.17
C GLN B 268 5.55 -17.43 49.92
N ASP B 269 5.00 -17.06 51.07
CA ASP B 269 4.13 -17.94 51.84
C ASP B 269 2.75 -18.12 51.23
N ASP B 270 2.24 -17.09 50.57
CA ASP B 270 0.86 -17.13 50.06
C ASP B 270 0.78 -16.88 48.55
N VAL B 271 1.88 -16.42 47.98
CA VAL B 271 1.98 -16.26 46.52
C VAL B 271 3.30 -16.87 46.07
N SER B 272 3.39 -17.19 44.78
CA SER B 272 4.60 -17.74 44.19
C SER B 272 5.04 -16.92 43.01
N VAL B 273 6.31 -16.54 43.00
CA VAL B 273 6.90 -15.79 41.89
C VAL B 273 6.89 -16.63 40.62
N VAL B 274 6.28 -16.11 39.57
CA VAL B 274 6.30 -16.75 38.27
C VAL B 274 7.34 -16.06 37.37
N ASN B 275 7.47 -14.75 37.50
CA ASN B 275 8.50 -14.02 36.79
C ASN B 275 9.10 -12.85 37.56
N HIS B 276 10.28 -12.43 37.13
CA HIS B 276 11.03 -11.41 37.83
C HIS B 276 11.93 -10.69 36.83
N TRP B 277 11.81 -9.36 36.82
CA TRP B 277 12.60 -8.49 35.95
C TRP B 277 13.21 -7.32 36.70
N THR B 278 14.28 -6.74 36.19
CA THR B 278 14.69 -5.42 36.67
C THR B 278 14.88 -4.46 35.49
N LEU B 279 14.81 -3.17 35.77
CA LEU B 279 15.06 -2.12 34.80
C LEU B 279 16.06 -1.14 35.38
N SER B 280 16.99 -0.68 34.55
CA SER B 280 17.99 0.32 34.95
C SER B 280 17.41 1.49 35.77
N GLY B 281 18.22 2.03 36.68
CA GLY B 281 17.81 3.21 37.41
C GLY B 281 17.78 4.46 36.54
N LYS B 282 18.35 4.37 35.34
CA LYS B 282 18.39 5.53 34.43
C LYS B 282 16.98 5.99 34.08
N HIS B 283 16.03 5.05 34.10
CA HIS B 283 14.65 5.36 33.73
C HIS B 283 14.01 6.29 34.73
N PHE B 284 14.16 5.95 36.01
CA PHE B 284 13.61 6.80 37.06
C PHE B 284 14.46 8.05 37.24
N SER B 285 15.72 7.96 36.84
CA SER B 285 16.58 9.13 36.82
C SER B 285 16.02 10.13 35.78
N ARG B 286 15.86 9.69 34.54
CA ARG B 286 15.35 10.56 33.48
C ARG B 286 13.95 11.11 33.80
N THR B 287 13.12 10.30 34.45
CA THR B 287 11.75 10.70 34.83
C THR B 287 11.76 11.90 35.76
N ASN B 288 12.60 11.81 36.79
CA ASN B 288 12.81 12.88 37.75
C ASN B 288 13.41 14.10 37.08
N GLU B 289 14.26 13.87 36.09
CA GLU B 289 14.88 14.96 35.37
C GLU B 289 13.79 15.70 34.59
N GLU B 290 12.87 14.93 34.00
CA GLU B 290 11.77 15.51 33.24
C GLU B 290 10.83 16.32 34.14
N TRP B 291 10.55 15.80 35.33
CA TRP B 291 9.71 16.54 36.25
C TRP B 291 10.39 17.85 36.63
N LEU B 292 11.67 17.77 36.95
CA LEU B 292 12.44 18.91 37.37
C LEU B 292 12.48 19.99 36.28
N LYS B 293 12.54 19.60 35.01
CA LYS B 293 12.54 20.60 33.93
C LYS B 293 11.23 21.38 33.91
N ARG B 294 10.12 20.65 34.04
CA ARG B 294 8.80 21.25 34.03
C ARG B 294 8.61 22.20 35.21
N LEU B 295 9.18 21.83 36.35
CA LEU B 295 9.12 22.68 37.53
C LEU B 295 9.81 24.02 37.25
N ASP B 296 11.07 23.95 36.84
CA ASP B 296 11.88 25.13 36.61
C ASP B 296 11.42 25.97 35.42
N ALA B 297 10.56 25.43 34.57
CA ALA B 297 10.08 26.19 33.42
C ALA B 297 8.74 26.87 33.69
N ASN B 298 8.05 26.43 34.73
CA ASN B 298 6.72 26.96 35.00
C ASN B 298 6.61 27.67 36.33
N LEU B 299 7.72 28.21 36.82
CA LEU B 299 7.72 28.94 38.09
C LEU B 299 6.74 30.11 38.07
N ASP B 300 6.56 30.72 36.89
CA ASP B 300 5.68 31.88 36.76
C ASP B 300 4.23 31.54 37.09
N VAL B 301 3.88 30.28 36.96
CA VAL B 301 2.55 29.78 37.31
C VAL B 301 2.53 29.11 38.69
N ILE B 302 3.55 28.29 38.96
CA ILE B 302 3.65 27.50 40.18
C ILE B 302 3.89 28.37 41.41
N LYS B 303 4.73 29.38 41.24
CA LYS B 303 5.08 30.28 42.32
C LYS B 303 3.83 31.01 42.84
N PRO B 304 3.10 31.70 41.94
CA PRO B 304 1.84 32.37 42.29
C PRO B 304 0.81 31.45 42.98
N PHE B 306 1.36 28.77 44.66
CA PHE B 306 1.86 28.30 45.94
C PHE B 306 1.66 29.32 47.07
N GLU B 307 1.80 30.61 46.79
CA GLU B 307 1.62 31.58 47.86
C GLU B 307 0.17 32.06 47.93
N THR B 308 -0.61 31.71 46.92
CA THR B 308 -2.05 31.86 47.05
C THR B 308 -2.52 30.80 48.02
N LEU B 309 -2.06 29.57 47.80
CA LEU B 309 -2.53 28.42 48.55
C LEU B 309 -2.31 28.60 50.04
N GLY B 311 0.08 30.76 53.32
CA GLY B 311 0.40 32.10 53.78
C GLY B 311 1.07 33.03 52.78
N ASN B 312 2.40 32.94 52.70
CA ASN B 312 3.18 33.95 52.00
C ASN B 312 4.10 33.38 50.94
N GLU B 313 5.00 34.24 50.48
CA GLU B 313 5.99 33.89 49.48
C GLU B 313 7.02 32.88 50.03
N GLU B 314 7.48 33.09 51.26
CA GLU B 314 8.45 32.19 51.91
C GLU B 314 8.00 30.73 51.93
N GLU B 315 6.78 30.47 52.38
CA GLU B 315 6.22 29.13 52.36
C GLU B 315 6.19 28.57 50.95
N ALA B 316 5.92 29.45 49.98
CA ALA B 316 5.85 29.06 48.58
C ALA B 316 7.23 28.67 48.05
N VAL B 317 8.25 29.43 48.44
CA VAL B 317 9.60 29.17 47.98
C VAL B 317 10.13 27.87 48.56
N LYS B 318 9.80 27.62 49.83
CA LYS B 318 10.20 26.38 50.47
C LYS B 318 9.59 25.17 49.75
N LEU B 319 8.34 25.33 49.34
CA LEU B 319 7.59 24.25 48.71
C LEU B 319 8.13 23.90 47.31
N ILE B 320 8.59 24.92 46.59
CA ILE B 320 9.25 24.72 45.33
C ILE B 320 10.58 23.99 45.53
N ASN B 321 11.35 24.44 46.51
CA ASN B 321 12.66 23.85 46.71
C ASN B 321 12.54 22.43 47.28
N TYR B 322 11.39 22.14 47.88
CA TYR B 322 11.12 20.78 48.32
C TYR B 322 10.90 19.88 47.10
N TRP B 323 10.03 20.29 46.20
CA TRP B 323 9.82 19.54 44.97
C TRP B 323 11.11 19.43 44.18
N ARG B 324 11.87 20.51 44.14
CA ARG B 324 13.17 20.48 43.51
C ARG B 324 14.05 19.39 44.10
N GLY B 325 14.08 19.30 45.42
CA GLY B 325 14.92 18.33 46.10
C GLY B 325 14.36 16.93 45.91
N PHE B 326 13.05 16.86 45.71
CA PHE B 326 12.38 15.60 45.41
C PHE B 326 12.96 15.05 44.12
N CYS B 327 13.04 15.92 43.12
CA CYS B 327 13.50 15.51 41.80
C CYS B 327 15.00 15.18 41.79
N LEU B 328 15.81 16.07 42.35
CA LEU B 328 17.24 15.87 42.38
C LEU B 328 17.59 14.57 43.09
N SER B 329 16.90 14.27 44.19
CA SER B 329 17.16 13.02 44.90
C SER B 329 16.93 11.82 44.00
N GLY B 330 15.75 11.76 43.36
CA GLY B 330 15.43 10.68 42.44
C GLY B 330 16.43 10.58 41.29
N GLU B 332 19.59 11.77 41.00
CA GLU B 332 20.95 11.45 41.44
C GLU B 332 21.06 10.03 41.99
N PHE B 334 18.92 7.26 41.50
CA PHE B 334 18.71 6.20 40.52
C PHE B 334 19.70 6.29 39.35
N GLY B 335 20.32 7.45 39.15
CA GLY B 335 21.26 7.62 38.07
C GLY B 335 22.67 7.21 38.48
N TYR B 336 22.88 7.02 39.78
CA TYR B 336 24.20 6.70 40.31
C TYR B 336 24.80 5.45 39.67
N ASN B 337 26.09 5.52 39.37
CA ASN B 337 26.80 4.43 38.70
C ASN B 337 26.08 3.97 37.46
N ASN B 338 25.57 4.93 36.69
CA ASN B 338 24.95 4.59 35.41
C ASN B 338 23.68 3.76 35.58
N GLY B 339 22.99 3.94 36.70
CA GLY B 339 21.71 3.27 36.95
C GLY B 339 21.83 1.82 37.43
N GLU B 340 23.03 1.45 37.87
CA GLU B 340 23.31 0.06 38.22
C GLU B 340 23.43 -0.17 39.72
N GLU B 341 22.85 0.74 40.49
CA GLU B 341 22.80 0.57 41.94
C GLU B 341 21.37 0.56 42.43
N TRP B 342 20.72 1.72 42.41
CA TRP B 342 19.31 1.82 42.73
C TRP B 342 18.49 1.77 41.44
N ALA B 344 14.63 -0.30 39.53
CA ALA B 344 13.27 -0.80 39.67
C ALA B 344 13.20 -2.32 39.51
N SER B 345 12.29 -2.91 40.27
CA SER B 345 12.06 -4.33 40.23
C SER B 345 10.60 -4.60 39.87
N HIS B 346 10.41 -5.55 38.97
CA HIS B 346 9.06 -6.04 38.62
C HIS B 346 8.92 -7.51 38.98
N VAL B 347 7.85 -7.83 39.71
CA VAL B 347 7.64 -9.19 40.19
C VAL B 347 6.24 -9.64 39.80
N LEU B 348 6.14 -10.81 39.20
CA LEU B 348 4.86 -11.40 38.88
C LEU B 348 4.62 -12.62 39.79
N PHE B 349 3.49 -12.62 40.48
CA PHE B 349 3.13 -13.72 41.38
C PHE B 349 1.87 -14.42 40.91
N LYS B 350 1.78 -15.71 41.26
CA LYS B 350 0.50 -16.39 41.21
C LYS B 350 0.11 -16.81 42.62
N LYS B 351 -1.12 -17.25 42.77
CA LYS B 351 -1.63 -17.67 44.07
C LYS B 351 -1.00 -18.99 44.52
N LYS C 3 -25.83 -24.96 -29.17
CA LYS C 3 -24.91 -23.94 -28.70
C LYS C 3 -24.21 -23.17 -29.84
N LYS C 4 -24.58 -23.45 -31.08
CA LYS C 4 -24.13 -22.61 -32.19
C LYS C 4 -24.71 -21.21 -32.03
N ALA C 5 -25.85 -21.15 -31.35
CA ALA C 5 -26.56 -19.89 -31.14
C ALA C 5 -25.93 -19.10 -30.00
N ALA C 6 -25.32 -19.79 -29.04
CA ALA C 6 -24.58 -19.13 -27.98
C ALA C 6 -23.40 -18.34 -28.55
N ILE C 7 -22.77 -18.90 -29.59
CA ILE C 7 -21.70 -18.21 -30.31
C ILE C 7 -22.23 -16.97 -31.03
N VAL C 8 -23.39 -17.13 -31.67
CA VAL C 8 -24.07 -16.05 -32.40
C VAL C 8 -24.43 -14.86 -31.49
N GLU C 9 -24.89 -15.16 -30.28
CA GLU C 9 -25.16 -14.14 -29.29
C GLU C 9 -23.84 -13.51 -28.78
N LEU C 10 -22.78 -14.32 -28.71
CA LEU C 10 -21.48 -13.80 -28.31
C LEU C 10 -20.98 -12.78 -29.34
N LEU C 11 -21.01 -13.17 -30.62
CA LEU C 11 -20.45 -12.31 -31.65
C LEU C 11 -21.22 -10.99 -31.73
N LYS C 12 -22.53 -11.04 -31.54
CA LYS C 12 -23.34 -9.84 -31.57
C LYS C 12 -23.09 -8.89 -30.39
N GLN C 13 -22.93 -9.46 -29.19
CA GLN C 13 -22.58 -8.64 -28.03
C GLN C 13 -21.21 -8.00 -28.23
N LEU C 14 -20.26 -8.74 -28.80
CA LEU C 14 -18.92 -8.23 -29.04
C LEU C 14 -18.97 -7.08 -30.03
N GLU C 15 -19.74 -7.26 -31.10
CA GLU C 15 -19.95 -6.20 -32.09
C GLU C 15 -20.44 -4.89 -31.49
N LEU C 16 -21.31 -5.02 -30.48
CA LEU C 16 -21.92 -3.86 -29.83
C LEU C 16 -21.09 -3.36 -28.64
N GLY C 17 -19.99 -4.04 -28.33
CA GLY C 17 -19.13 -3.64 -27.24
C GLY C 17 -19.78 -3.81 -25.87
N LEU C 18 -20.52 -4.90 -25.70
CA LEU C 18 -21.23 -5.16 -24.45
C LEU C 18 -20.46 -6.09 -23.52
N VAL C 19 -19.28 -6.54 -23.95
CA VAL C 19 -18.45 -7.42 -23.13
C VAL C 19 -17.20 -6.67 -22.65
N PRO C 20 -17.00 -6.59 -21.32
CA PRO C 20 -15.80 -5.91 -20.81
C PRO C 20 -14.52 -6.64 -21.23
N TYR C 21 -13.42 -5.91 -21.37
CA TYR C 21 -12.17 -6.48 -21.91
C TYR C 21 -11.72 -7.75 -21.19
N ASP C 22 -11.88 -7.78 -19.88
CA ASP C 22 -11.35 -8.90 -19.12
C ASP C 22 -12.10 -10.16 -19.46
N ASP C 23 -13.40 -10.04 -19.73
CA ASP C 23 -14.18 -11.21 -20.15
C ASP C 23 -13.82 -11.67 -21.57
N ILE C 24 -13.56 -10.70 -22.46
CA ILE C 24 -13.14 -11.01 -23.82
C ILE C 24 -11.82 -11.76 -23.74
N LYS C 25 -10.89 -11.25 -22.93
CA LYS C 25 -9.58 -11.87 -22.78
C LYS C 25 -9.64 -13.33 -22.30
N GLN C 26 -10.50 -13.59 -21.32
CA GLN C 26 -10.59 -14.94 -20.78
C GLN C 26 -11.22 -15.89 -21.81
N LEU C 27 -12.26 -15.42 -22.49
CA LEU C 27 -12.85 -16.16 -23.62
C LEU C 27 -11.81 -16.46 -24.70
N ILE C 28 -10.95 -15.51 -24.99
CA ILE C 28 -9.92 -15.71 -26.00
C ILE C 28 -8.90 -16.77 -25.54
N ARG C 29 -8.42 -16.62 -24.30
CA ARG C 29 -7.42 -17.52 -23.71
C ARG C 29 -7.86 -19.00 -23.74
N ARG C 30 -9.11 -19.24 -23.38
CA ARG C 30 -9.65 -20.60 -23.39
C ARG C 30 -9.70 -21.17 -24.82
N GLU C 31 -9.82 -20.32 -25.84
CA GLU C 31 -9.79 -20.79 -27.23
C GLU C 31 -8.37 -21.09 -27.66
N LEU C 32 -7.45 -20.25 -27.23
CA LEU C 32 -6.05 -20.49 -27.50
C LEU C 32 -5.55 -21.77 -26.82
N ALA C 33 -6.04 -22.04 -25.60
CA ALA C 33 -5.69 -23.25 -24.89
C ALA C 33 -6.08 -24.48 -25.73
N ARG C 34 -7.29 -24.43 -26.27
CA ARG C 34 -7.81 -25.48 -27.14
C ARG C 34 -6.95 -25.69 -28.40
N ARG C 35 -6.53 -24.58 -29.00
CA ARG C 35 -5.61 -24.61 -30.13
C ARG C 35 -4.32 -25.33 -29.76
N LEU C 36 -3.78 -25.03 -28.58
CA LEU C 36 -2.53 -25.67 -28.13
C LEU C 36 -2.70 -27.18 -27.92
N GLN C 37 -3.86 -27.59 -27.43
CA GLN C 37 -4.14 -29.01 -27.24
C GLN C 37 -4.27 -29.68 -28.60
N TRP C 38 -4.75 -28.92 -29.57
CA TRP C 38 -4.96 -29.45 -30.91
C TRP C 38 -3.64 -29.57 -31.66
N GLY C 39 -2.73 -28.65 -31.39
CA GLY C 39 -1.50 -28.54 -32.15
C GLY C 39 -0.41 -29.46 -31.64
N TYR C 40 -0.33 -29.61 -30.33
CA TYR C 40 0.67 -30.46 -29.74
C TYR C 40 0.27 -31.92 -29.88
N LYS C 41 1.26 -32.76 -30.20
CA LYS C 41 1.08 -34.21 -30.37
C LYS C 41 1.76 -34.92 -29.22
N PRO C 42 1.22 -36.07 -28.79
CA PRO C 42 1.84 -36.80 -27.68
C PRO C 42 3.23 -37.37 -28.03
N THR C 43 3.49 -37.56 -29.32
CA THR C 43 4.80 -38.03 -29.74
C THR C 43 5.48 -37.07 -30.72
N TYR C 44 6.80 -36.99 -30.66
CA TYR C 44 7.49 -36.06 -31.55
C TYR C 44 7.38 -36.53 -32.99
N GLU C 45 7.39 -37.85 -33.17
CA GLU C 45 7.21 -38.44 -34.48
C GLU C 45 5.96 -37.87 -35.17
N GLU C 46 4.84 -37.78 -34.44
CA GLU C 46 3.61 -37.17 -34.96
C GLU C 46 3.76 -35.68 -35.20
N GLN C 47 4.48 -35.01 -34.30
CA GLN C 47 4.68 -33.57 -34.40
C GLN C 47 5.33 -33.26 -35.74
N ILE C 48 6.34 -34.04 -36.07
CA ILE C 48 7.07 -33.82 -37.29
C ILE C 48 6.28 -34.29 -38.51
N ALA C 49 5.46 -35.31 -38.33
CA ALA C 49 4.64 -35.76 -39.44
C ALA C 49 3.67 -34.66 -39.84
N GLU C 50 3.15 -33.93 -38.86
CA GLU C 50 2.17 -32.92 -39.14
C GLU C 50 2.77 -31.82 -40.01
N ILE C 51 3.99 -31.41 -39.71
CA ILE C 51 4.63 -30.37 -40.51
C ILE C 51 4.77 -30.85 -41.97
N GLN C 52 5.22 -32.09 -42.15
CA GLN C 52 5.42 -32.65 -43.50
C GLN C 52 4.12 -32.70 -44.29
N ASN C 53 3.03 -33.08 -43.62
CA ASN C 53 1.70 -33.02 -44.22
C ASN C 53 1.38 -31.67 -44.82
N LEU C 54 1.65 -30.62 -44.05
CA LEU C 54 1.32 -29.28 -44.47
C LEU C 54 2.25 -28.83 -45.59
N THR C 55 3.55 -29.08 -45.44
CA THR C 55 4.50 -28.60 -46.44
C THR C 55 4.23 -29.24 -47.78
N HIS C 56 3.82 -30.51 -47.78
CA HIS C 56 3.56 -31.21 -49.03
C HIS C 56 2.24 -30.77 -49.64
N SER C 57 1.28 -30.45 -48.78
CA SER C 57 0.00 -29.90 -49.20
C SER C 57 0.15 -28.56 -49.91
N LEU C 58 0.89 -27.64 -49.29
CA LEU C 58 1.09 -26.30 -49.85
C LEU C 58 1.77 -26.33 -51.24
N ARG C 59 2.57 -27.36 -51.49
CA ARG C 59 3.30 -27.48 -52.75
C ARG C 59 2.36 -27.86 -53.89
N GLN C 60 1.09 -28.10 -53.55
CA GLN C 60 0.09 -28.49 -54.55
C GLN C 60 -0.83 -27.32 -54.90
N LYS C 62 -1.71 -22.95 -55.68
CA LYS C 62 -1.19 -21.73 -56.28
C LYS C 62 -0.52 -20.90 -55.19
N ILE C 63 0.08 -19.78 -55.57
CA ILE C 63 0.77 -18.95 -54.60
C ILE C 63 -0.21 -18.27 -53.65
N ALA C 64 -1.36 -17.81 -54.15
CA ALA C 64 -2.40 -17.28 -53.27
C ALA C 64 -3.76 -17.88 -53.63
N THR C 65 -4.72 -17.85 -52.71
CA THR C 65 -6.04 -18.44 -52.99
C THR C 65 -7.01 -17.46 -53.63
N PRO C 78 -8.02 3.46 -44.37
CA PRO C 78 -7.72 4.90 -44.41
C PRO C 78 -6.40 5.25 -43.72
N ILE C 79 -5.50 5.97 -44.41
CA ILE C 79 -4.23 6.35 -43.82
C ILE C 79 -4.39 7.17 -42.53
N GLU C 80 -5.48 7.93 -42.43
CA GLU C 80 -5.77 8.73 -41.24
C GLU C 80 -5.97 7.84 -40.04
N PHE C 81 -6.58 6.68 -40.26
CA PHE C 81 -6.82 5.75 -39.18
C PHE C 81 -5.50 5.15 -38.71
N LEU C 82 -4.58 4.93 -39.65
CA LEU C 82 -3.30 4.33 -39.33
C LEU C 82 -2.42 5.29 -38.53
N LYS C 83 -2.47 6.58 -38.86
CA LYS C 83 -1.67 7.60 -38.16
C LYS C 83 -2.02 7.72 -36.69
N ILE C 84 -3.26 7.39 -36.37
CA ILE C 84 -3.75 7.42 -35.00
C ILE C 84 -3.36 6.19 -34.23
N ASN C 86 -1.17 3.63 -35.19
CA ASN C 86 0.22 3.23 -35.25
C ASN C 86 1.10 4.28 -34.66
N GLY C 87 2.39 3.99 -34.56
CA GLY C 87 3.37 4.97 -34.14
C GLY C 87 3.62 6.03 -35.20
N SER C 88 4.65 6.84 -34.98
CA SER C 88 4.99 7.89 -35.92
C SER C 88 5.33 7.32 -37.31
N ASN C 89 5.73 6.05 -37.36
CA ASN C 89 6.25 5.48 -38.58
C ASN C 89 5.34 4.50 -39.30
N LEU C 90 4.17 4.25 -38.75
CA LEU C 90 3.16 3.43 -39.44
C LEU C 90 3.67 2.05 -39.79
N LYS C 91 4.27 1.39 -38.80
CA LYS C 91 4.63 -0.01 -38.94
C LYS C 91 3.39 -0.79 -38.56
N GLY C 92 2.82 -1.53 -39.51
CA GLY C 92 1.62 -2.29 -39.21
C GLY C 92 1.96 -3.70 -38.82
N SER C 93 3.13 -3.91 -38.23
CA SER C 93 3.55 -5.25 -37.85
C SER C 93 4.31 -5.21 -36.52
N CYS C 94 4.98 -6.30 -36.18
CA CYS C 94 5.61 -6.45 -34.87
C CYS C 94 6.64 -5.36 -34.61
N CYS C 95 6.54 -4.71 -33.45
CA CYS C 95 7.54 -3.74 -33.01
C CYS C 95 8.42 -4.35 -31.92
N TYR C 96 9.57 -3.74 -31.66
CA TYR C 96 10.52 -4.36 -30.74
C TYR C 96 10.74 -3.53 -29.47
N PHE C 97 10.23 -4.04 -28.36
CA PHE C 97 10.28 -3.34 -27.08
C PHE C 97 11.44 -3.83 -26.22
N LYS C 98 12.63 -3.28 -26.43
CA LYS C 98 13.67 -3.47 -25.41
C LYS C 98 13.16 -2.64 -24.26
N GLU C 99 13.17 -3.17 -23.04
CA GLU C 99 12.77 -2.35 -21.90
C GLU C 99 11.26 -2.12 -21.76
N ASP C 100 10.78 -2.28 -20.54
CA ASP C 100 9.40 -2.09 -20.16
C ASP C 100 8.83 -0.70 -20.49
N SER C 101 9.69 0.31 -20.42
CA SER C 101 9.26 1.71 -20.57
C SER C 101 9.20 2.19 -22.02
N THR C 102 9.62 1.33 -22.94
CA THR C 102 9.65 1.70 -24.35
C THR C 102 8.26 2.01 -24.87
N THR C 103 8.15 3.14 -25.56
CA THR C 103 6.89 3.51 -26.15
C THR C 103 6.82 2.90 -27.55
N LEU C 104 5.62 2.90 -28.12
CA LEU C 104 5.41 2.34 -29.44
C LEU C 104 6.31 2.98 -30.50
N ASP C 105 6.26 4.31 -30.62
CA ASP C 105 7.01 5.03 -31.66
C ASP C 105 8.46 4.56 -31.67
N GLU C 106 9.02 4.41 -30.47
CA GLU C 106 10.40 3.98 -30.29
C GLU C 106 10.59 2.47 -30.57
N ALA C 107 9.57 1.67 -30.28
CA ALA C 107 9.63 0.25 -30.56
C ALA C 107 9.68 0.00 -32.08
N GLU C 108 9.02 0.87 -32.84
CA GLU C 108 9.04 0.83 -34.29
C GLU C 108 10.44 1.00 -34.86
N ILE C 109 11.10 2.08 -34.48
CA ILE C 109 12.48 2.32 -34.90
C ILE C 109 13.42 1.18 -34.53
N ALA C 110 13.30 0.68 -33.31
CA ALA C 110 14.17 -0.40 -32.84
C ALA C 110 14.04 -1.63 -33.74
N LEU C 112 13.01 -1.69 -36.87
CA LEU C 112 13.48 -1.33 -38.19
C LEU C 112 15.02 -1.37 -38.21
N ASP C 113 15.63 -0.93 -37.11
CA ASP C 113 17.08 -1.01 -36.99
C ASP C 113 17.48 -2.47 -37.00
N LEU C 114 16.73 -3.30 -36.26
CA LEU C 114 17.00 -4.73 -36.23
C LEU C 114 16.99 -5.34 -37.66
N TYR C 115 16.00 -4.97 -38.47
CA TYR C 115 15.92 -5.50 -39.85
C TYR C 115 17.19 -5.17 -40.63
N CYS C 116 17.65 -3.94 -40.48
CA CYS C 116 18.83 -3.47 -41.19
C CYS C 116 20.08 -4.24 -40.75
N GLU C 117 20.18 -4.57 -39.47
CA GLU C 117 21.32 -5.36 -39.03
C GLU C 117 21.22 -6.76 -39.60
N ARG C 118 20.09 -7.44 -39.39
CA ARG C 118 20.04 -8.86 -39.69
C ARG C 118 20.05 -9.11 -41.20
N ALA C 119 19.63 -8.11 -41.97
CA ALA C 119 19.62 -8.22 -43.43
C ALA C 119 20.95 -7.76 -44.02
N GLN C 120 21.80 -7.21 -43.16
CA GLN C 120 23.13 -6.77 -43.55
C GLN C 120 23.06 -5.80 -44.71
N ILE C 121 22.35 -4.68 -44.51
CA ILE C 121 22.24 -3.64 -45.54
C ILE C 121 23.51 -2.78 -45.58
N GLN C 122 24.04 -2.54 -46.78
CA GLN C 122 25.23 -1.70 -46.96
C GLN C 122 24.89 -0.51 -47.83
N ASP C 123 25.66 0.57 -47.68
CA ASP C 123 25.29 1.90 -48.17
C ASP C 123 24.89 1.98 -49.65
N GLY C 124 25.51 1.19 -50.51
CA GLY C 124 25.27 1.40 -51.94
C GLY C 124 24.36 0.40 -52.61
N GLN C 125 23.68 -0.43 -51.81
CA GLN C 125 22.95 -1.58 -52.35
C GLN C 125 21.55 -1.24 -52.86
N SER C 126 21.10 -2.01 -53.84
CA SER C 126 19.71 -1.98 -54.26
C SER C 126 18.89 -2.83 -53.28
N VAL C 127 17.78 -2.26 -52.80
CA VAL C 127 16.97 -2.85 -51.74
C VAL C 127 15.50 -2.81 -52.15
N LEU C 128 14.79 -3.87 -51.88
CA LEU C 128 13.37 -3.95 -52.20
C LEU C 128 12.55 -4.39 -50.96
N ASP C 129 11.51 -3.63 -50.61
CA ASP C 129 10.57 -4.06 -49.55
C ASP C 129 9.32 -4.64 -50.16
N LEU C 130 9.18 -5.96 -50.06
CA LEU C 130 8.03 -6.65 -50.62
C LEU C 130 6.85 -6.55 -49.71
N GLY C 131 5.75 -6.03 -50.25
CA GLY C 131 4.59 -5.77 -49.44
C GLY C 131 5.06 -4.88 -48.30
N CYS C 132 5.28 -3.61 -48.65
CA CYS C 132 5.88 -2.61 -47.77
C CYS C 132 4.90 -1.89 -46.84
N GLY C 133 3.67 -1.70 -47.32
CA GLY C 133 2.60 -1.06 -46.57
C GLY C 133 2.99 0.13 -45.72
N GLN C 134 2.86 1.34 -46.28
CA GLN C 134 3.20 2.60 -45.60
C GLN C 134 4.72 2.81 -45.52
N GLY C 135 5.49 1.79 -45.90
CA GLY C 135 6.91 1.92 -46.10
C GLY C 135 7.73 2.48 -44.95
N ALA C 136 7.36 2.13 -43.73
CA ALA C 136 8.20 2.43 -42.57
C ALA C 136 9.62 1.99 -42.85
N LEU C 137 9.74 0.81 -43.45
CA LEU C 137 11.03 0.20 -43.70
C LEU C 137 11.77 0.86 -44.87
N THR C 138 11.06 1.10 -45.96
CA THR C 138 11.62 1.79 -47.10
C THR C 138 12.21 3.13 -46.72
N LEU C 139 11.40 3.92 -46.02
CA LEU C 139 11.79 5.25 -45.61
C LEU C 139 12.98 5.22 -44.64
N HIS C 140 12.97 4.24 -43.74
CA HIS C 140 14.05 4.11 -42.76
C HIS C 140 15.39 3.79 -43.44
N VAL C 141 15.39 2.79 -44.31
CA VAL C 141 16.58 2.42 -45.06
C VAL C 141 17.07 3.57 -45.94
N ALA C 142 16.17 4.19 -46.69
CA ALA C 142 16.53 5.30 -47.57
C ALA C 142 17.15 6.47 -46.78
N GLN C 143 16.62 6.74 -45.61
CA GLN C 143 17.20 7.76 -44.75
C GLN C 143 18.59 7.36 -44.24
N LYS C 144 18.77 6.10 -43.91
CA LYS C 144 20.04 5.62 -43.33
C LYS C 144 21.17 5.64 -44.37
N TYR C 145 20.91 5.01 -45.49
CA TYR C 145 21.92 4.89 -46.55
C TYR C 145 21.50 5.70 -47.79
N LYS C 146 22.13 6.84 -48.02
CA LYS C 146 21.64 7.72 -49.10
C LYS C 146 22.04 7.16 -50.46
N ASN C 147 23.00 6.24 -50.47
CA ASN C 147 23.45 5.65 -51.72
C ASN C 147 22.66 4.40 -52.12
N CYS C 148 21.81 3.90 -51.24
CA CYS C 148 20.92 2.80 -51.58
C CYS C 148 19.80 3.26 -52.51
N ARG C 149 19.53 2.46 -53.53
CA ARG C 149 18.29 2.59 -54.27
C ARG C 149 17.26 1.71 -53.56
N VAL C 150 16.25 2.34 -52.96
CA VAL C 150 15.24 1.62 -52.21
C VAL C 150 13.92 1.58 -52.97
N THR C 151 13.45 0.38 -53.27
CA THR C 151 12.21 0.17 -54.00
C THR C 151 11.18 -0.44 -53.05
N ALA C 152 9.99 0.15 -53.00
CA ALA C 152 8.87 -0.38 -52.25
C ALA C 152 7.80 -0.91 -53.20
N VAL C 153 7.14 -2.00 -52.83
CA VAL C 153 6.07 -2.53 -53.67
C VAL C 153 4.79 -2.68 -52.89
N THR C 154 3.69 -2.29 -53.53
CA THR C 154 2.37 -2.39 -52.92
C THR C 154 1.30 -2.40 -54.00
N ASN C 155 0.19 -3.05 -53.71
CA ASN C 155 -0.97 -3.02 -54.61
C ASN C 155 -1.99 -2.01 -54.11
N SER C 156 -1.51 -0.94 -53.47
CA SER C 156 -2.38 0.08 -52.91
C SER C 156 -1.97 1.49 -53.34
N VAL C 157 -2.81 2.12 -54.16
CA VAL C 157 -2.58 3.50 -54.60
C VAL C 157 -2.47 4.47 -53.43
N SER C 158 -3.21 4.19 -52.36
CA SER C 158 -3.24 5.06 -51.18
C SER C 158 -1.95 4.94 -50.36
N GLN C 159 -1.33 3.76 -50.40
CA GLN C 159 -0.08 3.55 -49.70
C GLN C 159 1.07 4.19 -50.47
N LYS C 160 1.09 3.98 -51.78
CA LYS C 160 2.12 4.54 -52.64
C LYS C 160 2.18 6.08 -52.53
N GLU C 161 1.02 6.73 -52.57
CA GLU C 161 0.98 8.19 -52.44
C GLU C 161 1.51 8.66 -51.10
N TYR C 162 1.15 7.96 -50.02
CA TYR C 162 1.65 8.30 -48.71
C TYR C 162 3.16 8.20 -48.65
N ILE C 163 3.69 7.11 -49.22
CA ILE C 163 5.11 6.88 -49.18
C ILE C 163 5.84 7.96 -49.99
N GLU C 164 5.33 8.25 -51.18
CA GLU C 164 5.91 9.31 -51.99
C GLU C 164 5.92 10.65 -51.27
N GLU C 165 4.79 11.01 -50.67
CA GLU C 165 4.72 12.27 -49.95
C GLU C 165 5.68 12.31 -48.78
N GLU C 166 5.83 11.18 -48.10
CA GLU C 166 6.69 11.13 -46.94
C GLU C 166 8.15 11.23 -47.38
N SER C 167 8.48 10.64 -48.52
CA SER C 167 9.83 10.81 -49.06
C SER C 167 10.10 12.28 -49.38
N ARG C 168 9.09 12.98 -49.87
CA ARG C 168 9.29 14.38 -50.23
C ARG C 168 9.49 15.21 -48.97
N ARG C 169 8.69 14.98 -47.93
CA ARG C 169 8.79 15.77 -46.71
C ARG C 169 10.14 15.57 -46.04
N ARG C 170 10.66 14.34 -46.12
CA ARG C 170 11.93 13.98 -45.47
C ARG C 170 13.11 14.30 -46.39
N ASN C 171 12.82 14.78 -47.59
CA ASN C 171 13.83 15.05 -48.58
C ASN C 171 14.72 13.84 -48.89
N LEU C 172 14.09 12.68 -48.96
CA LEU C 172 14.79 11.46 -49.37
C LEU C 172 14.66 11.31 -50.87
N LEU C 173 15.80 11.32 -51.57
CA LEU C 173 15.83 11.30 -53.02
C LEU C 173 16.00 9.88 -53.60
N ASN C 174 16.09 8.89 -52.73
CA ASN C 174 16.44 7.54 -53.19
C ASN C 174 15.32 6.52 -52.96
N VAL C 175 14.07 6.98 -53.11
CA VAL C 175 12.92 6.14 -52.87
C VAL C 175 12.03 6.02 -54.11
N GLU C 176 11.72 4.79 -54.48
CA GLU C 176 10.88 4.53 -55.64
C GLU C 176 9.73 3.63 -55.20
N VAL C 177 8.52 3.93 -55.62
CA VAL C 177 7.42 3.04 -55.28
C VAL C 177 6.81 2.44 -56.53
N LYS C 178 6.77 1.12 -56.58
CA LYS C 178 6.08 0.39 -57.64
C LYS C 178 4.69 -0.01 -57.18
N LEU C 179 3.71 0.09 -58.05
CA LEU C 179 2.38 -0.40 -57.73
C LEU C 179 2.18 -1.72 -58.47
N ALA C 180 2.19 -2.84 -57.74
CA ALA C 180 2.13 -4.15 -58.38
C ALA C 180 1.49 -5.20 -57.47
N ASP C 181 1.16 -6.36 -58.03
CA ASP C 181 0.40 -7.35 -57.29
C ASP C 181 1.25 -8.35 -56.51
N ILE C 182 2.52 -8.48 -56.89
CA ILE C 182 3.44 -9.39 -56.18
C ILE C 182 3.16 -10.86 -56.49
N THR C 183 1.90 -11.28 -56.37
CA THR C 183 1.48 -12.64 -56.72
C THR C 183 1.60 -12.87 -58.21
N THR C 184 1.26 -11.83 -58.97
CA THR C 184 1.13 -11.90 -60.41
C THR C 184 1.91 -10.78 -61.07
N HIS C 185 3.22 -10.79 -60.90
CA HIS C 185 4.03 -9.72 -61.47
C HIS C 185 5.47 -10.16 -61.63
N GLU C 186 5.99 -9.98 -62.83
CA GLU C 186 7.38 -10.27 -63.12
C GLU C 186 8.15 -8.96 -63.13
N ALA C 188 11.90 -7.14 -64.35
CA ALA C 188 13.15 -7.21 -65.09
C ALA C 188 14.31 -6.90 -64.15
N GLU C 189 13.97 -6.36 -62.97
CA GLU C 189 14.98 -5.90 -62.01
C GLU C 189 15.53 -7.00 -61.09
N THR C 190 16.65 -6.68 -60.43
CA THR C 190 17.30 -7.59 -59.49
C THR C 190 17.89 -6.79 -58.32
N TYR C 191 17.83 -7.35 -57.12
CA TYR C 191 18.18 -6.60 -55.92
C TYR C 191 19.17 -7.32 -55.04
N ASP C 192 20.07 -6.54 -54.42
CA ASP C 192 21.08 -7.05 -53.49
C ASP C 192 20.45 -7.55 -52.21
N ARG C 193 19.34 -6.93 -51.86
CA ARG C 193 18.66 -7.25 -50.64
C ARG C 193 17.16 -7.14 -50.88
N ILE C 194 16.42 -8.18 -50.49
CA ILE C 194 14.95 -8.14 -50.53
C ILE C 194 14.42 -8.43 -49.14
N LEU C 195 13.47 -7.62 -48.70
CA LEU C 195 12.96 -7.72 -47.34
C LEU C 195 11.47 -8.03 -47.33
N VAL C 196 11.10 -9.14 -46.68
CA VAL C 196 9.71 -9.59 -46.64
C VAL C 196 9.21 -9.64 -45.20
N ILE C 197 8.38 -8.68 -44.82
CA ILE C 197 7.89 -8.57 -43.45
C ILE C 197 6.41 -8.93 -43.35
N GLU C 198 6.09 -10.10 -42.81
CA GLU C 198 4.70 -10.51 -42.54
C GLU C 198 3.82 -10.72 -43.79
N LEU C 199 4.44 -11.00 -44.93
CA LEU C 199 3.70 -11.21 -46.17
C LEU C 199 3.21 -12.65 -46.33
N PHE C 200 4.10 -13.59 -46.04
CA PHE C 200 3.92 -15.01 -46.35
C PHE C 200 2.72 -15.67 -45.66
N GLU C 201 2.30 -15.15 -44.52
CA GLU C 201 1.13 -15.66 -43.81
C GLU C 201 -0.13 -15.54 -44.67
N HIS C 202 -0.07 -14.69 -45.70
CA HIS C 202 -1.20 -14.49 -46.57
C HIS C 202 -1.12 -15.32 -47.84
N LYS C 204 0.22 -19.20 -49.94
CA LYS C 204 -0.02 -20.63 -49.87
C LYS C 204 1.18 -21.45 -50.34
N ASN C 205 1.37 -21.55 -51.66
CA ASN C 205 2.49 -22.32 -52.20
C ASN C 205 3.85 -21.64 -52.01
N TYR C 206 4.46 -21.86 -50.85
CA TYR C 206 5.72 -21.23 -50.50
C TYR C 206 6.89 -21.67 -51.38
N GLU C 207 6.81 -22.88 -51.91
CA GLU C 207 7.83 -23.34 -52.83
C GLU C 207 7.89 -22.44 -54.06
N LEU C 208 6.74 -22.20 -54.70
CA LEU C 208 6.68 -21.34 -55.87
C LEU C 208 6.98 -19.88 -55.53
N LEU C 209 6.60 -19.44 -54.34
CA LEU C 209 6.80 -18.04 -54.00
C LEU C 209 8.30 -17.76 -53.89
N LEU C 210 9.00 -18.65 -53.21
CA LEU C 210 10.44 -18.50 -53.01
C LEU C 210 11.19 -18.66 -54.33
N ARG C 211 10.66 -19.46 -55.24
CA ARG C 211 11.23 -19.56 -56.58
C ARG C 211 11.14 -18.18 -57.26
N LYS C 212 9.94 -17.61 -57.32
CA LYS C 212 9.74 -16.25 -57.86
C LYS C 212 10.73 -15.25 -57.30
N ILE C 213 10.67 -15.07 -55.99
CA ILE C 213 11.47 -14.09 -55.28
C ILE C 213 12.96 -14.35 -55.44
N SER C 214 13.39 -15.62 -55.43
CA SER C 214 14.82 -15.90 -55.60
C SER C 214 15.33 -15.40 -56.94
N GLU C 215 14.46 -15.42 -57.94
CA GLU C 215 14.83 -14.92 -59.27
C GLU C 215 15.04 -13.41 -59.26
N TRP C 216 14.51 -12.72 -58.26
CA TRP C 216 14.66 -11.26 -58.17
C TRP C 216 15.90 -10.83 -57.40
N ILE C 217 16.67 -11.81 -56.95
CA ILE C 217 17.85 -11.54 -56.15
C ILE C 217 19.12 -11.60 -57.02
N SER C 218 20.03 -10.66 -56.80
CA SER C 218 21.29 -10.65 -57.52
C SER C 218 22.19 -11.73 -56.93
N LYS C 219 23.31 -12.01 -57.59
CA LYS C 219 24.10 -13.21 -57.32
C LYS C 219 24.48 -13.39 -55.85
N ASP C 220 25.13 -12.39 -55.27
CA ASP C 220 25.55 -12.51 -53.87
C ASP C 220 24.52 -11.90 -52.92
N GLY C 221 23.32 -11.65 -53.43
CA GLY C 221 22.28 -10.99 -52.67
C GLY C 221 21.68 -11.85 -51.58
N LEU C 222 20.81 -11.24 -50.78
CA LEU C 222 20.22 -11.88 -49.62
C LEU C 222 18.72 -11.60 -49.55
N LEU C 223 17.98 -12.53 -48.96
CA LEU C 223 16.55 -12.32 -48.73
C LEU C 223 16.30 -12.44 -47.25
N PHE C 224 15.54 -11.48 -46.70
CA PHE C 224 15.26 -11.47 -45.28
C PHE C 224 13.76 -11.55 -45.02
N LEU C 225 13.38 -12.37 -44.06
CA LEU C 225 11.99 -12.71 -43.86
C LEU C 225 11.60 -12.65 -42.39
N GLU C 226 10.54 -11.90 -42.11
CA GLU C 226 9.86 -12.01 -40.81
C GLU C 226 8.48 -12.60 -41.05
N HIS C 227 8.18 -13.64 -40.30
CA HIS C 227 6.80 -14.16 -40.21
C HIS C 227 6.42 -14.45 -38.75
N ILE C 228 5.13 -14.35 -38.45
CA ILE C 228 4.65 -14.85 -37.17
C ILE C 228 4.67 -16.38 -37.27
N CYS C 229 4.55 -17.04 -36.14
CA CYS C 229 4.60 -18.47 -36.14
C CYS C 229 4.18 -19.00 -34.80
N HIS C 230 3.94 -20.30 -34.74
CA HIS C 230 4.00 -20.96 -33.48
C HIS C 230 5.35 -21.64 -33.39
N LYS C 231 5.85 -21.71 -32.17
CA LYS C 231 7.12 -22.31 -31.88
C LYS C 231 7.28 -23.72 -32.49
N THR C 232 6.23 -24.54 -32.40
CA THR C 232 6.36 -25.98 -32.67
C THR C 232 5.55 -26.47 -33.88
N PHE C 233 4.26 -26.14 -33.93
CA PHE C 233 3.42 -26.64 -35.00
C PHE C 233 2.99 -25.56 -35.98
N ALA C 234 2.31 -25.99 -37.05
CA ALA C 234 1.95 -25.11 -38.15
C ALA C 234 0.56 -25.51 -38.59
N TYR C 235 -0.23 -24.54 -39.05
CA TYR C 235 -1.60 -24.86 -39.39
C TYR C 235 -2.24 -23.79 -40.26
N HIS C 236 -3.12 -24.24 -41.16
CA HIS C 236 -4.07 -23.35 -41.81
C HIS C 236 -4.86 -22.65 -40.73
N TYR C 237 -5.14 -21.36 -40.90
CA TYR C 237 -6.00 -20.66 -39.97
C TYR C 237 -7.47 -20.91 -40.33
N GLU C 238 -8.06 -21.99 -39.83
CA GLU C 238 -9.33 -22.46 -40.37
C GLU C 238 -10.44 -22.76 -39.36
N PRO C 239 -10.07 -23.04 -38.10
CA PRO C 239 -10.95 -23.25 -36.92
C PRO C 239 -11.11 -24.71 -36.54
N LEU C 240 -10.84 -25.04 -35.28
CA LEU C 240 -10.83 -26.42 -34.81
C LEU C 240 -12.14 -27.13 -35.10
N ASP C 241 -13.23 -26.49 -34.72
CA ASP C 241 -14.54 -27.09 -34.83
C ASP C 241 -15.58 -26.00 -34.81
N ASP C 242 -16.83 -26.38 -34.51
CA ASP C 242 -17.96 -25.47 -34.53
C ASP C 242 -17.98 -24.54 -33.32
N ASP C 243 -17.24 -24.89 -32.27
CA ASP C 243 -17.18 -24.09 -31.06
C ASP C 243 -16.08 -23.01 -31.14
N ASP C 244 -15.25 -23.08 -32.18
CA ASP C 244 -14.14 -22.14 -32.36
C ASP C 244 -14.64 -20.87 -33.03
N TRP C 245 -15.01 -19.89 -32.22
CA TRP C 245 -15.43 -18.60 -32.75
C TRP C 245 -14.21 -17.68 -32.98
N PHE C 246 -13.08 -18.03 -32.38
CA PHE C 246 -11.92 -17.14 -32.33
C PHE C 246 -11.16 -17.05 -33.65
N THR C 247 -10.97 -18.20 -34.29
CA THR C 247 -10.15 -18.26 -35.50
C THR C 247 -10.70 -17.36 -36.62
N GLU C 248 -12.02 -17.15 -36.65
CA GLU C 248 -12.63 -16.27 -37.66
C GLU C 248 -13.08 -14.94 -37.08
N TYR C 249 -12.70 -14.65 -35.85
CA TYR C 249 -13.10 -13.43 -35.17
C TYR C 249 -12.57 -12.18 -35.88
N VAL C 250 -11.37 -12.31 -36.43
CA VAL C 250 -10.63 -11.19 -37.01
C VAL C 250 -10.44 -11.34 -38.52
N PHE C 251 -10.03 -12.54 -38.96
CA PHE C 251 -9.81 -12.83 -40.38
C PHE C 251 -10.77 -13.86 -40.93
N PRO C 252 -11.15 -13.69 -42.21
CA PRO C 252 -11.93 -14.69 -42.95
C PRO C 252 -11.19 -16.04 -43.02
N ALA C 253 -11.90 -17.12 -42.77
CA ALA C 253 -11.28 -18.45 -42.75
C ALA C 253 -10.57 -18.70 -44.07
N GLY C 254 -9.41 -19.35 -44.00
CA GLY C 254 -8.66 -19.69 -45.19
C GLY C 254 -7.82 -18.59 -45.80
N THR C 255 -7.64 -17.47 -45.11
CA THR C 255 -6.79 -16.43 -45.68
C THR C 255 -5.41 -16.45 -45.04
N ILE C 257 -2.15 -18.58 -42.95
CA ILE C 257 -1.41 -19.77 -42.50
C ILE C 257 -0.55 -19.37 -41.31
N ILE C 258 -0.64 -20.09 -40.20
CA ILE C 258 0.33 -19.86 -39.13
C ILE C 258 1.46 -20.88 -39.22
N PRO C 259 2.64 -20.45 -39.69
CA PRO C 259 3.76 -21.37 -39.88
C PRO C 259 4.35 -21.77 -38.54
N SER C 260 5.17 -22.81 -38.56
CA SER C 260 5.99 -23.12 -37.41
C SER C 260 7.24 -22.29 -37.48
N ALA C 261 7.98 -22.18 -36.38
CA ALA C 261 9.21 -21.41 -36.39
C ALA C 261 10.21 -21.98 -37.41
N SER C 262 10.15 -23.28 -37.63
CA SER C 262 11.07 -24.01 -38.49
C SER C 262 10.59 -24.07 -39.92
N PHE C 263 9.40 -23.53 -40.18
CA PHE C 263 8.69 -23.88 -41.40
C PHE C 263 9.51 -23.70 -42.67
N PHE C 264 10.20 -22.57 -42.78
CA PHE C 264 10.79 -22.23 -44.07
C PHE C 264 12.13 -22.92 -44.22
N LEU C 265 12.54 -23.64 -43.19
CA LEU C 265 13.70 -24.50 -43.31
C LEU C 265 13.42 -25.62 -44.30
N TYR C 266 12.12 -25.82 -44.63
CA TYR C 266 11.66 -26.91 -45.50
C TYR C 266 11.42 -26.43 -46.91
N PHE C 267 11.70 -25.17 -47.19
CA PHE C 267 11.51 -24.65 -48.55
C PHE C 267 12.81 -24.05 -49.05
N GLN C 268 13.83 -24.89 -49.16
CA GLN C 268 15.11 -24.40 -49.61
C GLN C 268 15.54 -25.05 -50.91
N ASP C 269 14.64 -25.10 -51.88
CA ASP C 269 15.00 -25.59 -53.19
C ASP C 269 15.67 -24.50 -54.02
N ASP C 270 15.33 -23.23 -53.76
CA ASP C 270 15.86 -22.14 -54.58
C ASP C 270 16.66 -21.13 -53.75
N VAL C 271 16.49 -21.17 -52.43
CA VAL C 271 17.30 -20.33 -51.54
C VAL C 271 17.87 -21.17 -50.42
N SER C 272 18.92 -20.65 -49.78
CA SER C 272 19.57 -21.37 -48.70
C SER C 272 19.57 -20.48 -47.44
N VAL C 273 19.37 -21.08 -46.27
CA VAL C 273 19.28 -20.29 -45.05
C VAL C 273 20.66 -20.11 -44.41
N VAL C 274 21.00 -18.86 -44.18
CA VAL C 274 22.25 -18.46 -43.57
C VAL C 274 22.07 -18.26 -42.05
N ASN C 275 21.02 -17.53 -41.68
CA ASN C 275 20.72 -17.19 -40.29
C ASN C 275 19.26 -17.44 -39.97
N HIS C 276 19.00 -17.80 -38.72
CA HIS C 276 17.65 -18.02 -38.23
C HIS C 276 17.57 -17.43 -36.82
N TRP C 277 16.56 -16.59 -36.56
CA TRP C 277 16.33 -16.05 -35.22
C TRP C 277 14.85 -16.11 -34.83
N THR C 278 14.54 -16.19 -33.53
CA THR C 278 13.18 -15.91 -33.10
C THR C 278 13.12 -14.79 -32.06
N LEU C 279 11.94 -14.18 -31.92
CA LEU C 279 11.68 -13.17 -30.88
C LEU C 279 10.47 -13.58 -30.04
N SER C 280 10.53 -13.29 -28.74
CA SER C 280 9.40 -13.52 -27.85
C SER C 280 8.10 -12.90 -28.36
N GLY C 281 7.00 -13.63 -28.19
CA GLY C 281 5.68 -13.16 -28.58
C GLY C 281 5.29 -11.90 -27.83
N LYS C 282 5.85 -11.72 -26.63
CA LYS C 282 5.63 -10.51 -25.83
C LYS C 282 5.87 -9.20 -26.61
N HIS C 283 6.71 -9.22 -27.65
CA HIS C 283 6.89 -8.00 -28.46
C HIS C 283 5.65 -7.69 -29.29
N PHE C 284 5.06 -8.70 -29.92
CA PHE C 284 3.90 -8.42 -30.75
C PHE C 284 2.72 -8.13 -29.84
N SER C 285 2.72 -8.77 -28.68
CA SER C 285 1.66 -8.57 -27.70
C SER C 285 1.63 -7.13 -27.21
N ARG C 286 2.77 -6.60 -26.79
CA ARG C 286 2.85 -5.20 -26.38
C ARG C 286 2.54 -4.26 -27.53
N THR C 287 2.87 -4.69 -28.74
CA THR C 287 2.56 -3.88 -29.93
C THR C 287 1.06 -3.68 -30.02
N ASN C 288 0.33 -4.80 -29.90
CA ASN C 288 -1.11 -4.78 -30.01
C ASN C 288 -1.77 -4.03 -28.87
N GLU C 289 -1.20 -4.21 -27.69
CA GLU C 289 -1.69 -3.49 -26.52
C GLU C 289 -1.59 -1.99 -26.75
N GLU C 290 -0.50 -1.55 -27.40
CA GLU C 290 -0.25 -0.14 -27.64
C GLU C 290 -1.15 0.43 -28.73
N TRP C 291 -1.50 -0.42 -29.69
CA TRP C 291 -2.46 -0.07 -30.72
C TRP C 291 -3.82 0.15 -30.07
N LEU C 292 -4.14 -0.70 -29.10
CA LEU C 292 -5.43 -0.66 -28.42
C LEU C 292 -5.57 0.56 -27.50
N LYS C 293 -4.50 0.93 -26.79
CA LYS C 293 -4.55 2.19 -26.02
C LYS C 293 -4.81 3.36 -26.95
N ARG C 294 -4.22 3.35 -28.13
CA ARG C 294 -4.37 4.47 -29.06
C ARG C 294 -5.76 4.51 -29.68
N LEU C 295 -6.30 3.36 -30.01
CA LEU C 295 -7.66 3.29 -30.51
C LEU C 295 -8.62 3.91 -29.49
N ASP C 296 -8.49 3.49 -28.23
CA ASP C 296 -9.43 3.92 -27.20
C ASP C 296 -9.23 5.35 -26.71
N ALA C 297 -8.07 5.93 -27.00
CA ALA C 297 -7.81 7.31 -26.61
C ALA C 297 -8.28 8.27 -27.68
N ASN C 298 -8.61 7.77 -28.86
CA ASN C 298 -8.93 8.65 -29.97
C ASN C 298 -10.28 8.39 -30.61
N LEU C 299 -11.24 7.95 -29.81
CA LEU C 299 -12.60 7.72 -30.32
C LEU C 299 -13.23 9.04 -30.80
N ASP C 300 -12.80 10.16 -30.22
CA ASP C 300 -13.30 11.47 -30.61
C ASP C 300 -13.10 11.72 -32.11
N VAL C 301 -11.99 11.23 -32.64
CA VAL C 301 -11.70 11.42 -34.05
C VAL C 301 -12.03 10.17 -34.87
N ILE C 302 -11.87 8.99 -34.27
CA ILE C 302 -12.13 7.72 -34.96
C ILE C 302 -13.62 7.48 -35.26
N LYS C 303 -14.49 7.79 -34.30
CA LYS C 303 -15.91 7.51 -34.45
C LYS C 303 -16.53 8.30 -35.60
N PRO C 304 -16.28 9.62 -35.65
CA PRO C 304 -16.80 10.40 -36.79
C PRO C 304 -16.20 9.92 -38.12
N PHE C 306 -15.22 6.81 -38.82
CA PHE C 306 -15.88 5.55 -39.19
C PHE C 306 -17.31 5.76 -39.63
N GLU C 307 -17.96 6.79 -39.09
CA GLU C 307 -19.30 7.14 -39.53
C GLU C 307 -19.22 7.74 -40.91
N THR C 308 -18.20 8.57 -41.11
CA THR C 308 -18.03 9.26 -42.37
C THR C 308 -17.63 8.23 -43.41
N LEU C 309 -16.91 7.21 -42.97
CA LEU C 309 -16.55 6.12 -43.85
C LEU C 309 -17.82 5.41 -44.25
N GLY C 311 -21.92 4.05 -43.19
CA GLY C 311 -23.18 4.77 -43.27
C GLY C 311 -23.60 5.49 -42.01
N ASN C 312 -23.79 4.73 -40.94
CA ASN C 312 -24.39 5.24 -39.70
C ASN C 312 -23.50 5.05 -38.50
N GLU C 313 -24.07 5.31 -37.32
CA GLU C 313 -23.35 5.19 -36.07
C GLU C 313 -23.11 3.73 -35.69
N GLU C 314 -24.12 2.88 -35.87
CA GLU C 314 -24.00 1.50 -35.40
C GLU C 314 -22.95 0.68 -36.15
N GLU C 315 -22.81 0.89 -37.46
CA GLU C 315 -21.78 0.19 -38.21
C GLU C 315 -20.37 0.71 -37.85
N ALA C 316 -20.27 2.00 -37.54
CA ALA C 316 -18.99 2.57 -37.06
C ALA C 316 -18.64 2.03 -35.67
N VAL C 317 -19.66 1.77 -34.86
CA VAL C 317 -19.43 1.17 -33.56
C VAL C 317 -18.92 -0.26 -33.73
N LYS C 318 -19.45 -0.97 -34.73
CA LYS C 318 -19.04 -2.35 -34.98
C LYS C 318 -17.63 -2.39 -35.53
N LEU C 319 -17.31 -1.42 -36.37
CA LEU C 319 -15.98 -1.33 -36.93
C LEU C 319 -14.98 -1.05 -35.82
N ILE C 320 -15.35 -0.20 -34.88
CA ILE C 320 -14.47 0.08 -33.75
C ILE C 320 -14.28 -1.17 -32.92
N ASN C 321 -15.34 -1.94 -32.72
CA ASN C 321 -15.21 -3.14 -31.90
C ASN C 321 -14.52 -4.24 -32.68
N TYR C 322 -14.56 -4.17 -34.01
CA TYR C 322 -13.76 -5.09 -34.81
C TYR C 322 -12.28 -4.83 -34.55
N TRP C 323 -11.90 -3.57 -34.45
CA TRP C 323 -10.49 -3.25 -34.27
C TRP C 323 -10.04 -3.50 -32.83
N ARG C 324 -10.95 -3.34 -31.88
CA ARG C 324 -10.64 -3.80 -30.52
C ARG C 324 -10.38 -5.31 -30.50
N GLY C 325 -11.19 -6.06 -31.24
CA GLY C 325 -11.00 -7.51 -31.36
C GLY C 325 -9.66 -7.91 -31.97
N PHE C 326 -9.26 -7.19 -33.01
CA PHE C 326 -7.96 -7.36 -33.63
C PHE C 326 -6.82 -7.26 -32.61
N CYS C 327 -6.83 -6.22 -31.78
CA CYS C 327 -5.70 -5.99 -30.88
C CYS C 327 -5.73 -6.93 -29.68
N LEU C 328 -6.94 -7.18 -29.19
CA LEU C 328 -7.12 -8.12 -28.08
C LEU C 328 -6.60 -9.51 -28.47
N SER C 329 -6.87 -9.93 -29.70
CA SER C 329 -6.36 -11.18 -30.26
C SER C 329 -4.84 -11.28 -30.26
N GLY C 330 -4.18 -10.25 -30.78
CA GLY C 330 -2.74 -10.23 -30.77
C GLY C 330 -2.21 -10.23 -29.36
N GLU C 332 -3.43 -11.36 -26.52
CA GLU C 332 -3.61 -12.58 -25.77
C GLU C 332 -2.86 -13.72 -26.44
N PHE C 334 -0.15 -13.75 -28.79
CA PHE C 334 1.29 -13.66 -28.72
C PHE C 334 1.81 -13.53 -27.29
N GLY C 335 0.96 -13.04 -26.39
CA GLY C 335 1.31 -12.95 -24.99
C GLY C 335 1.20 -14.27 -24.23
N TYR C 336 0.55 -15.26 -24.83
CA TYR C 336 0.27 -16.54 -24.13
C TYR C 336 1.52 -17.22 -23.57
N ASN C 337 1.45 -17.71 -22.34
CA ASN C 337 2.59 -18.37 -21.72
C ASN C 337 3.83 -17.49 -21.77
N ASN C 338 3.65 -16.21 -21.45
CA ASN C 338 4.73 -15.22 -21.47
C ASN C 338 5.48 -15.21 -22.80
N GLY C 339 4.75 -15.30 -23.91
CA GLY C 339 5.34 -15.06 -25.21
C GLY C 339 6.17 -16.22 -25.75
N GLU C 340 5.96 -17.40 -25.17
CA GLU C 340 6.74 -18.59 -25.51
C GLU C 340 5.93 -19.66 -26.24
N GLU C 341 4.83 -19.25 -26.89
CA GLU C 341 4.09 -20.14 -27.78
C GLU C 341 4.05 -19.55 -29.19
N TRP C 342 3.25 -18.51 -29.36
CA TRP C 342 3.17 -17.76 -30.61
C TRP C 342 4.13 -16.57 -30.58
N ALA C 344 7.51 -14.43 -33.28
CA ALA C 344 7.99 -14.06 -34.60
C ALA C 344 9.31 -14.75 -34.93
N SER C 345 9.46 -15.07 -36.20
CA SER C 345 10.65 -15.75 -36.67
C SER C 345 11.29 -14.87 -37.73
N HIS C 346 12.62 -14.79 -37.68
CA HIS C 346 13.38 -14.08 -38.70
C HIS C 346 14.27 -15.09 -39.38
N VAL C 347 14.32 -15.04 -40.71
CA VAL C 347 15.18 -15.92 -41.48
C VAL C 347 15.94 -15.14 -42.55
N LEU C 348 17.21 -15.46 -42.70
CA LEU C 348 18.03 -14.82 -43.71
C LEU C 348 18.49 -15.88 -44.72
N PHE C 349 18.13 -15.68 -45.98
CA PHE C 349 18.43 -16.63 -47.06
C PHE C 349 19.49 -16.05 -48.01
N LYS C 350 20.34 -16.94 -48.54
CA LYS C 350 21.19 -16.59 -49.67
C LYS C 350 20.64 -17.30 -50.89
N LYS C 351 20.93 -16.76 -52.07
CA LYS C 351 20.49 -17.40 -53.30
C LYS C 351 21.32 -18.65 -53.57
N LYS D 4 -4.08 38.24 10.87
CA LYS D 4 -5.36 38.40 10.21
C LYS D 4 -5.50 39.72 9.46
N ALA D 5 -5.02 40.82 10.05
CA ALA D 5 -5.27 42.11 9.43
C ALA D 5 -4.57 42.21 8.09
N ALA D 6 -3.44 41.53 7.96
CA ALA D 6 -2.76 41.47 6.66
C ALA D 6 -3.60 40.64 5.70
N ILE D 7 -4.23 39.60 6.24
CA ILE D 7 -5.10 38.74 5.46
C ILE D 7 -6.31 39.54 4.98
N VAL D 8 -6.89 40.29 5.91
CA VAL D 8 -8.10 41.05 5.61
C VAL D 8 -7.84 42.13 4.59
N GLU D 9 -6.62 42.69 4.61
CA GLU D 9 -6.25 43.73 3.66
C GLU D 9 -6.07 43.15 2.25
N LEU D 10 -5.46 41.96 2.17
CA LEU D 10 -5.32 41.25 0.90
C LEU D 10 -6.68 40.87 0.34
N LEU D 11 -7.53 40.34 1.21
CA LEU D 11 -8.86 39.95 0.81
C LEU D 11 -9.61 41.14 0.23
N LYS D 12 -9.43 42.30 0.84
CA LYS D 12 -10.12 43.49 0.35
C LYS D 12 -9.56 43.88 -1.01
N GLN D 13 -8.24 43.75 -1.17
CA GLN D 13 -7.58 44.06 -2.43
C GLN D 13 -8.05 43.10 -3.55
N LEU D 14 -8.21 41.83 -3.22
CA LEU D 14 -8.70 40.83 -4.16
C LEU D 14 -10.15 41.07 -4.60
N GLU D 15 -11.01 41.45 -3.65
CA GLU D 15 -12.41 41.77 -3.92
C GLU D 15 -12.58 42.87 -4.96
N LEU D 16 -11.63 43.79 -4.98
CA LEU D 16 -11.70 44.98 -5.81
C LEU D 16 -10.97 44.76 -7.12
N GLY D 17 -10.29 43.62 -7.24
CA GLY D 17 -9.56 43.29 -8.44
C GLY D 17 -8.29 44.10 -8.58
N LEU D 18 -7.66 44.43 -7.45
CA LEU D 18 -6.49 45.29 -7.48
C LEU D 18 -5.17 44.51 -7.50
N VAL D 19 -5.24 43.20 -7.42
CA VAL D 19 -4.03 42.37 -7.44
C VAL D 19 -3.79 41.74 -8.82
N PRO D 20 -2.62 41.99 -9.42
CA PRO D 20 -2.27 41.33 -10.68
C PRO D 20 -2.32 39.82 -10.57
N TYR D 21 -2.72 39.12 -11.63
CA TYR D 21 -2.89 37.67 -11.60
C TYR D 21 -1.59 36.99 -11.19
N ASP D 22 -0.47 37.49 -11.72
CA ASP D 22 0.83 36.93 -11.41
C ASP D 22 1.07 36.94 -9.90
N ASP D 23 0.67 38.03 -9.24
CA ASP D 23 0.84 38.11 -7.79
C ASP D 23 -0.10 37.14 -7.06
N ILE D 24 -1.31 36.96 -7.57
CA ILE D 24 -2.29 36.08 -6.92
C ILE D 24 -1.85 34.62 -6.98
N LYS D 25 -1.33 34.21 -8.14
CA LYS D 25 -0.84 32.84 -8.32
C LYS D 25 0.37 32.57 -7.43
N GLN D 26 1.25 33.55 -7.33
CA GLN D 26 2.41 33.42 -6.45
C GLN D 26 1.98 33.20 -4.99
N LEU D 27 0.97 33.94 -4.55
CA LEU D 27 0.51 33.80 -3.18
C LEU D 27 -0.20 32.48 -2.98
N ILE D 28 -0.93 32.02 -4.00
CA ILE D 28 -1.61 30.72 -3.92
C ILE D 28 -0.63 29.57 -3.79
N ARG D 29 0.46 29.66 -4.54
CA ARG D 29 1.49 28.63 -4.52
C ARG D 29 2.17 28.55 -3.17
N ARG D 30 2.34 29.70 -2.52
CA ARG D 30 2.91 29.72 -1.17
C ARG D 30 2.06 28.88 -0.22
N GLU D 31 0.75 29.03 -0.29
CA GLU D 31 -0.19 28.27 0.54
C GLU D 31 -0.22 26.78 0.20
N LEU D 32 -0.23 26.47 -1.09
CA LEU D 32 -0.19 25.08 -1.56
C LEU D 32 1.08 24.40 -1.08
N ALA D 33 2.23 25.08 -1.23
CA ALA D 33 3.49 24.54 -0.73
C ALA D 33 3.38 24.15 0.74
N ARG D 34 2.70 24.97 1.51
CA ARG D 34 2.53 24.72 2.92
C ARG D 34 1.58 23.55 3.14
N ARG D 35 0.55 23.44 2.31
CA ARG D 35 -0.39 22.33 2.45
C ARG D 35 0.38 21.02 2.29
N LEU D 36 1.26 20.99 1.30
CA LEU D 36 2.06 19.80 1.00
C LEU D 36 2.97 19.39 2.15
N GLN D 37 3.63 20.37 2.74
CA GLN D 37 4.53 20.07 3.83
C GLN D 37 3.73 19.56 5.05
N TRP D 38 2.53 20.10 5.20
CA TRP D 38 1.62 19.68 6.26
C TRP D 38 1.01 18.31 5.97
N GLY D 39 0.73 18.06 4.70
CA GLY D 39 0.09 16.81 4.30
C GLY D 39 1.01 15.61 4.34
N TYR D 40 2.24 15.75 3.85
CA TYR D 40 3.19 14.65 3.81
C TYR D 40 3.84 14.32 5.17
N LYS D 41 4.17 13.06 5.35
CA LYS D 41 4.75 12.57 6.59
C LYS D 41 6.11 11.97 6.28
N PRO D 42 7.02 11.96 7.26
CA PRO D 42 8.37 11.38 7.11
C PRO D 42 8.35 9.86 7.01
N THR D 43 7.22 9.27 7.38
CA THR D 43 7.09 7.83 7.50
C THR D 43 5.79 7.35 6.85
N TYR D 44 5.85 6.27 6.09
CA TYR D 44 4.65 5.79 5.43
C TYR D 44 3.62 5.28 6.46
N GLU D 45 4.14 4.78 7.58
CA GLU D 45 3.30 4.40 8.70
C GLU D 45 2.42 5.56 9.15
N GLU D 46 3.00 6.75 9.25
CA GLU D 46 2.22 7.91 9.68
C GLU D 46 1.25 8.30 8.58
N GLN D 47 1.73 8.29 7.35
CA GLN D 47 0.93 8.64 6.18
C GLN D 47 -0.31 7.75 6.11
N ILE D 48 -0.14 6.47 6.40
CA ILE D 48 -1.26 5.53 6.33
C ILE D 48 -2.18 5.76 7.51
N ALA D 49 -1.58 5.91 8.70
CA ALA D 49 -2.30 6.22 9.93
C ALA D 49 -3.19 7.46 9.77
N GLU D 50 -2.68 8.51 9.12
CA GLU D 50 -3.48 9.73 8.94
C GLU D 50 -4.76 9.48 8.14
N ILE D 51 -4.68 8.66 7.10
CA ILE D 51 -5.89 8.31 6.35
C ILE D 51 -6.88 7.59 7.29
N GLN D 52 -6.35 6.66 8.10
CA GLN D 52 -7.17 5.88 9.02
C GLN D 52 -7.86 6.76 10.07
N ASN D 53 -7.18 7.81 10.50
CA ASN D 53 -7.80 8.78 11.40
C ASN D 53 -9.02 9.42 10.75
N LEU D 54 -8.84 9.96 9.56
CA LEU D 54 -9.94 10.63 8.88
C LEU D 54 -11.09 9.66 8.57
N THR D 55 -10.81 8.47 8.05
CA THR D 55 -11.91 7.57 7.69
C THR D 55 -12.69 7.09 8.93
N HIS D 56 -12.03 6.96 10.07
CA HIS D 56 -12.71 6.44 11.25
C HIS D 56 -13.63 7.48 11.88
N SER D 57 -13.23 8.74 11.78
CA SER D 57 -14.03 9.81 12.34
C SER D 57 -15.15 10.22 11.39
N LEU D 58 -14.93 10.13 10.08
CA LEU D 58 -16.02 10.34 9.13
C LEU D 58 -17.13 9.35 9.46
N ARG D 59 -16.74 8.18 9.94
CA ARG D 59 -17.69 7.11 10.24
C ARG D 59 -18.52 7.40 11.49
N GLN D 60 -18.12 8.41 12.25
CA GLN D 60 -18.88 8.84 13.42
C GLN D 60 -19.82 10.02 13.12
N LYS D 62 -22.67 12.45 10.48
CA LYS D 62 -23.83 12.29 9.59
C LYS D 62 -23.35 12.40 8.15
N ILE D 63 -24.22 12.12 7.20
CA ILE D 63 -23.86 12.30 5.80
C ILE D 63 -23.57 13.78 5.48
N ALA D 64 -24.34 14.69 6.08
CA ALA D 64 -24.39 16.09 5.64
C ALA D 64 -23.56 17.13 6.42
N PRO D 78 -27.30 31.59 -11.81
CA PRO D 78 -27.95 32.29 -12.94
C PRO D 78 -27.45 31.76 -14.28
N ILE D 79 -28.39 31.39 -15.15
CA ILE D 79 -28.08 30.59 -16.34
C ILE D 79 -27.37 31.36 -17.44
N GLU D 80 -27.71 32.62 -17.62
CA GLU D 80 -27.02 33.45 -18.60
C GLU D 80 -25.55 33.63 -18.22
N PHE D 81 -25.24 33.60 -16.93
CA PHE D 81 -23.84 33.57 -16.53
C PHE D 81 -23.19 32.26 -16.98
N LEU D 82 -23.67 31.13 -16.48
CA LEU D 82 -23.14 29.82 -16.83
C LEU D 82 -22.92 29.63 -18.33
N LYS D 83 -23.87 30.06 -19.14
CA LYS D 83 -23.72 29.91 -20.60
C LYS D 83 -22.51 30.64 -21.17
N ILE D 84 -22.04 31.67 -20.45
CA ILE D 84 -20.84 32.43 -20.83
C ILE D 84 -19.56 31.72 -20.42
N ASN D 86 -19.08 28.54 -18.98
CA ASN D 86 -18.94 27.11 -19.33
C ASN D 86 -18.95 26.92 -20.84
N GLY D 87 -18.59 25.72 -21.31
CA GLY D 87 -18.77 25.35 -22.69
C GLY D 87 -20.25 25.09 -22.93
N SER D 88 -20.59 24.68 -24.14
CA SER D 88 -21.98 24.62 -24.53
C SER D 88 -22.74 23.47 -23.85
N ASN D 89 -22.01 22.62 -23.13
CA ASN D 89 -22.64 21.55 -22.35
C ASN D 89 -23.01 21.97 -20.95
N LEU D 90 -22.52 23.13 -20.52
CA LEU D 90 -22.67 23.58 -19.14
C LEU D 90 -22.18 22.56 -18.13
N LYS D 91 -21.06 21.91 -18.44
CA LYS D 91 -20.41 20.98 -17.51
C LYS D 91 -19.62 21.77 -16.46
N GLY D 92 -20.13 21.80 -15.24
CA GLY D 92 -19.53 22.57 -14.15
C GLY D 92 -18.63 21.72 -13.31
N SER D 93 -17.68 21.07 -13.96
CA SER D 93 -16.79 20.14 -13.32
C SER D 93 -15.68 19.86 -14.28
N CYS D 94 -14.78 18.96 -13.88
CA CYS D 94 -13.56 18.74 -14.62
C CYS D 94 -13.81 18.30 -16.08
N CYS D 95 -13.06 18.90 -17.01
CA CYS D 95 -13.10 18.52 -18.42
C CYS D 95 -11.79 17.87 -18.86
N TYR D 96 -11.80 17.24 -20.03
CA TYR D 96 -10.69 16.38 -20.41
C TYR D 96 -9.97 16.92 -21.63
N PHE D 97 -8.70 17.27 -21.47
CA PHE D 97 -7.93 17.88 -22.55
C PHE D 97 -6.85 16.92 -23.04
N LYS D 98 -7.17 16.01 -23.95
CA LYS D 98 -6.09 15.34 -24.66
C LYS D 98 -5.60 16.45 -25.56
N GLU D 99 -4.33 16.49 -25.92
CA GLU D 99 -3.84 17.53 -26.87
C GLU D 99 -3.84 19.00 -26.43
N ASP D 100 -2.75 19.69 -26.76
CA ASP D 100 -2.54 21.08 -26.38
C ASP D 100 -3.59 21.99 -26.98
N SER D 101 -4.14 21.59 -28.13
CA SER D 101 -5.05 22.46 -28.87
C SER D 101 -6.51 22.23 -28.56
N THR D 102 -6.80 21.23 -27.72
CA THR D 102 -8.17 20.94 -27.32
C THR D 102 -8.86 22.16 -26.71
N THR D 103 -10.05 22.45 -27.23
CA THR D 103 -10.87 23.53 -26.74
C THR D 103 -11.76 23.08 -25.59
N LEU D 104 -12.34 24.03 -24.88
CA LEU D 104 -13.21 23.73 -23.76
C LEU D 104 -14.40 22.88 -24.19
N ASP D 105 -15.01 23.25 -25.31
CA ASP D 105 -16.17 22.51 -25.78
C ASP D 105 -15.78 21.08 -26.15
N GLU D 106 -14.59 20.91 -26.73
CA GLU D 106 -14.12 19.55 -27.02
C GLU D 106 -13.79 18.80 -25.75
N ALA D 107 -13.32 19.54 -24.75
CA ALA D 107 -12.87 18.92 -23.53
C ALA D 107 -14.08 18.47 -22.70
N GLU D 108 -15.19 19.18 -22.79
CA GLU D 108 -16.41 18.74 -22.10
C GLU D 108 -16.91 17.43 -22.67
N ILE D 109 -16.97 17.38 -23.99
CA ILE D 109 -17.54 16.25 -24.68
C ILE D 109 -16.68 15.03 -24.44
N ALA D 110 -15.36 15.22 -24.45
CA ALA D 110 -14.42 14.14 -24.25
C ALA D 110 -14.56 13.56 -22.84
N LEU D 112 -17.27 13.75 -21.00
CA LEU D 112 -18.59 13.11 -20.97
C LEU D 112 -18.59 11.74 -21.64
N ASP D 113 -17.94 11.64 -22.79
CA ASP D 113 -17.72 10.36 -23.47
C ASP D 113 -16.89 9.41 -22.62
N LEU D 114 -15.90 9.94 -21.91
CA LEU D 114 -15.08 9.12 -21.05
C LEU D 114 -15.91 8.45 -19.95
N TYR D 115 -16.86 9.20 -19.38
CA TYR D 115 -17.75 8.68 -18.34
C TYR D 115 -18.56 7.51 -18.87
N CYS D 116 -19.09 7.68 -20.08
CA CYS D 116 -19.87 6.63 -20.72
C CYS D 116 -19.08 5.36 -20.92
N GLU D 117 -17.82 5.52 -21.30
CA GLU D 117 -16.95 4.42 -21.57
C GLU D 117 -16.57 3.72 -20.27
N ARG D 118 -16.08 4.47 -19.29
CA ARG D 118 -15.64 3.88 -18.04
C ARG D 118 -16.78 3.30 -17.20
N ALA D 119 -17.93 3.94 -17.23
CA ALA D 119 -19.08 3.48 -16.49
C ALA D 119 -19.87 2.42 -17.28
N GLN D 120 -19.43 2.16 -18.51
CA GLN D 120 -19.96 1.11 -19.36
C GLN D 120 -21.46 1.29 -19.60
N ILE D 121 -21.85 2.49 -19.99
CA ILE D 121 -23.25 2.77 -20.29
C ILE D 121 -23.70 2.04 -21.56
N GLN D 122 -24.89 1.44 -21.52
CA GLN D 122 -25.41 0.71 -22.68
C GLN D 122 -26.87 1.10 -22.94
N ASP D 123 -27.29 0.98 -24.21
CA ASP D 123 -28.46 1.67 -24.71
C ASP D 123 -29.72 1.47 -23.88
N GLY D 124 -30.07 0.24 -23.51
CA GLY D 124 -31.36 0.09 -22.82
C GLY D 124 -31.37 0.17 -21.30
N GLN D 125 -30.32 0.71 -20.69
CA GLN D 125 -30.19 0.74 -19.23
C GLN D 125 -30.90 1.91 -18.55
N SER D 126 -31.30 1.69 -17.30
CA SER D 126 -31.74 2.79 -16.45
C SER D 126 -30.51 3.44 -15.81
N VAL D 127 -30.38 4.75 -15.95
CA VAL D 127 -29.20 5.50 -15.49
C VAL D 127 -29.56 6.57 -14.48
N LEU D 128 -28.84 6.64 -13.35
CA LEU D 128 -29.11 7.67 -12.32
C LEU D 128 -27.98 8.67 -12.24
N ASP D 129 -28.28 9.95 -12.37
CA ASP D 129 -27.26 10.99 -12.24
C ASP D 129 -27.43 11.70 -10.89
N LEU D 130 -26.59 11.32 -9.94
CA LEU D 130 -26.74 11.72 -8.55
C LEU D 130 -25.96 13.00 -8.30
N GLY D 131 -26.66 14.12 -8.16
CA GLY D 131 -26.00 15.40 -8.05
C GLY D 131 -25.70 15.93 -9.43
N CYS D 132 -26.75 16.17 -10.20
CA CYS D 132 -26.64 16.31 -11.65
C CYS D 132 -26.12 17.66 -12.10
N GLY D 133 -26.05 18.61 -11.17
CA GLY D 133 -25.63 19.94 -11.55
C GLY D 133 -26.60 20.54 -12.55
N GLN D 134 -26.18 20.73 -13.80
CA GLN D 134 -26.97 21.57 -14.67
C GLN D 134 -27.11 21.26 -16.17
N GLY D 135 -27.43 20.05 -16.62
CA GLY D 135 -27.12 18.76 -16.04
C GLY D 135 -26.53 18.07 -17.29
N ALA D 136 -25.25 18.36 -17.56
CA ALA D 136 -24.59 17.99 -18.81
C ALA D 136 -24.58 16.49 -19.04
N LEU D 137 -24.40 15.73 -17.98
CA LEU D 137 -24.30 14.29 -18.09
C LEU D 137 -25.65 13.65 -18.39
N THR D 138 -26.70 14.04 -17.67
CA THR D 138 -27.97 13.35 -17.91
C THR D 138 -28.41 13.64 -19.34
N LEU D 139 -28.31 14.89 -19.78
CA LEU D 139 -28.74 15.26 -21.12
C LEU D 139 -27.88 14.56 -22.17
N HIS D 140 -26.59 14.42 -21.87
CA HIS D 140 -25.67 13.72 -22.76
C HIS D 140 -26.04 12.23 -22.94
N VAL D 141 -26.21 11.45 -21.87
CA VAL D 141 -26.54 10.05 -22.10
C VAL D 141 -27.97 9.90 -22.63
N ALA D 142 -28.89 10.76 -22.19
CA ALA D 142 -30.26 10.69 -22.69
C ALA D 142 -30.32 10.87 -24.21
N GLN D 143 -29.47 11.75 -24.75
CA GLN D 143 -29.46 11.99 -26.19
C GLN D 143 -28.73 10.87 -26.95
N LYS D 144 -27.62 10.41 -26.39
CA LYS D 144 -26.83 9.33 -26.99
C LYS D 144 -27.58 7.99 -26.97
N TYR D 145 -28.30 7.69 -25.89
CA TYR D 145 -29.01 6.41 -25.78
C TYR D 145 -30.53 6.59 -25.59
N LYS D 146 -31.26 6.62 -26.70
CA LYS D 146 -32.70 6.87 -26.66
C LYS D 146 -33.50 5.82 -25.88
N ASN D 147 -32.92 4.66 -25.63
CA ASN D 147 -33.64 3.63 -24.86
C ASN D 147 -33.20 3.55 -23.42
N CYS D 148 -32.20 4.34 -23.05
CA CYS D 148 -31.87 4.51 -21.65
C CYS D 148 -32.99 5.28 -20.98
N ARG D 149 -33.26 4.97 -19.73
CA ARG D 149 -34.13 5.78 -18.92
C ARG D 149 -33.25 6.51 -17.90
N VAL D 150 -33.12 7.83 -18.07
CA VAL D 150 -32.19 8.60 -17.27
C VAL D 150 -32.89 9.43 -16.20
N THR D 151 -32.47 9.23 -14.95
CA THR D 151 -32.96 10.03 -13.82
C THR D 151 -31.85 10.95 -13.30
N ALA D 152 -32.17 12.22 -13.17
CA ALA D 152 -31.27 13.20 -12.58
C ALA D 152 -31.82 13.60 -11.24
N VAL D 153 -30.94 13.71 -10.25
CA VAL D 153 -31.31 14.11 -8.90
C VAL D 153 -30.61 15.36 -8.43
N THR D 154 -31.38 16.28 -7.88
CA THR D 154 -30.80 17.52 -7.40
C THR D 154 -31.66 18.13 -6.30
N ASN D 155 -31.03 18.99 -5.48
CA ASN D 155 -31.75 19.67 -4.42
C ASN D 155 -31.98 21.14 -4.80
N SER D 156 -31.76 21.46 -6.06
CA SER D 156 -31.92 22.81 -6.55
C SER D 156 -33.16 22.92 -7.45
N VAL D 157 -34.08 23.81 -7.10
CA VAL D 157 -35.27 24.06 -7.92
C VAL D 157 -34.86 24.58 -9.29
N SER D 158 -33.98 25.58 -9.28
CA SER D 158 -33.48 26.17 -10.50
C SER D 158 -32.93 25.13 -11.50
N GLN D 159 -32.09 24.21 -11.01
CA GLN D 159 -31.46 23.21 -11.86
C GLN D 159 -32.47 22.21 -12.42
N LYS D 160 -33.37 21.75 -11.55
CA LYS D 160 -34.42 20.84 -11.97
C LYS D 160 -35.25 21.47 -13.07
N GLU D 161 -35.56 22.74 -12.89
CA GLU D 161 -36.30 23.50 -13.87
C GLU D 161 -35.59 23.48 -15.21
N TYR D 162 -34.29 23.74 -15.20
CA TYR D 162 -33.56 23.90 -16.45
C TYR D 162 -33.44 22.58 -17.21
N ILE D 163 -33.16 21.51 -16.49
CA ILE D 163 -32.97 20.21 -17.13
C ILE D 163 -34.29 19.73 -17.73
N GLU D 164 -35.40 20.08 -17.09
CA GLU D 164 -36.70 19.69 -17.60
C GLU D 164 -37.01 20.46 -18.88
N GLU D 165 -36.83 21.78 -18.83
CA GLU D 165 -37.05 22.59 -20.03
C GLU D 165 -36.10 22.13 -21.15
N GLU D 166 -34.81 22.02 -20.85
CA GLU D 166 -33.84 21.58 -21.85
C GLU D 166 -34.12 20.20 -22.41
N SER D 167 -34.69 19.30 -21.61
CA SER D 167 -35.06 17.97 -22.09
C SER D 167 -35.99 18.03 -23.30
N ARG D 169 -36.37 19.22 -23.72
CA ARG D 169 -37.03 19.36 -25.01
C ARG D 169 -36.48 20.53 -25.81
N ARG D 170 -35.72 20.30 -26.91
CA ARG D 170 -34.89 19.10 -27.24
C ARG D 170 -35.49 17.70 -27.47
N ASN D 171 -36.79 17.54 -27.22
CA ASN D 171 -37.50 16.32 -27.60
C ASN D 171 -36.95 15.05 -26.96
N LEU D 172 -36.38 15.15 -25.76
CA LEU D 172 -35.95 13.97 -25.02
C LEU D 172 -37.09 13.44 -24.14
N LEU D 173 -37.55 12.23 -24.42
CA LEU D 173 -38.66 11.63 -23.68
C LEU D 173 -38.18 10.71 -22.53
N ASN D 174 -36.88 10.46 -22.45
CA ASN D 174 -36.32 9.50 -21.51
C ASN D 174 -35.59 10.16 -20.33
N VAL D 175 -35.95 11.39 -20.02
CA VAL D 175 -35.33 12.09 -18.89
C VAL D 175 -36.32 12.43 -17.79
N GLU D 176 -35.94 12.12 -16.55
CA GLU D 176 -36.75 12.45 -15.40
C GLU D 176 -35.89 13.13 -14.36
N VAL D 177 -36.37 14.21 -13.78
CA VAL D 177 -35.59 14.87 -12.74
C VAL D 177 -36.32 14.78 -11.41
N LYS D 178 -35.60 14.44 -10.36
CA LYS D 178 -36.17 14.39 -9.03
C LYS D 178 -35.52 15.48 -8.17
N LEU D 179 -36.35 16.20 -7.42
CA LEU D 179 -35.85 17.24 -6.54
C LEU D 179 -35.77 16.64 -5.15
N ALA D 180 -34.55 16.35 -4.70
CA ALA D 180 -34.38 15.67 -3.42
C ALA D 180 -33.08 16.07 -2.75
N ASP D 181 -32.99 15.81 -1.45
CA ASP D 181 -31.80 16.13 -0.65
C ASP D 181 -30.65 15.10 -0.76
N ILE D 182 -30.96 13.82 -0.93
CA ILE D 182 -29.92 12.76 -1.06
C ILE D 182 -29.39 12.36 0.30
N THR D 183 -29.03 13.35 1.10
CA THR D 183 -28.73 13.15 2.51
C THR D 183 -29.83 12.36 3.20
N THR D 184 -31.09 12.71 2.91
CA THR D 184 -32.21 12.14 3.64
C THR D 184 -33.10 11.27 2.76
N HIS D 185 -32.86 11.33 1.46
CA HIS D 185 -33.75 10.75 0.47
C HIS D 185 -33.83 9.23 0.47
N GLU D 186 -35.04 8.72 0.30
CA GLU D 186 -35.23 7.30 0.10
C GLU D 186 -36.01 7.04 -1.16
N ALA D 188 -37.65 3.46 -3.81
CA ALA D 188 -37.77 2.04 -4.07
C ALA D 188 -36.90 1.62 -5.24
N GLU D 189 -36.70 2.54 -6.17
CA GLU D 189 -36.10 2.23 -7.46
C GLU D 189 -34.67 1.65 -7.46
N THR D 190 -34.36 0.98 -8.55
CA THR D 190 -33.12 0.26 -8.79
C THR D 190 -32.55 0.73 -10.14
N TYR D 191 -31.24 0.98 -10.19
CA TYR D 191 -30.60 1.45 -11.42
C TYR D 191 -29.50 0.51 -11.82
N ASP D 192 -29.34 0.31 -13.13
CA ASP D 192 -28.21 -0.39 -13.70
C ASP D 192 -26.91 0.41 -13.57
N ARG D 193 -27.01 1.73 -13.64
CA ARG D 193 -25.82 2.57 -13.61
C ARG D 193 -26.09 3.79 -12.75
N ILE D 194 -25.22 4.04 -11.80
CA ILE D 194 -25.32 5.24 -10.99
C ILE D 194 -24.05 6.01 -11.17
N LEU D 195 -24.20 7.27 -11.53
CA LEU D 195 -23.06 8.13 -11.78
C LEU D 195 -23.03 9.28 -10.78
N VAL D 196 -21.91 9.39 -10.06
CA VAL D 196 -21.69 10.47 -9.12
C VAL D 196 -20.44 11.27 -9.51
N ILE D 197 -20.63 12.47 -10.05
CA ILE D 197 -19.52 13.31 -10.49
C ILE D 197 -19.27 14.46 -9.50
N GLU D 198 -18.25 14.31 -8.66
CA GLU D 198 -17.81 15.38 -7.77
C GLU D 198 -18.88 15.82 -6.79
N LEU D 199 -19.61 14.86 -6.24
CA LEU D 199 -20.59 15.11 -5.20
C LEU D 199 -20.03 14.90 -3.79
N PHE D 200 -19.22 13.85 -3.64
CA PHE D 200 -18.81 13.37 -2.32
C PHE D 200 -17.97 14.37 -1.55
N GLU D 201 -17.32 15.28 -2.27
CA GLU D 201 -16.49 16.31 -1.64
C GLU D 201 -17.31 17.16 -0.67
N HIS D 202 -18.63 17.23 -0.93
CA HIS D 202 -19.57 17.99 -0.09
C HIS D 202 -20.21 17.16 1.02
N LYS D 204 -19.92 13.85 4.15
CA LYS D 204 -19.02 13.52 5.25
C LYS D 204 -18.94 12.02 5.48
N ASN D 205 -19.96 11.43 6.10
CA ASN D 205 -19.96 9.99 6.39
C ASN D 205 -20.19 9.15 5.13
N TYR D 206 -19.11 8.86 4.42
CA TYR D 206 -19.15 8.10 3.17
C TYR D 206 -19.63 6.67 3.34
N GLU D 207 -19.44 6.12 4.53
CA GLU D 207 -20.01 4.81 4.84
C GLU D 207 -21.55 4.80 4.74
N LEU D 208 -22.23 5.76 5.37
CA LEU D 208 -23.70 5.83 5.28
C LEU D 208 -24.15 6.24 3.88
N LEU D 209 -23.41 7.13 3.24
CA LEU D 209 -23.78 7.55 1.90
C LEU D 209 -23.74 6.37 0.94
N LEU D 210 -22.62 5.65 0.95
CA LEU D 210 -22.43 4.53 0.03
C LEU D 210 -23.43 3.43 0.33
N ARG D 211 -23.79 3.27 1.59
CA ARG D 211 -24.84 2.33 1.93
C ARG D 211 -26.21 2.70 1.31
N LYS D 212 -26.66 3.96 1.42
CA LYS D 212 -27.91 4.37 0.74
C LYS D 212 -27.89 4.10 -0.77
N ILE D 213 -26.89 4.67 -1.45
CA ILE D 213 -26.74 4.54 -2.89
C ILE D 213 -26.70 3.07 -3.31
N SER D 214 -26.02 2.25 -2.51
CA SER D 214 -25.87 0.86 -2.88
C SER D 214 -27.23 0.17 -2.94
N GLU D 215 -28.19 0.59 -2.13
CA GLU D 215 -29.55 0.00 -2.20
C GLU D 215 -30.24 0.34 -3.52
N TRP D 216 -29.69 1.30 -4.27
CA TRP D 216 -30.29 1.82 -5.51
C TRP D 216 -29.65 1.19 -6.74
N ILE D 217 -28.61 0.39 -6.52
CA ILE D 217 -27.92 -0.25 -7.62
C ILE D 217 -28.49 -1.65 -7.84
N SER D 218 -28.88 -1.95 -9.06
CA SER D 218 -29.36 -3.31 -9.33
C SER D 218 -28.21 -4.29 -9.08
N LYS D 219 -28.52 -5.57 -8.99
CA LYS D 219 -27.53 -6.56 -8.55
C LYS D 219 -26.34 -6.63 -9.49
N ASP D 220 -26.59 -6.47 -10.77
CA ASP D 220 -25.52 -6.49 -11.73
C ASP D 220 -25.14 -5.07 -12.21
N GLY D 221 -25.58 -4.05 -11.49
CA GLY D 221 -25.31 -2.66 -11.86
C GLY D 221 -23.94 -2.18 -11.39
N LEU D 222 -23.67 -0.90 -11.66
CA LEU D 222 -22.36 -0.31 -11.37
C LEU D 222 -22.51 1.12 -10.85
N LEU D 223 -21.60 1.50 -9.96
CA LEU D 223 -21.51 2.87 -9.50
C LEU D 223 -20.21 3.46 -10.00
N PHE D 224 -20.31 4.63 -10.62
CA PHE D 224 -19.14 5.31 -11.14
C PHE D 224 -18.99 6.65 -10.45
N LEU D 225 -17.81 6.89 -9.91
CA LEU D 225 -17.58 8.08 -9.09
C LEU D 225 -16.37 8.87 -9.61
N GLU D 226 -16.56 10.16 -9.82
CA GLU D 226 -15.40 11.02 -9.98
C GLU D 226 -15.30 11.92 -8.76
N HIS D 227 -14.10 11.98 -8.19
CA HIS D 227 -13.84 12.94 -7.13
C HIS D 227 -12.47 13.57 -7.33
N ILE D 228 -12.34 14.83 -6.90
CA ILE D 228 -11.03 15.45 -6.80
C ILE D 228 -10.30 14.83 -5.62
N CYS D 229 -8.99 15.00 -5.59
CA CYS D 229 -8.20 14.43 -4.53
C CYS D 229 -6.79 14.99 -4.54
N HIS D 230 -6.06 14.64 -3.48
CA HIS D 230 -4.61 14.64 -3.53
C HIS D 230 -4.16 13.19 -3.70
N LYS D 231 -3.07 12.97 -4.42
CA LYS D 231 -2.62 11.60 -4.68
C LYS D 231 -2.26 10.82 -3.42
N THR D 232 -1.89 11.49 -2.34
CA THR D 232 -1.41 10.78 -1.14
C THR D 232 -2.15 11.05 0.19
N PHE D 233 -2.48 12.30 0.47
CA PHE D 233 -3.15 12.55 1.75
C PHE D 233 -4.57 13.07 1.60
N ALA D 234 -5.32 12.97 2.69
CA ALA D 234 -6.74 13.34 2.70
C ALA D 234 -6.99 14.30 3.85
N TYR D 235 -7.91 15.26 3.66
CA TYR D 235 -8.15 16.21 4.74
C TYR D 235 -9.45 16.96 4.66
N HIS D 236 -9.91 17.40 5.83
CA HIS D 236 -10.98 18.39 5.92
C HIS D 236 -10.50 19.70 5.32
N TYR D 237 -11.25 20.24 4.36
CA TYR D 237 -10.80 21.47 3.73
C TYR D 237 -11.02 22.59 4.73
N GLU D 238 -10.08 22.66 5.65
CA GLU D 238 -10.10 23.57 6.78
C GLU D 238 -8.78 24.34 6.73
N PRO D 239 -8.82 25.64 7.07
CA PRO D 239 -7.59 26.44 6.95
C PRO D 239 -6.44 25.87 7.80
N LEU D 240 -5.26 25.83 7.21
CA LEU D 240 -4.10 25.22 7.84
C LEU D 240 -3.79 25.90 9.18
N ASP D 241 -3.75 27.22 9.16
CA ASP D 241 -3.53 28.02 10.35
C ASP D 241 -4.00 29.45 10.09
N ASP D 242 -3.67 30.36 11.02
CA ASP D 242 -4.25 31.71 11.03
C ASP D 242 -3.93 32.60 9.82
N ASP D 243 -2.90 32.27 9.04
CA ASP D 243 -2.71 33.04 7.81
C ASP D 243 -2.79 32.18 6.54
N ASP D 244 -3.50 31.06 6.61
CA ASP D 244 -3.98 30.38 5.40
C ASP D 244 -5.26 31.07 4.94
N TRP D 245 -5.11 32.11 4.12
CA TRP D 245 -6.23 32.83 3.53
C TRP D 245 -6.85 32.02 2.39
N PHE D 246 -6.11 31.05 1.88
CA PHE D 246 -6.49 30.35 0.65
C PHE D 246 -7.59 29.29 0.82
N THR D 247 -7.56 28.54 1.92
CA THR D 247 -8.52 27.45 2.08
C THR D 247 -9.97 27.93 2.10
N GLU D 248 -10.18 29.17 2.53
CA GLU D 248 -11.52 29.74 2.62
C GLU D 248 -11.80 30.86 1.60
N TYR D 249 -10.98 30.92 0.56
CA TYR D 249 -11.07 31.97 -0.45
C TYR D 249 -12.25 31.76 -1.42
N VAL D 250 -12.69 30.52 -1.57
CA VAL D 250 -13.78 30.20 -2.49
C VAL D 250 -14.93 29.52 -1.75
N PHE D 251 -14.58 28.59 -0.86
CA PHE D 251 -15.58 27.89 -0.04
C PHE D 251 -15.49 28.26 1.43
N PRO D 252 -16.65 28.34 2.11
CA PRO D 252 -16.61 28.47 3.57
C PRO D 252 -16.07 27.17 4.17
N ALA D 253 -15.20 27.30 5.18
CA ALA D 253 -14.60 26.12 5.82
C ALA D 253 -15.66 25.10 6.24
N GLY D 254 -15.24 23.84 6.29
CA GLY D 254 -16.12 22.78 6.74
C GLY D 254 -17.08 22.24 5.70
N THR D 255 -17.20 22.91 4.58
CA THR D 255 -18.17 22.48 3.59
C THR D 255 -17.60 21.39 2.68
N ILE D 257 -14.41 18.31 1.76
CA ILE D 257 -13.35 17.40 2.13
C ILE D 257 -12.50 17.17 0.89
N ILE D 258 -11.20 16.96 1.07
CA ILE D 258 -10.34 16.59 -0.06
C ILE D 258 -9.76 15.21 0.16
N PRO D 259 -10.31 14.22 -0.54
CA PRO D 259 -9.88 12.83 -0.38
C PRO D 259 -8.48 12.59 -0.95
N SER D 260 -7.88 11.49 -0.56
CA SER D 260 -6.71 10.95 -1.24
C SER D 260 -7.19 10.16 -2.45
N ALA D 261 -6.29 9.87 -3.39
CA ALA D 261 -6.67 9.07 -4.57
C ALA D 261 -7.27 7.73 -4.13
N SER D 262 -6.77 7.19 -3.02
CA SER D 262 -7.12 5.86 -2.53
C SER D 262 -8.34 5.84 -1.60
N PHE D 263 -8.96 6.99 -1.38
CA PHE D 263 -9.84 7.16 -0.22
C PHE D 263 -10.98 6.17 -0.17
N PHE D 264 -11.66 5.99 -1.30
CA PHE D 264 -12.91 5.25 -1.26
C PHE D 264 -12.64 3.76 -1.37
N LEU D 265 -11.37 3.40 -1.49
CA LEU D 265 -11.02 2.01 -1.33
C LEU D 265 -11.26 1.60 0.11
N TYR D 266 -11.39 2.58 1.00
CA TYR D 266 -11.61 2.31 2.42
C TYR D 266 -13.08 2.26 2.78
N PHE D 267 -13.95 2.39 1.78
CA PHE D 267 -15.37 2.35 2.05
C PHE D 267 -16.07 1.33 1.16
N GLN D 268 -15.71 0.06 1.32
CA GLN D 268 -16.27 -1.00 0.50
C GLN D 268 -17.12 -2.00 1.33
N ASP D 269 -17.86 -1.47 2.29
CA ASP D 269 -18.78 -2.28 3.09
C ASP D 269 -19.96 -2.76 2.26
N ASP D 270 -20.37 -1.94 1.30
CA ASP D 270 -21.59 -2.21 0.55
C ASP D 270 -21.40 -2.15 -0.97
N VAL D 271 -20.23 -1.71 -1.42
CA VAL D 271 -19.87 -1.81 -2.83
C VAL D 271 -18.44 -2.30 -2.94
N SER D 272 -18.07 -2.75 -4.13
CA SER D 272 -16.78 -3.36 -4.33
C SER D 272 -16.08 -2.76 -5.56
N VAL D 273 -14.84 -2.31 -5.38
CA VAL D 273 -14.14 -1.60 -6.43
C VAL D 273 -13.78 -2.54 -7.58
N VAL D 274 -14.14 -2.15 -8.78
CA VAL D 274 -13.93 -2.94 -9.99
C VAL D 274 -12.78 -2.35 -10.82
N ASN D 275 -12.73 -1.02 -10.90
CA ASN D 275 -11.62 -0.36 -11.54
C ASN D 275 -11.30 0.96 -10.86
N HIS D 276 -10.08 1.43 -11.06
CA HIS D 276 -9.62 2.68 -10.48
C HIS D 276 -8.68 3.38 -11.46
N TRP D 277 -9.00 4.62 -11.83
CA TRP D 277 -8.13 5.48 -12.64
C TRP D 277 -7.88 6.80 -11.93
N THR D 278 -6.76 7.45 -12.26
CA THR D 278 -6.60 8.87 -11.93
C THR D 278 -6.30 9.68 -13.18
N LEU D 279 -6.60 10.96 -13.15
CA LEU D 279 -6.30 11.83 -14.28
C LEU D 279 -5.47 12.93 -13.72
N SER D 280 -4.53 13.41 -14.53
CA SER D 280 -3.64 14.49 -14.14
C SER D 280 -4.42 15.77 -13.78
N GLY D 281 -3.86 16.55 -12.85
CA GLY D 281 -4.47 17.79 -12.43
C GLY D 281 -4.43 18.82 -13.54
N LYS D 282 -3.62 18.59 -14.57
CA LYS D 282 -3.58 19.53 -15.69
C LYS D 282 -4.96 19.71 -16.34
N HIS D 283 -5.74 18.65 -16.37
CA HIS D 283 -7.10 18.70 -16.96
C HIS D 283 -8.01 19.66 -16.24
N PHE D 284 -8.08 19.54 -14.91
CA PHE D 284 -8.95 20.44 -14.18
C PHE D 284 -8.34 21.84 -14.13
N SER D 285 -7.01 21.90 -14.09
CA SER D 285 -6.31 23.17 -14.16
C SER D 285 -6.66 23.92 -15.46
N ARG D 286 -6.54 23.24 -16.60
CA ARG D 286 -6.90 23.84 -17.90
C ARG D 286 -8.39 24.22 -17.99
N THR D 287 -9.24 23.36 -17.45
CA THR D 287 -10.67 23.63 -17.35
C THR D 287 -10.94 25.00 -16.73
N ASN D 288 -10.35 25.24 -15.57
CA ASN D 288 -10.48 26.50 -14.89
C ASN D 288 -9.89 27.66 -15.66
N GLU D 289 -8.76 27.40 -16.30
CA GLU D 289 -8.12 28.38 -17.15
C GLU D 289 -9.09 28.85 -18.26
N GLU D 290 -9.73 27.90 -18.93
CA GLU D 290 -10.73 28.24 -19.96
C GLU D 290 -11.90 29.03 -19.39
N TRP D 291 -12.36 28.66 -18.19
CA TRP D 291 -13.46 29.36 -17.54
C TRP D 291 -13.10 30.82 -17.30
N LEU D 292 -11.87 31.03 -16.80
CA LEU D 292 -11.36 32.37 -16.51
C LEU D 292 -11.23 33.21 -17.78
N LYS D 293 -10.77 32.61 -18.88
CA LYS D 293 -10.66 33.36 -20.14
C LYS D 293 -12.02 33.85 -20.63
N ARG D 294 -13.04 33.01 -20.50
CA ARG D 294 -14.40 33.37 -20.92
C ARG D 294 -14.96 34.46 -20.03
N LEU D 295 -14.66 34.39 -18.73
CA LEU D 295 -15.06 35.45 -17.81
C LEU D 295 -14.45 36.80 -18.20
N ASP D 296 -13.12 36.84 -18.34
CA ASP D 296 -12.42 38.10 -18.60
C ASP D 296 -12.70 38.68 -19.99
N ALA D 297 -13.03 37.81 -20.95
CA ALA D 297 -13.34 38.26 -22.29
C ALA D 297 -14.77 38.74 -22.44
N ASN D 298 -15.55 38.70 -21.37
CA ASN D 298 -16.98 38.97 -21.46
C ASN D 298 -17.52 39.90 -20.37
N LEU D 299 -16.65 40.67 -19.74
CA LEU D 299 -17.08 41.56 -18.66
C LEU D 299 -18.08 42.62 -19.17
N ASP D 300 -18.00 42.92 -20.46
CA ASP D 300 -18.94 43.83 -21.12
C ASP D 300 -20.41 43.46 -20.89
N VAL D 301 -20.72 42.18 -20.76
CA VAL D 301 -22.11 41.75 -20.51
C VAL D 301 -22.27 41.19 -19.10
N ILE D 302 -21.17 40.73 -18.51
CA ILE D 302 -21.25 40.14 -17.17
C ILE D 302 -21.48 41.21 -16.11
N LYS D 303 -20.70 42.29 -16.18
CA LYS D 303 -20.82 43.36 -15.19
C LYS D 303 -22.25 43.93 -15.11
N PRO D 304 -22.85 44.29 -16.26
CA PRO D 304 -24.23 44.80 -16.20
C PRO D 304 -25.20 43.75 -15.62
N PHE D 306 -24.46 41.33 -13.47
CA PHE D 306 -24.23 41.27 -12.03
C PHE D 306 -24.78 42.51 -11.34
N GLU D 307 -24.65 43.65 -12.01
CA GLU D 307 -25.15 44.91 -11.46
C GLU D 307 -26.66 44.86 -11.31
N THR D 308 -27.35 44.29 -12.29
CA THR D 308 -28.79 44.15 -12.23
C THR D 308 -29.19 43.16 -11.15
N LEU D 309 -28.59 41.98 -11.19
CA LEU D 309 -28.83 40.94 -10.20
C LEU D 309 -28.52 41.40 -8.78
N GLY D 311 -27.30 44.73 -6.20
CA GLY D 311 -27.85 46.08 -6.07
C GLY D 311 -27.06 47.13 -6.83
N ASN D 312 -25.74 47.02 -6.82
CA ASN D 312 -24.89 48.12 -7.27
C ASN D 312 -23.62 47.70 -8.00
N GLU D 313 -22.75 48.69 -8.22
CA GLU D 313 -21.46 48.49 -8.89
C GLU D 313 -20.46 47.71 -8.05
N GLU D 314 -20.35 48.05 -6.76
CA GLU D 314 -19.35 47.46 -5.89
C GLU D 314 -19.57 45.97 -5.72
N GLU D 315 -20.80 45.60 -5.43
CA GLU D 315 -21.14 44.19 -5.26
C GLU D 315 -20.97 43.39 -6.56
N ALA D 316 -21.23 44.03 -7.70
CA ALA D 316 -21.00 43.37 -8.99
C ALA D 316 -19.49 43.17 -9.23
N VAL D 317 -18.69 44.16 -8.83
CA VAL D 317 -17.24 44.06 -8.96
C VAL D 317 -16.71 42.97 -8.05
N LYS D 318 -17.28 42.84 -6.85
CA LYS D 318 -16.83 41.80 -5.94
C LYS D 318 -17.19 40.42 -6.48
N LEU D 319 -18.38 40.28 -7.04
CA LEU D 319 -18.82 38.98 -7.57
C LEU D 319 -17.89 38.50 -8.70
N ILE D 320 -17.49 39.43 -9.55
CA ILE D 320 -16.59 39.12 -10.63
C ILE D 320 -15.29 38.52 -10.10
N ASN D 321 -14.71 39.17 -9.09
CA ASN D 321 -13.45 38.69 -8.57
C ASN D 321 -13.62 37.45 -7.72
N TYR D 322 -14.85 37.20 -7.28
CA TYR D 322 -15.12 35.93 -6.63
C TYR D 322 -14.90 34.82 -7.65
N TRP D 323 -15.50 35.00 -8.83
CA TRP D 323 -15.39 34.00 -9.87
C TRP D 323 -13.95 33.87 -10.37
N ARG D 324 -13.22 34.98 -10.37
CA ARG D 324 -11.82 34.95 -10.75
C ARG D 324 -11.05 34.06 -9.80
N GLY D 325 -11.28 34.28 -8.50
CA GLY D 325 -10.56 33.52 -7.49
C GLY D 325 -10.93 32.05 -7.55
N PHE D 326 -12.17 31.78 -7.95
CA PHE D 326 -12.66 30.44 -8.09
C PHE D 326 -11.80 29.71 -9.11
N CYS D 327 -11.66 30.32 -10.27
CA CYS D 327 -10.90 29.75 -11.35
C CYS D 327 -9.40 29.70 -11.03
N LEU D 328 -8.86 30.79 -10.50
CA LEU D 328 -7.43 30.86 -10.18
C LEU D 328 -7.06 29.79 -9.17
N SER D 329 -7.91 29.62 -8.15
CA SER D 329 -7.74 28.53 -7.19
C SER D 329 -7.67 27.17 -7.89
N GLY D 330 -8.59 26.92 -8.81
CA GLY D 330 -8.62 25.67 -9.55
C GLY D 330 -7.39 25.50 -10.44
N GLU D 332 -4.20 26.89 -10.18
CA GLU D 332 -2.93 26.69 -9.48
C GLU D 332 -2.93 25.44 -8.64
N PHE D 334 -4.68 22.55 -9.00
CA PHE D 334 -4.60 21.33 -9.79
C PHE D 334 -3.42 21.32 -10.75
N GLY D 335 -2.93 22.50 -11.12
CA GLY D 335 -1.78 22.56 -11.99
C GLY D 335 -0.47 22.48 -11.24
N TYR D 336 -0.53 22.52 -9.91
CA TYR D 336 0.68 22.51 -9.10
C TYR D 336 1.56 21.30 -9.39
N ASN D 337 2.88 21.51 -9.44
CA ASN D 337 3.85 20.45 -9.73
C ASN D 337 3.42 19.58 -10.92
N ASN D 338 3.11 20.24 -12.04
CA ASN D 338 2.67 19.55 -13.25
C ASN D 338 1.47 18.61 -13.08
N GLY D 339 0.50 18.99 -12.26
CA GLY D 339 -0.69 18.18 -12.08
C GLY D 339 -0.43 16.86 -11.38
N GLU D 340 0.69 16.78 -10.68
CA GLU D 340 1.11 15.53 -10.07
C GLU D 340 0.97 15.55 -8.54
N GLU D 341 0.13 16.44 -8.02
CA GLU D 341 -0.23 16.48 -6.59
C GLU D 341 -1.77 16.42 -6.39
N TRP D 342 -2.48 17.48 -6.75
CA TRP D 342 -3.95 17.50 -6.71
C TRP D 342 -4.53 17.14 -8.06
N ALA D 344 -7.75 14.32 -10.27
CA ALA D 344 -9.06 13.66 -10.29
C ALA D 344 -8.88 12.15 -10.14
N SER D 345 -9.84 11.52 -9.49
CA SER D 345 -9.82 10.08 -9.36
C SER D 345 -11.14 9.53 -9.89
N HIS D 346 -11.06 8.43 -10.62
CA HIS D 346 -12.25 7.76 -11.14
C HIS D 346 -12.31 6.37 -10.54
N VAL D 347 -13.47 6.01 -9.99
CA VAL D 347 -13.65 4.71 -9.37
C VAL D 347 -14.94 4.07 -9.90
N LEU D 348 -14.86 2.79 -10.28
CA LEU D 348 -16.03 2.02 -10.70
C LEU D 348 -16.29 0.95 -9.65
N PHE D 349 -17.50 0.87 -9.10
CA PHE D 349 -17.83 -0.16 -8.12
C PHE D 349 -18.91 -1.07 -8.66
N LYS D 350 -19.04 -2.23 -8.03
CA LYS D 350 -20.10 -3.16 -8.37
C LYS D 350 -20.89 -3.58 -7.14
#